data_2K54
#
_entry.id   2K54
#
_entity_poly.entity_id   1
_entity_poly.type   'polypeptide(L)'
_entity_poly.pdbx_seq_one_letter_code
;MNSEIELPVQKQLEAYNARDIDAFMAWWADDCQYYAFPATLLAGNAAEIRVRHIERFKEPDLYGELLTRVIVGNVVIDHE
TVTRNFPEGKGEVDVACIYEVENGRIAKAWFKIGEPRIVSQKS
;
_entity_poly.pdbx_strand_id   A
#
# COMPACT_ATOMS: atom_id res chain seq x y z
N MET A 1 -19.49 7.90 11.24
CA MET A 1 -19.13 7.10 10.04
C MET A 1 -17.92 7.71 9.36
N ASN A 2 -16.85 6.91 9.20
CA ASN A 2 -15.61 7.31 8.49
C ASN A 2 -15.56 6.54 7.16
N SER A 3 -16.72 6.51 6.48
CA SER A 3 -16.96 5.71 5.27
C SER A 3 -16.11 6.20 4.09
N GLU A 4 -16.03 7.54 3.92
CA GLU A 4 -15.24 8.19 2.84
C GLU A 4 -13.72 8.04 3.05
N ILE A 5 -13.32 7.50 4.21
CA ILE A 5 -11.91 7.17 4.52
C ILE A 5 -11.65 5.68 4.19
N GLU A 6 -12.72 4.86 4.31
CA GLU A 6 -12.70 3.43 3.99
C GLU A 6 -12.77 3.19 2.47
N LEU A 7 -13.49 4.08 1.74
CA LEU A 7 -13.72 3.94 0.28
C LEU A 7 -12.38 3.92 -0.52
N PRO A 8 -11.41 4.89 -0.30
CA PRO A 8 -10.08 4.85 -0.97
C PRO A 8 -9.34 3.53 -0.70
N VAL A 9 -9.07 3.28 0.58
CA VAL A 9 -8.16 2.22 1.03
C VAL A 9 -8.66 0.80 0.66
N GLN A 10 -9.99 0.63 0.58
CA GLN A 10 -10.64 -0.64 0.18
C GLN A 10 -10.38 -0.89 -1.31
N LYS A 11 -10.74 0.10 -2.14
CA LYS A 11 -10.65 0.01 -3.62
C LYS A 11 -9.20 -0.14 -4.08
N GLN A 12 -8.27 0.51 -3.36
CA GLN A 12 -6.84 0.52 -3.68
C GLN A 12 -6.18 -0.81 -3.31
N LEU A 13 -6.53 -1.36 -2.14
CA LEU A 13 -5.99 -2.65 -1.66
C LEU A 13 -6.35 -3.78 -2.65
N GLU A 14 -7.64 -3.81 -3.04
CA GLU A 14 -8.16 -4.72 -4.09
C GLU A 14 -7.37 -4.52 -5.40
N ALA A 15 -7.25 -3.24 -5.80
CA ALA A 15 -6.56 -2.84 -7.05
C ALA A 15 -5.05 -3.17 -7.02
N TYR A 16 -4.46 -3.25 -5.81
CA TYR A 16 -3.02 -3.53 -5.61
C TYR A 16 -2.66 -4.93 -6.14
N ASN A 17 -3.51 -5.91 -5.81
CA ASN A 17 -3.35 -7.31 -6.26
C ASN A 17 -4.08 -7.55 -7.59
N ALA A 18 -5.16 -6.79 -7.85
CA ALA A 18 -6.02 -6.94 -9.07
C ALA A 18 -5.40 -6.23 -10.29
N ARG A 19 -4.34 -5.43 -10.06
CA ARG A 19 -3.52 -4.78 -11.10
C ARG A 19 -4.29 -3.68 -11.84
N ASP A 20 -5.00 -2.83 -11.07
CA ASP A 20 -5.74 -1.67 -11.60
C ASP A 20 -5.13 -0.37 -11.01
N ILE A 21 -4.18 0.24 -11.76
CA ILE A 21 -3.49 1.48 -11.31
C ILE A 21 -4.43 2.70 -11.37
N ASP A 22 -5.41 2.69 -12.29
CA ASP A 22 -6.37 3.82 -12.44
C ASP A 22 -7.17 4.05 -11.14
N ALA A 23 -7.67 2.96 -10.53
CA ALA A 23 -8.39 3.02 -9.23
C ALA A 23 -7.40 3.13 -8.05
N PHE A 24 -6.22 2.51 -8.23
CA PHE A 24 -5.11 2.58 -7.26
C PHE A 24 -4.49 4.00 -7.23
N MET A 25 -4.87 4.87 -8.20
CA MET A 25 -4.44 6.28 -8.25
C MET A 25 -5.62 7.23 -7.98
N ALA A 26 -6.85 6.79 -8.38
CA ALA A 26 -8.07 7.62 -8.36
C ALA A 26 -8.30 8.29 -7.01
N TRP A 27 -8.32 7.45 -5.98
CA TRP A 27 -8.74 7.84 -4.63
C TRP A 27 -7.66 8.62 -3.84
N TRP A 28 -6.53 8.92 -4.50
CA TRP A 28 -5.46 9.76 -3.93
C TRP A 28 -5.67 11.22 -4.33
N ALA A 29 -5.03 12.13 -3.61
CA ALA A 29 -4.95 13.56 -3.97
C ALA A 29 -3.89 13.77 -5.06
N ASP A 30 -4.06 14.82 -5.90
CA ASP A 30 -3.11 15.14 -6.98
C ASP A 30 -1.75 15.60 -6.41
N ASP A 31 -1.77 16.18 -5.21
CA ASP A 31 -0.56 16.65 -4.52
C ASP A 31 -0.19 15.72 -3.35
N CYS A 32 -0.72 14.47 -3.37
CA CYS A 32 -0.54 13.50 -2.27
C CYS A 32 0.93 13.16 -2.01
N GLN A 33 1.32 13.17 -0.74
CA GLN A 33 2.69 12.84 -0.32
C GLN A 33 2.78 11.32 -0.08
N TYR A 34 3.97 10.75 -0.32
CA TYR A 34 4.23 9.32 -0.15
C TYR A 34 5.62 9.14 0.45
N TYR A 35 5.67 8.65 1.70
CA TYR A 35 6.92 8.39 2.43
C TYR A 35 7.17 6.88 2.56
N ALA A 36 8.46 6.54 2.72
CA ALA A 36 8.94 5.18 2.97
C ALA A 36 9.55 5.11 4.37
N PHE A 37 9.56 3.89 4.96
CA PHE A 37 10.07 3.62 6.32
C PHE A 37 11.52 4.15 6.51
N PRO A 38 11.83 5.00 7.55
CA PRO A 38 10.82 5.57 8.51
C PRO A 38 9.98 6.74 7.92
N ALA A 39 10.63 7.83 7.46
CA ALA A 39 9.95 9.02 6.91
C ALA A 39 10.79 9.63 5.78
N THR A 40 10.71 9.01 4.59
CA THR A 40 11.51 9.41 3.41
C THR A 40 10.57 9.67 2.21
N LEU A 41 10.36 10.96 1.87
CA LEU A 41 9.42 11.38 0.82
C LEU A 41 9.89 10.89 -0.57
N LEU A 42 9.24 9.82 -1.07
CA LEU A 42 9.50 9.27 -2.41
C LEU A 42 8.75 10.10 -3.48
N ALA A 43 7.55 10.59 -3.12
CA ALA A 43 6.64 11.25 -4.07
C ALA A 43 5.90 12.42 -3.42
N GLY A 44 6.07 13.64 -3.99
CA GLY A 44 5.41 14.86 -3.51
C GLY A 44 4.19 15.24 -4.34
N ASN A 45 3.47 14.22 -4.81
CA ASN A 45 2.33 14.33 -5.78
C ASN A 45 1.96 12.92 -6.30
N ALA A 46 0.74 12.81 -6.85
CA ALA A 46 0.11 11.53 -7.28
C ALA A 46 0.88 10.86 -8.43
N ALA A 47 1.39 11.67 -9.37
CA ALA A 47 2.03 11.18 -10.61
C ALA A 47 3.24 10.29 -10.32
N GLU A 48 4.01 10.66 -9.29
CA GLU A 48 5.20 9.90 -8.88
C GLU A 48 4.81 8.63 -8.09
N ILE A 49 3.70 8.73 -7.32
CA ILE A 49 3.17 7.61 -6.50
C ILE A 49 2.79 6.42 -7.39
N ARG A 50 1.99 6.70 -8.45
CA ARG A 50 1.49 5.66 -9.37
C ARG A 50 2.65 4.96 -10.07
N VAL A 51 3.59 5.74 -10.66
CA VAL A 51 4.73 5.20 -11.45
C VAL A 51 5.61 4.28 -10.59
N ARG A 52 5.85 4.71 -9.34
CA ARG A 52 6.61 3.93 -8.34
C ARG A 52 5.98 2.53 -8.14
N HIS A 53 4.64 2.50 -8.05
CA HIS A 53 3.88 1.26 -7.86
C HIS A 53 3.73 0.46 -9.16
N ILE A 54 3.70 1.13 -10.33
CA ILE A 54 3.58 0.45 -11.65
C ILE A 54 4.78 -0.49 -11.86
N GLU A 55 5.97 -0.02 -11.42
CA GLU A 55 7.22 -0.79 -11.40
C GLU A 55 7.05 -2.07 -10.55
N ARG A 56 6.35 -1.93 -9.41
CA ARG A 56 6.04 -3.06 -8.51
C ARG A 56 4.99 -4.02 -9.16
N PHE A 57 4.07 -3.45 -9.96
CA PHE A 57 3.00 -4.21 -10.67
C PHE A 57 3.56 -5.01 -11.88
N LYS A 58 4.84 -4.78 -12.25
CA LYS A 58 5.53 -5.57 -13.31
C LYS A 58 5.83 -7.00 -12.84
N GLU A 59 5.99 -7.18 -11.51
CA GLU A 59 6.17 -8.50 -10.90
C GLU A 59 4.87 -9.31 -11.04
N PRO A 60 4.87 -10.47 -11.78
CA PRO A 60 3.68 -11.35 -11.89
C PRO A 60 3.37 -12.03 -10.53
N ASP A 61 4.41 -12.09 -9.69
CA ASP A 61 4.39 -12.68 -8.34
C ASP A 61 3.91 -11.69 -7.26
N LEU A 62 3.69 -10.42 -7.65
CA LEU A 62 3.15 -9.40 -6.72
C LEU A 62 1.73 -9.79 -6.27
N TYR A 63 1.54 -9.95 -4.95
CA TYR A 63 0.22 -10.18 -4.36
C TYR A 63 0.18 -9.62 -2.94
N GLY A 64 -0.69 -8.62 -2.70
CA GLY A 64 -0.90 -8.09 -1.36
C GLY A 64 -2.05 -8.82 -0.68
N GLU A 65 -1.71 -9.74 0.24
CA GLU A 65 -2.70 -10.51 1.01
C GLU A 65 -2.95 -9.82 2.36
N LEU A 66 -4.07 -9.11 2.47
CA LEU A 66 -4.42 -8.37 3.68
C LEU A 66 -4.70 -9.33 4.85
N LEU A 67 -4.22 -8.93 6.02
CA LEU A 67 -4.36 -9.69 7.28
C LEU A 67 -5.36 -8.95 8.17
N THR A 68 -5.08 -7.66 8.36
CA THR A 68 -5.79 -6.78 9.28
C THR A 68 -5.82 -5.35 8.73
N ARG A 69 -6.92 -4.64 8.99
CA ARG A 69 -7.08 -3.22 8.67
C ARG A 69 -7.85 -2.54 9.81
N VAL A 70 -7.29 -1.44 10.33
CA VAL A 70 -7.92 -0.62 11.38
C VAL A 70 -8.05 0.82 10.87
N ILE A 71 -9.05 1.56 11.38
CA ILE A 71 -9.30 2.95 10.95
C ILE A 71 -9.53 3.85 12.19
N VAL A 72 -8.63 4.86 12.35
CA VAL A 72 -8.71 5.85 13.42
C VAL A 72 -9.01 7.23 12.78
N GLY A 73 -10.32 7.59 12.76
CA GLY A 73 -10.78 8.85 12.17
C GLY A 73 -10.51 8.96 10.67
N ASN A 74 -9.59 9.86 10.29
CA ASN A 74 -9.22 10.12 8.87
C ASN A 74 -8.00 9.26 8.43
N VAL A 75 -7.64 8.28 9.25
CA VAL A 75 -6.40 7.49 9.08
C VAL A 75 -6.74 5.99 9.03
N VAL A 76 -6.16 5.24 8.07
CA VAL A 76 -6.33 3.77 7.99
C VAL A 76 -4.95 3.07 7.96
N ILE A 77 -4.81 2.01 8.74
CA ILE A 77 -3.69 1.06 8.72
C ILE A 77 -4.13 -0.18 7.92
N ASP A 78 -3.66 -0.33 6.68
CA ASP A 78 -3.79 -1.57 5.91
C ASP A 78 -2.53 -2.40 6.13
N HIS A 79 -2.65 -3.46 6.93
CA HIS A 79 -1.56 -4.38 7.23
C HIS A 79 -1.74 -5.64 6.36
N GLU A 80 -0.88 -5.75 5.35
CA GLU A 80 -0.91 -6.82 4.34
C GLU A 80 0.47 -7.51 4.27
N THR A 81 0.52 -8.65 3.56
CA THR A 81 1.75 -9.39 3.29
C THR A 81 2.00 -9.39 1.78
N VAL A 82 3.03 -8.66 1.35
CA VAL A 82 3.41 -8.56 -0.06
C VAL A 82 4.23 -9.78 -0.48
N THR A 83 3.60 -10.71 -1.21
CA THR A 83 4.31 -11.82 -1.84
C THR A 83 5.21 -11.26 -2.95
N ARG A 84 6.52 -11.50 -2.80
CA ARG A 84 7.56 -11.13 -3.78
C ARG A 84 8.34 -12.40 -4.16
N ASN A 85 9.47 -12.25 -4.87
CA ASN A 85 10.43 -13.35 -5.11
C ASN A 85 11.79 -12.98 -4.48
N PHE A 86 12.15 -13.68 -3.40
CA PHE A 86 13.48 -13.56 -2.74
C PHE A 86 14.35 -14.78 -3.10
N PRO A 87 15.72 -14.60 -3.22
CA PRO A 87 16.63 -15.71 -3.65
C PRO A 87 16.78 -16.85 -2.61
N GLU A 88 16.26 -16.65 -1.38
CA GLU A 88 16.24 -17.71 -0.35
C GLU A 88 14.91 -18.52 -0.40
N GLY A 89 13.86 -18.00 -1.09
CA GLY A 89 12.62 -18.76 -1.28
C GLY A 89 11.43 -17.91 -1.73
N LYS A 90 10.34 -17.93 -0.93
CA LYS A 90 9.10 -17.17 -1.19
C LYS A 90 9.38 -15.66 -1.41
N GLY A 91 9.47 -14.87 -0.32
CA GLY A 91 9.70 -13.43 -0.43
C GLY A 91 8.55 -12.59 0.09
N GLU A 92 7.80 -13.13 1.06
CA GLU A 92 6.58 -12.49 1.56
C GLU A 92 6.93 -11.55 2.72
N VAL A 93 6.64 -10.24 2.57
CA VAL A 93 7.01 -9.22 3.57
C VAL A 93 5.74 -8.59 4.16
N ASP A 94 5.63 -8.65 5.48
CA ASP A 94 4.47 -8.14 6.22
C ASP A 94 4.65 -6.64 6.48
N VAL A 95 3.88 -5.81 5.75
CA VAL A 95 3.99 -4.35 5.76
C VAL A 95 2.73 -3.74 6.41
N ALA A 96 2.88 -2.57 7.05
CA ALA A 96 1.76 -1.73 7.49
C ALA A 96 1.78 -0.43 6.68
N CYS A 97 0.89 -0.34 5.69
CA CYS A 97 0.73 0.86 4.86
C CYS A 97 -0.37 1.74 5.48
N ILE A 98 0.05 2.87 6.05
CA ILE A 98 -0.83 3.82 6.74
C ILE A 98 -1.16 4.99 5.80
N TYR A 99 -2.44 5.38 5.76
CA TYR A 99 -2.95 6.44 4.86
C TYR A 99 -3.64 7.53 5.69
N GLU A 100 -3.68 8.73 5.12
CA GLU A 100 -4.40 9.89 5.65
C GLU A 100 -5.26 10.46 4.53
N VAL A 101 -6.58 10.47 4.74
CA VAL A 101 -7.57 10.93 3.77
C VAL A 101 -8.13 12.29 4.19
N GLU A 102 -7.91 13.32 3.36
CA GLU A 102 -8.44 14.68 3.57
C GLU A 102 -9.20 15.13 2.31
N ASN A 103 -10.40 15.69 2.52
CA ASN A 103 -11.34 16.11 1.45
C ASN A 103 -11.79 14.91 0.57
N GLY A 104 -11.81 13.70 1.16
CA GLY A 104 -12.26 12.48 0.48
C GLY A 104 -11.17 11.75 -0.32
N ARG A 105 -9.99 12.38 -0.43
CA ARG A 105 -8.84 11.84 -1.19
C ARG A 105 -7.66 11.68 -0.23
N ILE A 106 -6.79 10.70 -0.48
CA ILE A 106 -5.60 10.49 0.36
C ILE A 106 -4.64 11.67 0.20
N ALA A 107 -4.53 12.48 1.26
CA ALA A 107 -3.68 13.67 1.30
C ALA A 107 -2.21 13.26 1.47
N LYS A 108 -1.97 12.23 2.27
CA LYS A 108 -0.63 11.72 2.62
C LYS A 108 -0.70 10.22 2.86
N ALA A 109 0.35 9.50 2.51
CA ALA A 109 0.45 8.05 2.76
C ALA A 109 1.90 7.68 3.06
N TRP A 110 2.05 6.79 4.01
CA TRP A 110 3.34 6.30 4.50
C TRP A 110 3.26 4.76 4.55
N PHE A 111 4.39 4.08 4.48
CA PHE A 111 4.41 2.62 4.69
C PHE A 111 5.67 2.23 5.47
N LYS A 112 5.52 1.22 6.33
CA LYS A 112 6.63 0.64 7.09
C LYS A 112 6.62 -0.88 6.91
N ILE A 113 7.75 -1.45 6.44
CA ILE A 113 7.86 -2.90 6.22
C ILE A 113 8.35 -3.55 7.52
N GLY A 114 7.57 -4.51 7.99
CA GLY A 114 7.82 -5.19 9.26
C GLY A 114 9.10 -6.03 9.24
N GLU A 115 9.09 -7.09 8.42
CA GLU A 115 10.25 -7.99 8.26
C GLU A 115 10.13 -8.75 6.92
N PRO A 116 11.24 -9.37 6.43
CA PRO A 116 11.18 -10.40 5.36
C PRO A 116 10.85 -11.80 5.93
N ARG A 117 9.95 -12.55 5.22
CA ARG A 117 9.61 -13.95 5.58
C ARG A 117 9.63 -14.88 4.36
N ILE A 118 9.79 -16.19 4.63
CA ILE A 118 9.87 -17.27 3.64
C ILE A 118 9.05 -18.47 4.14
N VAL A 119 8.32 -19.14 3.23
CA VAL A 119 7.45 -20.31 3.55
C VAL A 119 8.26 -21.48 4.16
N SER A 120 9.46 -21.70 3.62
CA SER A 120 10.37 -22.78 4.09
C SER A 120 10.86 -22.54 5.54
N GLN A 121 10.85 -21.27 5.99
CA GLN A 121 11.35 -20.86 7.32
C GLN A 121 10.17 -20.45 8.25
N LYS A 122 8.92 -20.67 7.79
CA LYS A 122 7.69 -20.24 8.50
C LYS A 122 6.71 -21.43 8.56
N SER A 123 5.88 -21.51 9.61
CA SER A 123 4.80 -22.49 9.73
C SER A 123 3.59 -22.06 8.85
N MET A 1 -18.93 6.75 11.97
CA MET A 1 -18.04 5.91 11.13
C MET A 1 -17.48 6.74 9.97
N ASN A 2 -16.14 6.80 9.87
CA ASN A 2 -15.44 7.57 8.82
C ASN A 2 -15.36 6.72 7.54
N SER A 3 -16.52 6.59 6.88
CA SER A 3 -16.70 5.73 5.69
C SER A 3 -15.91 6.28 4.48
N GLU A 4 -15.80 7.62 4.40
CA GLU A 4 -15.04 8.33 3.33
C GLU A 4 -13.51 7.99 3.38
N ILE A 5 -13.07 7.36 4.48
CA ILE A 5 -11.67 6.93 4.66
C ILE A 5 -11.52 5.43 4.29
N GLU A 6 -12.60 4.68 4.56
CA GLU A 6 -12.68 3.24 4.23
C GLU A 6 -12.74 3.00 2.71
N LEU A 7 -13.39 3.92 1.98
CA LEU A 7 -13.67 3.75 0.52
C LEU A 7 -12.36 3.78 -0.32
N PRO A 8 -11.42 4.80 -0.16
CA PRO A 8 -10.13 4.81 -0.87
C PRO A 8 -9.34 3.51 -0.63
N VAL A 9 -9.18 3.18 0.66
CA VAL A 9 -8.41 2.01 1.13
C VAL A 9 -8.95 0.68 0.57
N GLN A 10 -10.28 0.52 0.55
CA GLN A 10 -10.96 -0.71 0.11
C GLN A 10 -10.75 -0.95 -1.41
N LYS A 11 -11.12 0.04 -2.21
CA LYS A 11 -11.07 -0.05 -3.70
C LYS A 11 -9.63 -0.18 -4.19
N GLN A 12 -8.72 0.56 -3.52
CA GLN A 12 -7.29 0.61 -3.82
C GLN A 12 -6.61 -0.76 -3.64
N LEU A 13 -7.03 -1.49 -2.58
CA LEU A 13 -6.56 -2.86 -2.29
C LEU A 13 -6.91 -3.76 -3.47
N GLU A 14 -8.20 -3.74 -3.84
CA GLU A 14 -8.72 -4.63 -4.88
C GLU A 14 -8.01 -4.35 -6.22
N ALA A 15 -7.63 -3.07 -6.39
CA ALA A 15 -6.92 -2.56 -7.58
C ALA A 15 -5.43 -2.95 -7.55
N TYR A 16 -4.88 -3.12 -6.33
CA TYR A 16 -3.46 -3.47 -6.09
C TYR A 16 -3.14 -4.86 -6.68
N ASN A 17 -4.01 -5.83 -6.39
CA ASN A 17 -3.86 -7.22 -6.86
C ASN A 17 -4.44 -7.40 -8.28
N ALA A 18 -5.39 -6.51 -8.68
CA ALA A 18 -5.99 -6.52 -10.04
C ALA A 18 -5.16 -5.73 -11.07
N ARG A 19 -4.12 -5.02 -10.57
CA ARG A 19 -3.16 -4.23 -11.38
C ARG A 19 -3.78 -2.92 -11.96
N ASP A 20 -4.98 -2.53 -11.46
CA ASP A 20 -5.63 -1.28 -11.89
C ASP A 20 -4.95 -0.06 -11.22
N ILE A 21 -3.99 0.54 -11.95
CA ILE A 21 -3.33 1.79 -11.54
C ILE A 21 -4.32 2.98 -11.57
N ASP A 22 -5.34 2.89 -12.44
CA ASP A 22 -6.39 3.92 -12.55
C ASP A 22 -7.13 4.10 -11.21
N ALA A 23 -7.51 2.97 -10.59
CA ALA A 23 -8.20 2.95 -9.27
C ALA A 23 -7.17 3.13 -8.13
N PHE A 24 -5.94 2.64 -8.35
CA PHE A 24 -4.82 2.80 -7.40
C PHE A 24 -4.31 4.26 -7.40
N MET A 25 -4.82 5.10 -8.33
CA MET A 25 -4.51 6.55 -8.39
C MET A 25 -5.76 7.42 -8.15
N ALA A 26 -6.95 6.87 -8.45
CA ALA A 26 -8.24 7.61 -8.46
C ALA A 26 -8.56 8.28 -7.12
N TRP A 27 -8.27 7.55 -6.04
CA TRP A 27 -8.65 7.96 -4.68
C TRP A 27 -7.55 8.79 -4.00
N TRP A 28 -6.47 9.07 -4.73
CA TRP A 28 -5.31 9.82 -4.20
C TRP A 28 -5.40 11.28 -4.66
N ALA A 29 -5.08 12.20 -3.74
CA ALA A 29 -5.12 13.65 -4.00
C ALA A 29 -3.98 14.09 -4.96
N ASP A 30 -4.13 15.27 -5.58
CA ASP A 30 -3.15 15.81 -6.56
C ASP A 30 -1.77 16.03 -5.91
N ASP A 31 -1.80 16.53 -4.67
CA ASP A 31 -0.61 16.87 -3.89
C ASP A 31 -0.26 15.75 -2.89
N CYS A 32 -0.76 14.52 -3.16
CA CYS A 32 -0.57 13.37 -2.27
C CYS A 32 0.91 13.06 -2.05
N GLN A 33 1.36 13.21 -0.80
CA GLN A 33 2.73 12.87 -0.39
C GLN A 33 2.84 11.35 -0.27
N TYR A 34 4.05 10.82 -0.45
CA TYR A 34 4.31 9.38 -0.38
C TYR A 34 5.66 9.16 0.29
N TYR A 35 5.64 8.47 1.44
CA TYR A 35 6.83 8.12 2.23
C TYR A 35 7.01 6.60 2.26
N ALA A 36 8.26 6.19 2.43
CA ALA A 36 8.66 4.77 2.51
C ALA A 36 9.39 4.51 3.83
N PHE A 37 9.46 3.23 4.21
CA PHE A 37 10.16 2.76 5.42
C PHE A 37 11.67 3.16 5.37
N PRO A 38 12.25 3.82 6.43
CA PRO A 38 11.54 4.20 7.69
C PRO A 38 10.62 5.45 7.54
N ALA A 39 11.16 6.55 6.99
CA ALA A 39 10.45 7.82 6.79
C ALA A 39 11.22 8.66 5.75
N THR A 40 10.94 8.41 4.46
CA THR A 40 11.59 9.11 3.33
C THR A 40 10.57 9.38 2.22
N LEU A 41 10.35 10.68 1.93
CA LEU A 41 9.41 11.15 0.92
C LEU A 41 9.92 10.79 -0.50
N LEU A 42 9.28 9.78 -1.13
CA LEU A 42 9.59 9.36 -2.50
C LEU A 42 8.88 10.26 -3.53
N ALA A 43 7.61 10.60 -3.27
CA ALA A 43 6.74 11.27 -4.26
C ALA A 43 5.83 12.32 -3.58
N GLY A 44 6.00 13.61 -3.94
CA GLY A 44 5.28 14.72 -3.30
C GLY A 44 4.08 15.21 -4.11
N ASN A 45 3.34 14.24 -4.65
CA ASN A 45 2.22 14.42 -5.62
C ASN A 45 1.84 13.07 -6.21
N ALA A 46 0.58 12.97 -6.70
CA ALA A 46 0.01 11.71 -7.23
C ALA A 46 0.75 11.20 -8.49
N ALA A 47 1.28 12.13 -9.31
CA ALA A 47 1.90 11.80 -10.62
C ALA A 47 3.10 10.85 -10.47
N GLU A 48 3.98 11.15 -9.50
CA GLU A 48 5.20 10.36 -9.25
C GLU A 48 4.86 9.01 -8.58
N ILE A 49 3.83 9.05 -7.71
CA ILE A 49 3.29 7.85 -7.01
C ILE A 49 2.83 6.80 -8.02
N ARG A 50 2.10 7.29 -9.03
CA ARG A 50 1.57 6.48 -10.13
C ARG A 50 2.68 5.69 -10.81
N VAL A 51 3.70 6.43 -11.28
CA VAL A 51 4.87 5.89 -12.00
C VAL A 51 5.58 4.79 -11.18
N ARG A 52 5.85 5.11 -9.91
CA ARG A 52 6.62 4.24 -9.00
C ARG A 52 5.92 2.89 -8.77
N HIS A 53 4.57 2.92 -8.70
CA HIS A 53 3.76 1.71 -8.45
C HIS A 53 3.62 0.85 -9.72
N ILE A 54 3.55 1.49 -10.91
CA ILE A 54 3.49 0.75 -12.20
C ILE A 54 4.71 -0.21 -12.32
N GLU A 55 5.87 0.31 -11.88
CA GLU A 55 7.14 -0.45 -11.83
C GLU A 55 6.99 -1.72 -10.98
N ARG A 56 6.33 -1.61 -9.82
CA ARG A 56 6.13 -2.74 -8.89
C ARG A 56 5.03 -3.72 -9.42
N PHE A 57 4.14 -3.20 -10.29
CA PHE A 57 3.03 -3.98 -10.87
C PHE A 57 3.50 -4.87 -12.05
N LYS A 58 4.81 -4.81 -12.39
CA LYS A 58 5.43 -5.71 -13.40
C LYS A 58 5.59 -7.15 -12.86
N GLU A 59 5.79 -7.27 -11.53
CA GLU A 59 5.95 -8.57 -10.84
C GLU A 59 4.66 -9.42 -10.98
N PRO A 60 4.74 -10.66 -11.58
CA PRO A 60 3.61 -11.62 -11.58
C PRO A 60 3.38 -12.20 -10.16
N ASP A 61 4.46 -12.17 -9.36
CA ASP A 61 4.48 -12.62 -7.97
C ASP A 61 3.88 -11.57 -7.02
N LEU A 62 3.63 -10.33 -7.53
CA LEU A 62 2.96 -9.26 -6.77
C LEU A 62 1.57 -9.74 -6.33
N TYR A 63 1.42 -9.90 -5.01
CA TYR A 63 0.21 -10.43 -4.38
C TYR A 63 0.06 -9.79 -3.01
N GLY A 64 -1.12 -9.27 -2.71
CA GLY A 64 -1.47 -8.77 -1.38
C GLY A 64 -2.49 -9.68 -0.73
N GLU A 65 -2.20 -10.15 0.49
CA GLU A 65 -3.15 -10.94 1.29
C GLU A 65 -3.37 -10.21 2.63
N LEU A 66 -4.52 -9.52 2.78
CA LEU A 66 -4.79 -8.71 3.97
C LEU A 66 -5.02 -9.60 5.20
N LEU A 67 -4.43 -9.16 6.32
CA LEU A 67 -4.50 -9.84 7.62
C LEU A 67 -5.45 -9.07 8.53
N THR A 68 -5.17 -7.75 8.58
CA THR A 68 -5.83 -6.79 9.48
C THR A 68 -5.85 -5.40 8.82
N ARG A 69 -6.97 -4.66 9.00
CA ARG A 69 -7.03 -3.21 8.71
C ARG A 69 -7.68 -2.48 9.91
N VAL A 70 -7.01 -1.41 10.37
CA VAL A 70 -7.42 -0.58 11.51
C VAL A 70 -7.64 0.88 11.07
N ILE A 71 -8.82 1.44 11.38
CA ILE A 71 -9.17 2.85 11.06
C ILE A 71 -9.05 3.72 12.33
N VAL A 72 -8.18 4.74 12.25
CA VAL A 72 -7.93 5.71 13.33
C VAL A 72 -8.27 7.13 12.81
N GLY A 73 -9.51 7.58 13.05
CA GLY A 73 -10.00 8.89 12.58
C GLY A 73 -10.05 8.98 11.06
N ASN A 74 -9.26 9.91 10.48
CA ASN A 74 -9.19 10.11 9.01
C ASN A 74 -8.00 9.32 8.39
N VAL A 75 -7.36 8.48 9.20
CA VAL A 75 -6.19 7.68 8.82
C VAL A 75 -6.57 6.19 8.91
N VAL A 76 -6.08 5.35 7.96
CA VAL A 76 -6.21 3.88 8.05
C VAL A 76 -4.83 3.23 7.90
N ILE A 77 -4.51 2.28 8.78
CA ILE A 77 -3.40 1.35 8.59
C ILE A 77 -3.98 0.02 8.09
N ASP A 78 -3.65 -0.37 6.87
CA ASP A 78 -3.90 -1.74 6.41
C ASP A 78 -2.61 -2.53 6.59
N HIS A 79 -2.73 -3.82 6.81
CA HIS A 79 -1.58 -4.70 7.06
C HIS A 79 -1.78 -6.00 6.29
N GLU A 80 -1.03 -6.17 5.19
CA GLU A 80 -1.03 -7.39 4.38
C GLU A 80 0.35 -8.06 4.46
N THR A 81 0.39 -9.36 4.15
CA THR A 81 1.63 -10.07 3.82
C THR A 81 1.74 -10.11 2.29
N VAL A 82 2.59 -9.25 1.72
CA VAL A 82 2.73 -9.11 0.26
C VAL A 82 3.91 -9.95 -0.27
N THR A 83 3.60 -10.80 -1.25
CA THR A 83 4.54 -11.77 -1.83
C THR A 83 5.55 -11.09 -2.79
N ARG A 84 6.85 -11.25 -2.50
CA ARG A 84 7.96 -10.83 -3.37
C ARG A 84 8.82 -12.07 -3.75
N ASN A 85 10.02 -11.84 -4.33
CA ASN A 85 10.99 -12.90 -4.70
C ASN A 85 12.34 -12.61 -4.03
N PHE A 86 12.66 -13.38 -2.97
CA PHE A 86 13.93 -13.22 -2.20
C PHE A 86 14.86 -14.44 -2.39
N PRO A 87 16.22 -14.24 -2.32
CA PRO A 87 17.21 -15.36 -2.37
C PRO A 87 17.11 -16.34 -1.17
N GLU A 88 16.47 -15.89 -0.06
CA GLU A 88 16.29 -16.73 1.15
C GLU A 88 15.00 -17.60 1.08
N GLY A 89 14.19 -17.43 0.02
CA GLY A 89 13.02 -18.28 -0.21
C GLY A 89 11.90 -17.55 -0.92
N LYS A 90 10.71 -17.51 -0.30
CA LYS A 90 9.54 -16.81 -0.81
C LYS A 90 9.80 -15.29 -0.97
N GLY A 91 9.69 -14.53 0.13
CA GLY A 91 9.83 -13.08 0.08
C GLY A 91 8.57 -12.34 0.44
N GLU A 92 7.73 -12.98 1.25
CA GLU A 92 6.40 -12.44 1.59
C GLU A 92 6.54 -11.56 2.83
N VAL A 93 6.49 -10.24 2.66
CA VAL A 93 6.79 -9.28 3.74
C VAL A 93 5.50 -8.64 4.26
N ASP A 94 5.33 -8.64 5.58
CA ASP A 94 4.20 -7.97 6.23
C ASP A 94 4.52 -6.47 6.26
N VAL A 95 3.59 -5.62 5.77
CA VAL A 95 3.79 -4.17 5.72
C VAL A 95 2.56 -3.46 6.29
N ALA A 96 2.78 -2.58 7.27
CA ALA A 96 1.75 -1.72 7.84
C ALA A 96 1.72 -0.40 7.04
N CYS A 97 0.77 -0.30 6.11
CA CYS A 97 0.63 0.81 5.18
C CYS A 97 -0.37 1.83 5.77
N ILE A 98 0.15 2.98 6.22
CA ILE A 98 -0.60 4.00 6.94
C ILE A 98 -0.88 5.23 6.04
N TYR A 99 -2.15 5.38 5.61
CA TYR A 99 -2.61 6.46 4.71
C TYR A 99 -3.37 7.52 5.50
N GLU A 100 -3.04 8.79 5.30
CA GLU A 100 -3.84 9.91 5.80
C GLU A 100 -4.74 10.41 4.66
N VAL A 101 -6.03 10.19 4.81
CA VAL A 101 -7.05 10.59 3.84
C VAL A 101 -7.72 11.89 4.30
N GLU A 102 -7.71 12.91 3.43
CA GLU A 102 -8.35 14.21 3.68
C GLU A 102 -9.33 14.55 2.54
N ASN A 103 -10.59 14.88 2.93
CA ASN A 103 -11.72 15.16 2.02
C ASN A 103 -12.08 13.94 1.13
N GLY A 104 -11.85 12.72 1.66
CA GLY A 104 -12.18 11.48 0.93
C GLY A 104 -11.10 11.06 -0.09
N ARG A 105 -10.01 11.83 -0.15
CA ARG A 105 -8.87 11.56 -1.05
C ARG A 105 -7.59 11.49 -0.21
N ILE A 106 -6.74 10.50 -0.49
CA ILE A 106 -5.48 10.25 0.22
C ILE A 106 -4.54 11.46 0.04
N ALA A 107 -4.44 12.29 1.08
CA ALA A 107 -3.63 13.52 1.05
C ALA A 107 -2.14 13.19 1.26
N LYS A 108 -1.90 12.11 2.00
CA LYS A 108 -0.57 11.58 2.32
C LYS A 108 -0.67 10.06 2.44
N ALA A 109 0.35 9.34 1.99
CA ALA A 109 0.41 7.88 2.09
C ALA A 109 1.79 7.46 2.52
N TRP A 110 1.87 6.59 3.52
CA TRP A 110 3.14 6.15 4.11
C TRP A 110 3.05 4.63 4.28
N PHE A 111 4.18 3.92 4.27
CA PHE A 111 4.20 2.49 4.58
C PHE A 111 5.47 2.15 5.37
N LYS A 112 5.34 1.20 6.30
CA LYS A 112 6.44 0.72 7.14
C LYS A 112 6.44 -0.81 7.10
N ILE A 113 7.58 -1.39 6.70
CA ILE A 113 7.72 -2.84 6.50
C ILE A 113 8.12 -3.50 7.82
N GLY A 114 7.35 -4.52 8.21
CA GLY A 114 7.60 -5.30 9.43
C GLY A 114 8.94 -6.04 9.38
N GLU A 115 8.95 -7.17 8.67
CA GLU A 115 10.18 -7.95 8.42
C GLU A 115 9.97 -8.85 7.18
N PRO A 116 11.07 -9.41 6.59
CA PRO A 116 10.96 -10.46 5.55
C PRO A 116 10.51 -11.83 6.13
N ARG A 117 9.33 -12.30 5.68
CA ARG A 117 8.81 -13.63 6.07
C ARG A 117 9.05 -14.60 4.90
N ILE A 118 9.36 -15.85 5.24
CA ILE A 118 9.51 -16.94 4.26
C ILE A 118 8.51 -18.04 4.67
N VAL A 119 8.04 -18.85 3.70
CA VAL A 119 7.05 -19.94 3.97
C VAL A 119 7.60 -20.96 5.00
N SER A 120 8.94 -21.09 5.06
CA SER A 120 9.63 -21.91 6.08
C SER A 120 9.40 -21.33 7.50
N GLN A 121 9.45 -19.99 7.60
CA GLN A 121 9.32 -19.25 8.87
C GLN A 121 7.86 -18.74 9.09
N LYS A 122 6.96 -19.08 8.17
CA LYS A 122 5.52 -18.74 8.25
C LYS A 122 4.71 -20.03 7.96
N SER A 123 3.40 -19.88 7.72
CA SER A 123 2.54 -21.00 7.26
C SER A 123 1.35 -20.41 6.47
N MET A 1 -17.98 8.93 11.69
CA MET A 1 -17.77 9.28 10.27
C MET A 1 -16.34 8.89 9.86
N ASN A 2 -16.21 7.74 9.17
CA ASN A 2 -14.91 7.20 8.73
C ASN A 2 -15.08 6.28 7.50
N SER A 3 -16.33 6.07 7.04
CA SER A 3 -16.62 5.26 5.84
C SER A 3 -16.01 5.93 4.60
N GLU A 4 -16.08 7.28 4.60
CA GLU A 4 -15.45 8.15 3.57
C GLU A 4 -13.93 7.91 3.42
N ILE A 5 -13.30 7.47 4.51
CA ILE A 5 -11.85 7.23 4.60
C ILE A 5 -11.54 5.77 4.20
N GLU A 6 -12.52 4.88 4.42
CA GLU A 6 -12.46 3.49 3.97
C GLU A 6 -12.65 3.38 2.45
N LEU A 7 -13.31 4.38 1.82
CA LEU A 7 -13.64 4.34 0.38
C LEU A 7 -12.35 4.32 -0.51
N PRO A 8 -11.34 5.26 -0.31
CA PRO A 8 -10.05 5.18 -1.02
C PRO A 8 -9.36 3.84 -0.80
N VAL A 9 -9.07 3.55 0.48
CA VAL A 9 -8.31 2.36 0.91
C VAL A 9 -8.88 1.03 0.33
N GLN A 10 -10.20 0.85 0.45
CA GLN A 10 -10.91 -0.39 0.02
C GLN A 10 -10.79 -0.59 -1.49
N LYS A 11 -11.13 0.46 -2.27
CA LYS A 11 -11.12 0.40 -3.75
C LYS A 11 -9.69 0.17 -4.29
N GLN A 12 -8.72 0.80 -3.61
CA GLN A 12 -7.29 0.66 -3.92
C GLN A 12 -6.80 -0.76 -3.61
N LEU A 13 -7.30 -1.33 -2.50
CA LEU A 13 -6.87 -2.64 -2.00
C LEU A 13 -7.18 -3.74 -3.01
N GLU A 14 -8.46 -3.75 -3.48
CA GLU A 14 -8.94 -4.68 -4.53
C GLU A 14 -8.06 -4.53 -5.77
N ALA A 15 -7.84 -3.26 -6.14
CA ALA A 15 -7.08 -2.86 -7.33
C ALA A 15 -5.59 -3.24 -7.23
N TYR A 16 -5.05 -3.30 -6.00
CA TYR A 16 -3.61 -3.54 -5.74
C TYR A 16 -3.23 -4.98 -6.15
N ASN A 17 -4.06 -5.95 -5.70
CA ASN A 17 -3.85 -7.38 -6.01
C ASN A 17 -4.46 -7.75 -7.37
N ALA A 18 -5.31 -6.86 -7.93
CA ALA A 18 -5.92 -7.04 -9.28
C ALA A 18 -5.03 -6.46 -10.40
N ARG A 19 -3.86 -5.91 -10.00
CA ARG A 19 -2.88 -5.29 -10.94
C ARG A 19 -3.47 -4.06 -11.67
N ASP A 20 -4.46 -3.44 -11.02
CA ASP A 20 -5.17 -2.25 -11.51
C ASP A 20 -4.54 -0.99 -10.91
N ILE A 21 -3.87 -0.18 -11.73
CA ILE A 21 -3.33 1.13 -11.32
C ILE A 21 -4.44 2.19 -11.26
N ASP A 22 -5.44 2.05 -12.14
CA ASP A 22 -6.45 3.10 -12.39
C ASP A 22 -7.22 3.47 -11.11
N ALA A 23 -7.72 2.47 -10.39
CA ALA A 23 -8.42 2.64 -9.10
C ALA A 23 -7.44 2.72 -7.92
N PHE A 24 -6.33 1.95 -8.02
CA PHE A 24 -5.27 2.01 -6.98
C PHE A 24 -4.61 3.40 -6.90
N MET A 25 -4.82 4.26 -7.91
CA MET A 25 -4.29 5.66 -7.91
C MET A 25 -5.40 6.72 -8.01
N ALA A 26 -6.64 6.31 -8.37
CA ALA A 26 -7.79 7.24 -8.55
C ALA A 26 -8.13 8.00 -7.26
N TRP A 27 -7.99 7.29 -6.14
CA TRP A 27 -8.45 7.75 -4.83
C TRP A 27 -7.35 8.47 -4.02
N TRP A 28 -6.25 8.84 -4.71
CA TRP A 28 -5.15 9.63 -4.13
C TRP A 28 -5.32 11.10 -4.53
N ALA A 29 -4.81 12.00 -3.70
CA ALA A 29 -4.80 13.45 -3.98
C ALA A 29 -3.67 13.79 -4.96
N ASP A 30 -3.84 14.88 -5.71
CA ASP A 30 -2.81 15.39 -6.65
C ASP A 30 -1.52 15.78 -5.90
N ASP A 31 -1.68 16.26 -4.67
CA ASP A 31 -0.56 16.70 -3.80
C ASP A 31 -0.18 15.61 -2.78
N CYS A 32 -0.61 14.35 -3.05
CA CYS A 32 -0.40 13.24 -2.10
C CYS A 32 1.09 12.93 -1.90
N GLN A 33 1.56 13.08 -0.67
CA GLN A 33 2.94 12.71 -0.29
C GLN A 33 3.01 11.19 -0.11
N TYR A 34 4.21 10.62 -0.30
CA TYR A 34 4.44 9.18 -0.14
C TYR A 34 5.78 8.97 0.57
N TYR A 35 5.72 8.50 1.82
CA TYR A 35 6.89 8.28 2.66
C TYR A 35 7.08 6.78 2.94
N ALA A 36 8.32 6.36 2.89
CA ALA A 36 8.77 5.05 3.39
C ALA A 36 9.23 5.23 4.84
N PHE A 37 9.17 4.13 5.61
CA PHE A 37 9.58 4.09 7.03
C PHE A 37 11.00 4.70 7.27
N PRO A 38 11.20 5.64 8.26
CA PRO A 38 10.12 6.23 9.08
C PRO A 38 9.35 7.37 8.34
N ALA A 39 10.10 8.15 7.55
CA ALA A 39 9.59 9.24 6.73
C ALA A 39 10.62 9.52 5.63
N THR A 40 10.42 8.91 4.45
CA THR A 40 11.33 9.03 3.29
C THR A 40 10.49 9.37 2.06
N LEU A 41 10.49 10.64 1.63
CA LEU A 41 9.64 11.08 0.52
C LEU A 41 10.19 10.56 -0.82
N LEU A 42 9.58 9.47 -1.34
CA LEU A 42 9.92 8.94 -2.68
C LEU A 42 9.15 9.72 -3.74
N ALA A 43 7.92 10.13 -3.36
CA ALA A 43 6.97 10.76 -4.27
C ALA A 43 6.12 11.81 -3.53
N GLY A 44 6.24 13.09 -3.92
CA GLY A 44 5.56 14.22 -3.24
C GLY A 44 4.41 14.78 -4.05
N ASN A 45 3.57 13.87 -4.57
CA ASN A 45 2.46 14.15 -5.53
C ASN A 45 2.03 12.83 -6.21
N ALA A 46 0.77 12.77 -6.69
CA ALA A 46 0.17 11.54 -7.28
C ALA A 46 0.88 11.07 -8.56
N ALA A 47 1.52 12.02 -9.29
CA ALA A 47 2.20 11.72 -10.57
C ALA A 47 3.35 10.73 -10.36
N GLU A 48 4.23 11.05 -9.39
CA GLU A 48 5.41 10.23 -9.08
C GLU A 48 5.00 8.88 -8.46
N ILE A 49 3.90 8.89 -7.68
CA ILE A 49 3.37 7.69 -7.02
C ILE A 49 2.81 6.70 -8.06
N ARG A 50 2.05 7.24 -9.05
CA ARG A 50 1.32 6.41 -10.03
C ARG A 50 2.31 5.72 -10.99
N VAL A 51 3.30 6.48 -11.48
CA VAL A 51 4.25 6.00 -12.50
C VAL A 51 5.20 4.92 -11.93
N ARG A 52 5.57 5.07 -10.65
CA ARG A 52 6.42 4.12 -9.94
C ARG A 52 5.64 2.82 -9.65
N HIS A 53 4.35 2.97 -9.27
CA HIS A 53 3.46 1.83 -8.99
C HIS A 53 3.20 0.98 -10.24
N ILE A 54 3.17 1.62 -11.43
CA ILE A 54 3.02 0.90 -12.72
C ILE A 54 4.17 -0.12 -12.89
N GLU A 55 5.41 0.34 -12.63
CA GLU A 55 6.62 -0.49 -12.73
C GLU A 55 6.63 -1.60 -11.64
N ARG A 56 6.07 -1.28 -10.46
CA ARG A 56 5.90 -2.24 -9.35
C ARG A 56 4.90 -3.36 -9.73
N PHE A 57 3.87 -3.00 -10.51
CA PHE A 57 2.80 -3.94 -10.93
C PHE A 57 3.26 -4.83 -12.10
N LYS A 58 4.50 -4.62 -12.60
CA LYS A 58 5.12 -5.52 -13.60
C LYS A 58 5.82 -6.71 -12.90
N GLU A 59 6.10 -6.56 -11.58
CA GLU A 59 6.71 -7.60 -10.74
C GLU A 59 5.78 -8.85 -10.69
N PRO A 60 6.20 -10.01 -11.27
CA PRO A 60 5.30 -11.19 -11.47
C PRO A 60 4.75 -11.77 -10.16
N ASP A 61 5.55 -11.67 -9.09
CA ASP A 61 5.22 -12.26 -7.78
C ASP A 61 4.51 -11.26 -6.85
N LEU A 62 4.29 -10.01 -7.30
CA LEU A 62 3.60 -8.97 -6.50
C LEU A 62 2.15 -9.39 -6.18
N TYR A 63 1.84 -9.53 -4.89
CA TYR A 63 0.47 -9.79 -4.41
C TYR A 63 0.30 -9.20 -3.02
N GLY A 64 -0.74 -8.39 -2.83
CA GLY A 64 -1.05 -7.81 -1.52
C GLY A 64 -2.21 -8.53 -0.87
N GLU A 65 -1.89 -9.37 0.13
CA GLU A 65 -2.89 -10.10 0.92
C GLU A 65 -3.15 -9.36 2.23
N LEU A 66 -4.26 -8.59 2.29
CA LEU A 66 -4.68 -7.92 3.52
C LEU A 66 -5.38 -8.91 4.42
N LEU A 67 -4.93 -8.94 5.68
CA LEU A 67 -5.38 -9.89 6.69
C LEU A 67 -6.10 -9.15 7.84
N THR A 68 -5.68 -7.89 8.09
CA THR A 68 -6.24 -7.04 9.15
C THR A 68 -6.12 -5.57 8.74
N ARG A 69 -7.13 -4.75 9.10
CA ARG A 69 -7.09 -3.29 8.97
C ARG A 69 -7.81 -2.65 10.17
N VAL A 70 -7.21 -1.58 10.71
CA VAL A 70 -7.80 -0.77 11.80
C VAL A 70 -7.85 0.70 11.33
N ILE A 71 -9.00 1.36 11.48
CA ILE A 71 -9.20 2.76 11.06
C ILE A 71 -9.63 3.64 12.26
N VAL A 72 -9.01 4.83 12.34
CA VAL A 72 -9.21 5.78 13.44
C VAL A 72 -9.18 7.23 12.87
N GLY A 73 -10.36 7.88 12.88
CA GLY A 73 -10.53 9.23 12.32
C GLY A 73 -10.42 9.24 10.80
N ASN A 74 -9.44 10.01 10.28
CA ASN A 74 -9.17 10.10 8.82
C ASN A 74 -7.87 9.37 8.45
N VAL A 75 -7.43 8.46 9.33
CA VAL A 75 -6.16 7.73 9.20
C VAL A 75 -6.42 6.22 9.34
N VAL A 76 -5.83 5.41 8.43
CA VAL A 76 -6.02 3.95 8.41
C VAL A 76 -4.66 3.23 8.52
N ILE A 77 -4.62 2.14 9.32
CA ILE A 77 -3.53 1.17 9.35
C ILE A 77 -4.00 -0.10 8.63
N ASP A 78 -3.42 -0.40 7.48
CA ASP A 78 -3.69 -1.64 6.73
C ASP A 78 -2.50 -2.57 6.89
N HIS A 79 -2.73 -3.72 7.53
CA HIS A 79 -1.70 -4.75 7.69
C HIS A 79 -1.93 -5.84 6.64
N GLU A 80 -1.02 -5.88 5.67
CA GLU A 80 -1.03 -6.81 4.52
C GLU A 80 0.32 -7.53 4.39
N THR A 81 0.26 -8.83 4.07
CA THR A 81 1.42 -9.64 3.68
C THR A 81 1.65 -9.47 2.17
N VAL A 82 2.71 -8.73 1.81
CA VAL A 82 3.12 -8.52 0.42
C VAL A 82 3.99 -9.69 -0.06
N THR A 83 3.38 -10.57 -0.88
CA THR A 83 4.11 -11.63 -1.58
C THR A 83 5.04 -11.03 -2.66
N ARG A 84 6.33 -11.41 -2.61
CA ARG A 84 7.34 -11.03 -3.62
C ARG A 84 8.22 -12.25 -3.95
N ASN A 85 9.32 -12.03 -4.70
CA ASN A 85 10.28 -13.11 -5.06
C ASN A 85 11.68 -12.81 -4.50
N PHE A 86 12.02 -13.45 -3.38
CA PHE A 86 13.35 -13.36 -2.77
C PHE A 86 14.19 -14.60 -3.15
N PRO A 87 15.53 -14.46 -3.39
CA PRO A 87 16.42 -15.61 -3.69
C PRO A 87 16.48 -16.69 -2.56
N GLU A 88 16.14 -16.29 -1.31
CA GLU A 88 16.19 -17.20 -0.12
C GLU A 88 14.90 -18.02 0.07
N GLY A 89 13.87 -17.76 -0.75
CA GLY A 89 12.63 -18.56 -0.71
C GLY A 89 11.47 -17.85 -1.39
N LYS A 90 10.29 -17.84 -0.74
CA LYS A 90 9.12 -17.08 -1.17
C LYS A 90 9.44 -15.58 -1.39
N GLY A 91 9.34 -14.77 -0.31
CA GLY A 91 9.50 -13.32 -0.40
C GLY A 91 8.32 -12.53 0.15
N GLU A 92 7.57 -13.13 1.08
CA GLU A 92 6.39 -12.48 1.68
C GLU A 92 6.80 -11.66 2.91
N VAL A 93 6.62 -10.33 2.82
CA VAL A 93 6.95 -9.40 3.90
C VAL A 93 5.66 -8.85 4.51
N ASP A 94 5.56 -8.90 5.84
CA ASP A 94 4.40 -8.37 6.57
C ASP A 94 4.60 -6.88 6.84
N VAL A 95 3.81 -6.06 6.12
CA VAL A 95 3.94 -4.59 6.07
C VAL A 95 2.69 -3.96 6.74
N ALA A 96 2.80 -2.67 7.10
CA ALA A 96 1.69 -1.86 7.62
C ALA A 96 1.67 -0.55 6.83
N CYS A 97 0.72 -0.43 5.89
CA CYS A 97 0.56 0.76 5.06
C CYS A 97 -0.47 1.68 5.72
N ILE A 98 0.03 2.79 6.28
CA ILE A 98 -0.74 3.76 7.04
C ILE A 98 -1.04 5.01 6.17
N TYR A 99 -2.31 5.18 5.79
CA TYR A 99 -2.77 6.28 4.93
C TYR A 99 -3.40 7.39 5.77
N GLU A 100 -3.36 8.62 5.23
CA GLU A 100 -4.04 9.80 5.77
C GLU A 100 -4.86 10.40 4.62
N VAL A 101 -6.18 10.42 4.79
CA VAL A 101 -7.15 10.82 3.77
C VAL A 101 -7.78 12.19 4.12
N GLU A 102 -7.67 13.14 3.18
CA GLU A 102 -8.27 14.47 3.29
C GLU A 102 -9.02 14.81 1.97
N ASN A 103 -10.25 15.35 2.10
CA ASN A 103 -11.14 15.68 0.96
C ASN A 103 -11.56 14.42 0.15
N GLY A 104 -11.62 13.26 0.84
CA GLY A 104 -12.00 11.97 0.21
C GLY A 104 -10.89 11.37 -0.67
N ARG A 105 -9.70 11.98 -0.61
CA ARG A 105 -8.50 11.56 -1.36
C ARG A 105 -7.36 11.42 -0.36
N ILE A 106 -6.43 10.50 -0.61
CA ILE A 106 -5.26 10.32 0.28
C ILE A 106 -4.32 11.52 0.15
N ALA A 107 -4.21 12.30 1.24
CA ALA A 107 -3.35 13.49 1.31
C ALA A 107 -1.88 13.10 1.51
N LYS A 108 -1.65 12.03 2.29
CA LYS A 108 -0.30 11.51 2.61
C LYS A 108 -0.41 10.00 2.86
N ALA A 109 0.47 9.22 2.25
CA ALA A 109 0.50 7.76 2.39
C ALA A 109 1.88 7.35 2.86
N TRP A 110 1.92 6.49 3.88
CA TRP A 110 3.15 6.03 4.51
C TRP A 110 3.08 4.50 4.61
N PHE A 111 4.24 3.82 4.63
CA PHE A 111 4.27 2.36 4.82
C PHE A 111 5.51 1.97 5.64
N LYS A 112 5.35 0.92 6.45
CA LYS A 112 6.43 0.35 7.26
C LYS A 112 6.50 -1.16 7.01
N ILE A 113 7.62 -1.66 6.48
CA ILE A 113 7.82 -3.10 6.25
C ILE A 113 8.38 -3.72 7.54
N GLY A 114 7.78 -4.84 7.95
CA GLY A 114 8.26 -5.57 9.13
C GLY A 114 9.65 -6.13 8.93
N GLU A 115 9.73 -7.30 8.29
CA GLU A 115 11.01 -7.95 7.93
C GLU A 115 10.78 -8.92 6.76
N PRO A 116 11.88 -9.42 6.08
CA PRO A 116 11.78 -10.54 5.13
C PRO A 116 11.39 -11.89 5.80
N ARG A 117 10.15 -12.36 5.50
CA ARG A 117 9.65 -13.68 5.94
C ARG A 117 9.54 -14.62 4.74
N ILE A 118 9.71 -15.93 5.01
CA ILE A 118 9.59 -17.02 4.02
C ILE A 118 8.56 -18.03 4.55
N VAL A 119 7.91 -18.79 3.65
CA VAL A 119 6.90 -19.81 4.06
C VAL A 119 7.60 -21.00 4.75
N SER A 120 8.69 -21.49 4.11
CA SER A 120 9.47 -22.65 4.62
C SER A 120 10.22 -22.30 5.94
N GLN A 121 10.34 -20.98 6.22
CA GLN A 121 10.84 -20.45 7.51
C GLN A 121 9.94 -20.93 8.67
N LYS A 122 8.61 -20.92 8.42
CA LYS A 122 7.62 -21.48 9.35
C LYS A 122 7.21 -22.87 8.82
N SER A 123 8.07 -23.86 9.11
CA SER A 123 7.90 -25.25 8.67
C SER A 123 6.72 -25.90 9.44
N MET A 1 -19.24 5.79 10.49
CA MET A 1 -17.88 6.11 10.99
C MET A 1 -16.88 6.16 9.81
N ASN A 2 -16.50 7.39 9.43
CA ASN A 2 -15.36 7.67 8.52
C ASN A 2 -15.52 6.98 7.15
N SER A 3 -16.68 7.22 6.51
CA SER A 3 -17.05 6.59 5.23
C SER A 3 -16.14 7.06 4.08
N GLU A 4 -15.77 8.36 4.10
CA GLU A 4 -14.89 8.97 3.08
C GLU A 4 -13.44 8.43 3.17
N ILE A 5 -13.13 7.71 4.28
CA ILE A 5 -11.81 7.11 4.52
C ILE A 5 -11.86 5.62 4.13
N GLU A 6 -12.99 4.97 4.45
CA GLU A 6 -13.27 3.55 4.12
C GLU A 6 -13.21 3.27 2.60
N LEU A 7 -13.82 4.17 1.82
CA LEU A 7 -14.04 3.99 0.36
C LEU A 7 -12.68 3.90 -0.40
N PRO A 8 -11.74 4.93 -0.32
CA PRO A 8 -10.44 4.89 -1.04
C PRO A 8 -9.60 3.67 -0.67
N VAL A 9 -9.47 3.45 0.64
CA VAL A 9 -8.63 2.41 1.24
C VAL A 9 -9.04 0.98 0.79
N GLN A 10 -10.35 0.71 0.77
CA GLN A 10 -10.87 -0.60 0.34
C GLN A 10 -10.65 -0.79 -1.17
N LYS A 11 -10.99 0.26 -1.95
CA LYS A 11 -10.85 0.26 -3.42
C LYS A 11 -9.38 0.13 -3.86
N GLN A 12 -8.45 0.60 -3.01
CA GLN A 12 -7.00 0.45 -3.24
C GLN A 12 -6.61 -1.02 -3.26
N LEU A 13 -7.12 -1.78 -2.27
CA LEU A 13 -6.84 -3.22 -2.16
C LEU A 13 -7.36 -3.93 -3.40
N GLU A 14 -8.65 -3.70 -3.69
CA GLU A 14 -9.34 -4.31 -4.84
C GLU A 14 -8.55 -4.08 -6.14
N ALA A 15 -7.94 -2.89 -6.24
CA ALA A 15 -7.14 -2.45 -7.39
C ALA A 15 -5.70 -3.01 -7.33
N TYR A 16 -5.19 -3.28 -6.12
CA TYR A 16 -3.76 -3.66 -5.92
C TYR A 16 -3.50 -5.06 -6.49
N ASN A 17 -4.39 -6.01 -6.12
CA ASN A 17 -4.30 -7.41 -6.57
C ASN A 17 -4.76 -7.56 -8.03
N ALA A 18 -5.68 -6.66 -8.45
CA ALA A 18 -6.29 -6.70 -9.79
C ALA A 18 -5.49 -5.84 -10.81
N ARG A 19 -4.37 -5.25 -10.33
CA ARG A 19 -3.38 -4.53 -11.17
C ARG A 19 -3.95 -3.22 -11.79
N ASP A 20 -5.05 -2.72 -11.21
CA ASP A 20 -5.72 -1.51 -11.69
C ASP A 20 -5.12 -0.26 -11.03
N ILE A 21 -4.17 0.38 -11.70
CA ILE A 21 -3.61 1.69 -11.28
C ILE A 21 -4.68 2.80 -11.41
N ASP A 22 -5.65 2.61 -12.34
CA ASP A 22 -6.77 3.56 -12.56
C ASP A 22 -7.51 3.87 -11.24
N ALA A 23 -7.85 2.82 -10.48
CA ALA A 23 -8.51 2.97 -9.15
C ALA A 23 -7.47 3.27 -8.05
N PHE A 24 -6.27 2.66 -8.21
CA PHE A 24 -5.16 2.81 -7.25
C PHE A 24 -4.54 4.23 -7.31
N MET A 25 -4.99 5.07 -8.27
CA MET A 25 -4.60 6.49 -8.35
C MET A 25 -5.83 7.45 -8.27
N ALA A 26 -7.02 6.95 -8.67
CA ALA A 26 -8.26 7.79 -8.74
C ALA A 26 -8.59 8.49 -7.40
N TRP A 27 -8.47 7.72 -6.30
CA TRP A 27 -8.90 8.16 -4.96
C TRP A 27 -7.83 9.03 -4.25
N TRP A 28 -6.67 9.20 -4.89
CA TRP A 28 -5.53 9.92 -4.29
C TRP A 28 -5.58 11.40 -4.67
N ALA A 29 -5.07 12.25 -3.77
CA ALA A 29 -4.99 13.70 -4.00
C ALA A 29 -3.87 14.02 -5.00
N ASP A 30 -4.00 15.14 -5.74
CA ASP A 30 -2.98 15.57 -6.72
C ASP A 30 -1.67 16.00 -6.00
N ASP A 31 -1.82 16.40 -4.73
CA ASP A 31 -0.72 16.81 -3.84
C ASP A 31 -0.34 15.70 -2.85
N CYS A 32 -0.74 14.44 -3.16
CA CYS A 32 -0.56 13.31 -2.23
C CYS A 32 0.93 13.00 -1.99
N GLN A 33 1.33 13.03 -0.72
CA GLN A 33 2.70 12.68 -0.30
C GLN A 33 2.82 11.16 -0.16
N TYR A 34 4.05 10.64 -0.31
CA TYR A 34 4.33 9.22 -0.21
C TYR A 34 5.71 9.03 0.42
N TYR A 35 5.75 8.33 1.57
CA TYR A 35 6.99 8.04 2.32
C TYR A 35 7.19 6.52 2.47
N ALA A 36 8.46 6.14 2.62
CA ALA A 36 8.89 4.75 2.82
C ALA A 36 9.62 4.60 4.15
N PHE A 37 9.70 3.34 4.64
CA PHE A 37 10.46 2.97 5.85
C PHE A 37 11.98 3.23 5.62
N PRO A 38 12.72 3.94 6.57
CA PRO A 38 12.17 4.51 7.84
C PRO A 38 11.34 5.81 7.62
N ALA A 39 11.91 6.74 6.84
CA ALA A 39 11.29 8.04 6.53
C ALA A 39 12.00 8.62 5.29
N THR A 40 11.43 8.35 4.11
CA THR A 40 11.98 8.82 2.83
C THR A 40 10.83 9.24 1.90
N LEU A 41 10.78 10.53 1.55
CA LEU A 41 9.76 11.08 0.65
C LEU A 41 10.06 10.56 -0.77
N LEU A 42 9.30 9.54 -1.21
CA LEU A 42 9.43 8.93 -2.55
C LEU A 42 8.70 9.77 -3.59
N ALA A 43 7.54 10.33 -3.22
CA ALA A 43 6.63 11.01 -4.17
C ALA A 43 5.87 12.16 -3.49
N GLY A 44 6.04 13.39 -4.01
CA GLY A 44 5.44 14.60 -3.42
C GLY A 44 4.25 15.13 -4.20
N ASN A 45 3.42 14.19 -4.68
CA ASN A 45 2.27 14.43 -5.61
C ASN A 45 1.81 13.08 -6.19
N ALA A 46 0.61 13.08 -6.82
CA ALA A 46 -0.05 11.86 -7.33
C ALA A 46 0.72 11.22 -8.51
N ALA A 47 1.32 12.07 -9.38
CA ALA A 47 1.99 11.62 -10.62
C ALA A 47 3.14 10.63 -10.32
N GLU A 48 3.97 10.99 -9.32
CA GLU A 48 5.16 10.20 -8.94
C GLU A 48 4.77 8.90 -8.21
N ILE A 49 3.62 8.95 -7.48
CA ILE A 49 3.06 7.76 -6.81
C ILE A 49 2.58 6.73 -7.85
N ARG A 50 1.90 7.25 -8.87
CA ARG A 50 1.30 6.46 -9.94
C ARG A 50 2.37 5.67 -10.69
N VAL A 51 3.38 6.40 -11.20
CA VAL A 51 4.44 5.84 -12.06
C VAL A 51 5.27 4.74 -11.34
N ARG A 52 5.60 5.00 -10.07
CA ARG A 52 6.45 4.11 -9.27
C ARG A 52 5.70 2.82 -8.88
N HIS A 53 4.35 2.92 -8.76
CA HIS A 53 3.49 1.75 -8.52
C HIS A 53 3.26 0.96 -9.82
N ILE A 54 3.27 1.63 -10.99
CA ILE A 54 3.19 0.94 -12.31
C ILE A 54 4.40 -0.01 -12.45
N GLU A 55 5.59 0.48 -12.01
CA GLU A 55 6.83 -0.30 -11.97
C GLU A 55 6.70 -1.52 -11.03
N ARG A 56 6.01 -1.33 -9.89
CA ARG A 56 5.83 -2.37 -8.87
C ARG A 56 4.74 -3.38 -9.30
N PHE A 57 3.82 -2.95 -10.18
CA PHE A 57 2.75 -3.81 -10.73
C PHE A 57 3.28 -4.63 -11.95
N LYS A 58 4.57 -4.45 -12.30
CA LYS A 58 5.27 -5.29 -13.29
C LYS A 58 5.72 -6.63 -12.69
N GLU A 59 5.83 -6.68 -11.34
CA GLU A 59 6.22 -7.90 -10.62
C GLU A 59 5.14 -8.99 -10.82
N PRO A 60 5.46 -10.13 -11.54
CA PRO A 60 4.47 -11.23 -11.74
C PRO A 60 4.10 -11.94 -10.43
N ASP A 61 4.95 -11.75 -9.40
CA ASP A 61 4.81 -12.36 -8.07
C ASP A 61 4.17 -11.38 -7.06
N LEU A 62 3.80 -10.17 -7.53
CA LEU A 62 3.15 -9.16 -6.67
C LEU A 62 1.77 -9.64 -6.23
N TYR A 63 1.59 -9.84 -4.92
CA TYR A 63 0.32 -10.23 -4.32
C TYR A 63 0.18 -9.56 -2.96
N GLY A 64 -0.85 -8.72 -2.81
CA GLY A 64 -1.15 -8.08 -1.53
C GLY A 64 -2.18 -8.88 -0.77
N GLU A 65 -1.71 -9.62 0.24
CA GLU A 65 -2.59 -10.42 1.10
C GLU A 65 -2.92 -9.61 2.36
N LEU A 66 -4.09 -8.96 2.37
CA LEU A 66 -4.52 -8.18 3.54
C LEU A 66 -5.24 -9.11 4.51
N LEU A 67 -4.76 -9.10 5.75
CA LEU A 67 -5.17 -10.02 6.81
C LEU A 67 -5.91 -9.26 7.93
N THR A 68 -5.53 -7.99 8.12
CA THR A 68 -6.12 -7.09 9.13
C THR A 68 -5.92 -5.64 8.67
N ARG A 69 -7.00 -4.82 8.75
CA ARG A 69 -6.94 -3.35 8.62
C ARG A 69 -7.75 -2.71 9.75
N VAL A 70 -7.15 -1.67 10.39
CA VAL A 70 -7.80 -0.91 11.48
C VAL A 70 -7.96 0.56 11.07
N ILE A 71 -9.21 1.04 11.04
CA ILE A 71 -9.52 2.45 10.70
C ILE A 71 -9.67 3.26 12.01
N VAL A 72 -8.96 4.39 12.05
CA VAL A 72 -8.94 5.29 13.19
C VAL A 72 -8.92 6.75 12.66
N GLY A 73 -10.13 7.35 12.60
CA GLY A 73 -10.33 8.69 12.07
C GLY A 73 -10.03 8.77 10.57
N ASN A 74 -9.18 9.72 10.18
CA ASN A 74 -8.81 9.96 8.77
C ASN A 74 -7.67 9.04 8.28
N VAL A 75 -7.24 8.11 9.15
CA VAL A 75 -6.05 7.27 8.92
C VAL A 75 -6.43 5.78 9.08
N VAL A 76 -5.97 4.92 8.16
CA VAL A 76 -6.17 3.45 8.24
C VAL A 76 -4.80 2.73 8.17
N ILE A 77 -4.65 1.67 8.98
CA ILE A 77 -3.49 0.77 8.97
C ILE A 77 -3.89 -0.47 8.17
N ASP A 78 -3.41 -0.58 6.93
CA ASP A 78 -3.59 -1.78 6.11
C ASP A 78 -2.41 -2.70 6.33
N HIS A 79 -2.63 -3.78 7.09
CA HIS A 79 -1.56 -4.73 7.38
C HIS A 79 -1.70 -5.92 6.42
N GLU A 80 -0.74 -5.97 5.48
CA GLU A 80 -0.66 -7.00 4.44
C GLU A 80 0.64 -7.79 4.61
N THR A 81 0.62 -9.05 4.16
CA THR A 81 1.82 -9.80 3.84
C THR A 81 1.94 -9.82 2.30
N VAL A 82 2.82 -8.97 1.74
CA VAL A 82 2.99 -8.86 0.29
C VAL A 82 4.09 -9.81 -0.20
N THR A 83 3.74 -10.62 -1.20
CA THR A 83 4.66 -11.59 -1.80
C THR A 83 5.66 -10.87 -2.73
N ARG A 84 6.95 -11.02 -2.42
CA ARG A 84 8.08 -10.57 -3.27
C ARG A 84 9.00 -11.80 -3.51
N ASN A 85 10.25 -11.58 -3.98
CA ASN A 85 11.20 -12.69 -4.25
C ASN A 85 12.54 -12.44 -3.53
N PHE A 86 12.82 -13.26 -2.49
CA PHE A 86 14.14 -13.32 -1.83
C PHE A 86 14.81 -14.67 -2.21
N PRO A 87 16.17 -14.70 -2.38
CA PRO A 87 16.90 -15.94 -2.84
C PRO A 87 16.97 -17.02 -1.73
N GLU A 88 16.53 -16.66 -0.51
CA GLU A 88 16.51 -17.56 0.65
C GLU A 88 15.23 -18.44 0.69
N GLY A 89 14.19 -18.02 -0.03
CA GLY A 89 12.93 -18.78 -0.11
C GLY A 89 11.84 -18.02 -0.86
N LYS A 90 10.67 -17.84 -0.22
CA LYS A 90 9.52 -17.10 -0.78
C LYS A 90 9.88 -15.63 -1.10
N GLY A 91 9.89 -14.78 -0.06
CA GLY A 91 10.16 -13.36 -0.22
C GLY A 91 8.99 -12.49 0.20
N GLU A 92 8.14 -13.01 1.08
CA GLU A 92 6.93 -12.30 1.53
C GLU A 92 7.32 -11.43 2.73
N VAL A 93 6.66 -10.27 2.91
CA VAL A 93 6.99 -9.34 4.02
C VAL A 93 5.72 -8.76 4.65
N ASP A 94 5.70 -8.75 5.99
CA ASP A 94 4.66 -8.10 6.79
C ASP A 94 4.92 -6.59 6.81
N VAL A 95 4.05 -5.84 6.15
CA VAL A 95 4.14 -4.37 6.05
C VAL A 95 2.82 -3.74 6.55
N ALA A 96 2.93 -2.58 7.20
CA ALA A 96 1.78 -1.75 7.57
C ALA A 96 1.74 -0.53 6.64
N CYS A 97 0.78 -0.53 5.71
CA CYS A 97 0.57 0.57 4.78
C CYS A 97 -0.48 1.50 5.39
N ILE A 98 0.02 2.63 5.90
CA ILE A 98 -0.75 3.58 6.70
C ILE A 98 -1.05 4.83 5.84
N TYR A 99 -2.33 4.99 5.46
CA TYR A 99 -2.79 6.08 4.58
C TYR A 99 -3.51 7.17 5.38
N GLU A 100 -3.45 8.41 4.88
CA GLU A 100 -4.20 9.55 5.41
C GLU A 100 -5.09 10.12 4.30
N VAL A 101 -6.40 10.00 4.50
CA VAL A 101 -7.41 10.53 3.58
C VAL A 101 -7.97 11.84 4.15
N GLU A 102 -7.73 12.95 3.44
CA GLU A 102 -8.24 14.28 3.79
C GLU A 102 -9.19 14.77 2.68
N ASN A 103 -10.40 15.21 3.06
CA ASN A 103 -11.42 15.77 2.12
C ASN A 103 -11.86 14.72 1.07
N GLY A 104 -11.87 13.43 1.48
CA GLY A 104 -12.26 12.32 0.61
C GLY A 104 -11.21 11.91 -0.43
N ARG A 105 -9.98 12.45 -0.28
CA ARG A 105 -8.84 12.17 -1.17
C ARG A 105 -7.61 11.86 -0.30
N ILE A 106 -6.85 10.83 -0.67
CA ILE A 106 -5.65 10.41 0.06
C ILE A 106 -4.59 11.51 -0.05
N ALA A 107 -4.47 12.32 1.01
CA ALA A 107 -3.57 13.48 1.04
C ALA A 107 -2.12 13.05 1.26
N LYS A 108 -1.95 11.93 1.96
CA LYS A 108 -0.63 11.37 2.33
C LYS A 108 -0.73 9.85 2.39
N ALA A 109 0.39 9.18 2.17
CA ALA A 109 0.49 7.73 2.24
C ALA A 109 1.89 7.37 2.71
N TRP A 110 1.97 6.43 3.66
CA TRP A 110 3.23 5.97 4.25
C TRP A 110 3.17 4.44 4.33
N PHE A 111 4.33 3.77 4.33
CA PHE A 111 4.39 2.33 4.62
C PHE A 111 5.66 2.02 5.42
N LYS A 112 5.54 1.04 6.32
CA LYS A 112 6.64 0.56 7.17
C LYS A 112 6.75 -0.96 7.06
N ILE A 113 7.95 -1.45 6.69
CA ILE A 113 8.20 -2.89 6.55
C ILE A 113 8.65 -3.42 7.92
N GLY A 114 7.85 -4.36 8.42
CA GLY A 114 8.07 -4.96 9.74
C GLY A 114 9.30 -5.87 9.78
N GLU A 115 9.24 -6.95 8.99
CA GLU A 115 10.33 -7.94 8.91
C GLU A 115 10.27 -8.72 7.58
N PRO A 116 11.36 -9.47 7.22
CA PRO A 116 11.30 -10.51 6.18
C PRO A 116 10.59 -11.80 6.68
N ARG A 117 9.67 -12.30 5.86
CA ARG A 117 8.95 -13.57 6.09
C ARG A 117 9.32 -14.56 4.98
N ILE A 118 9.50 -15.83 5.33
CA ILE A 118 9.63 -16.95 4.39
C ILE A 118 8.69 -18.05 4.89
N VAL A 119 8.15 -18.88 3.97
CA VAL A 119 7.23 -19.99 4.32
C VAL A 119 7.94 -21.00 5.26
N SER A 120 9.21 -21.31 4.93
CA SER A 120 10.06 -22.17 5.76
C SER A 120 10.59 -21.37 6.97
N GLN A 121 11.38 -20.31 6.69
CA GLN A 121 11.94 -19.43 7.74
C GLN A 121 10.86 -18.41 8.17
N LYS A 122 9.96 -18.86 9.05
CA LYS A 122 8.80 -18.08 9.51
C LYS A 122 8.90 -17.86 11.03
N SER A 123 9.08 -16.60 11.44
CA SER A 123 9.08 -16.22 12.87
C SER A 123 7.61 -16.22 13.40
N MET A 1 -18.36 8.83 10.21
CA MET A 1 -17.24 9.68 9.75
C MET A 1 -15.93 8.88 9.69
N ASN A 2 -15.86 7.91 8.74
CA ASN A 2 -14.68 7.04 8.56
C ASN A 2 -14.78 6.16 7.31
N SER A 3 -16.02 5.90 6.83
CA SER A 3 -16.27 5.02 5.67
C SER A 3 -15.63 5.61 4.42
N GLU A 4 -15.79 6.94 4.25
CA GLU A 4 -15.19 7.73 3.15
C GLU A 4 -13.66 7.75 3.20
N ILE A 5 -13.08 7.35 4.35
CA ILE A 5 -11.63 7.22 4.54
C ILE A 5 -11.19 5.79 4.16
N GLU A 6 -12.07 4.81 4.43
CA GLU A 6 -11.84 3.40 4.08
C GLU A 6 -12.28 3.10 2.63
N LEU A 7 -12.97 4.04 1.96
CA LEU A 7 -13.33 3.87 0.52
C LEU A 7 -12.04 3.87 -0.35
N PRO A 8 -11.13 4.93 -0.27
CA PRO A 8 -9.84 4.89 -1.00
C PRO A 8 -9.00 3.65 -0.65
N VAL A 9 -8.88 3.38 0.65
CA VAL A 9 -8.02 2.32 1.20
C VAL A 9 -8.45 0.90 0.76
N GLN A 10 -9.75 0.59 0.83
CA GLN A 10 -10.28 -0.77 0.51
C GLN A 10 -10.22 -1.00 -1.01
N LYS A 11 -10.57 0.04 -1.80
CA LYS A 11 -10.54 -0.02 -3.28
C LYS A 11 -9.09 -0.13 -3.80
N GLN A 12 -8.11 0.38 -3.00
CA GLN A 12 -6.67 0.17 -3.29
C GLN A 12 -6.34 -1.32 -3.28
N LEU A 13 -6.82 -2.05 -2.24
CA LEU A 13 -6.59 -3.50 -2.09
C LEU A 13 -7.12 -4.23 -3.31
N GLU A 14 -8.38 -3.94 -3.63
CA GLU A 14 -9.09 -4.57 -4.75
C GLU A 14 -8.30 -4.37 -6.06
N ALA A 15 -7.65 -3.22 -6.14
CA ALA A 15 -6.80 -2.81 -7.26
C ALA A 15 -5.37 -3.38 -7.18
N TYR A 16 -4.88 -3.67 -5.96
CA TYR A 16 -3.46 -4.05 -5.73
C TYR A 16 -3.21 -5.47 -6.27
N ASN A 17 -4.15 -6.38 -5.98
CA ASN A 17 -4.08 -7.78 -6.45
C ASN A 17 -4.54 -7.90 -7.92
N ALA A 18 -5.42 -6.99 -8.36
CA ALA A 18 -5.99 -6.98 -9.73
C ALA A 18 -5.21 -6.05 -10.69
N ARG A 19 -4.09 -5.47 -10.18
CA ARG A 19 -3.14 -4.64 -10.96
C ARG A 19 -3.74 -3.31 -11.50
N ASP A 20 -4.92 -2.91 -11.01
CA ASP A 20 -5.59 -1.68 -11.45
C ASP A 20 -4.94 -0.42 -10.83
N ILE A 21 -4.00 0.18 -11.57
CA ILE A 21 -3.46 1.52 -11.25
C ILE A 21 -4.58 2.59 -11.36
N ASP A 22 -5.61 2.29 -12.18
CA ASP A 22 -6.80 3.14 -12.36
C ASP A 22 -7.42 3.52 -10.99
N ALA A 23 -7.66 2.51 -10.13
CA ALA A 23 -8.20 2.73 -8.77
C ALA A 23 -7.08 3.11 -7.79
N PHE A 24 -5.90 2.50 -7.97
CA PHE A 24 -4.73 2.71 -7.08
C PHE A 24 -4.17 4.15 -7.20
N MET A 25 -4.71 4.95 -8.16
CA MET A 25 -4.41 6.39 -8.26
C MET A 25 -5.68 7.28 -8.14
N ALA A 26 -6.85 6.76 -8.58
CA ALA A 26 -8.12 7.56 -8.62
C ALA A 26 -8.55 8.05 -7.23
N TRP A 27 -8.25 7.24 -6.22
CA TRP A 27 -8.67 7.48 -4.83
C TRP A 27 -7.64 8.31 -4.04
N TRP A 28 -6.58 8.77 -4.72
CA TRP A 28 -5.52 9.60 -4.12
C TRP A 28 -5.71 11.06 -4.54
N ALA A 29 -5.14 11.97 -3.74
CA ALA A 29 -5.05 13.41 -4.07
C ALA A 29 -3.86 13.65 -4.99
N ASP A 30 -3.94 14.66 -5.89
CA ASP A 30 -2.81 15.00 -6.80
C ASP A 30 -1.60 15.56 -6.00
N ASP A 31 -1.90 16.09 -4.81
CA ASP A 31 -0.93 16.68 -3.87
C ASP A 31 -0.30 15.60 -2.93
N CYS A 32 -0.77 14.33 -3.07
CA CYS A 32 -0.50 13.25 -2.09
C CYS A 32 1.00 12.95 -1.90
N GLN A 33 1.41 12.85 -0.62
CA GLN A 33 2.78 12.48 -0.24
C GLN A 33 2.91 10.95 -0.13
N TYR A 34 4.13 10.44 -0.31
CA TYR A 34 4.43 8.99 -0.22
C TYR A 34 5.82 8.79 0.39
N TYR A 35 5.87 8.29 1.62
CA TYR A 35 7.11 7.99 2.35
C TYR A 35 7.29 6.47 2.51
N ALA A 36 8.56 6.08 2.66
CA ALA A 36 8.98 4.71 2.97
C ALA A 36 9.62 4.68 4.36
N PHE A 37 9.66 3.47 4.98
CA PHE A 37 10.31 3.25 6.31
C PHE A 37 11.77 3.80 6.32
N PRO A 38 12.18 4.67 7.31
CA PRO A 38 11.33 5.20 8.42
C PRO A 38 10.36 6.33 7.97
N ALA A 39 10.90 7.31 7.23
CA ALA A 39 10.16 8.47 6.71
C ALA A 39 11.02 9.10 5.60
N THR A 40 10.96 8.49 4.41
CA THR A 40 11.76 8.91 3.24
C THR A 40 10.82 9.19 2.06
N LEU A 41 10.65 10.49 1.74
CA LEU A 41 9.72 10.94 0.68
C LEU A 41 10.21 10.46 -0.70
N LEU A 42 9.57 9.40 -1.21
CA LEU A 42 9.87 8.85 -2.53
C LEU A 42 9.14 9.66 -3.61
N ALA A 43 7.91 10.09 -3.26
CA ALA A 43 7.00 10.78 -4.19
C ALA A 43 6.18 11.84 -3.45
N GLY A 44 6.37 13.13 -3.82
CA GLY A 44 5.72 14.26 -3.14
C GLY A 44 4.53 14.84 -3.90
N ASN A 45 3.72 13.92 -4.48
CA ASN A 45 2.57 14.21 -5.39
C ASN A 45 2.17 12.90 -6.11
N ALA A 46 0.88 12.80 -6.49
CA ALA A 46 0.28 11.57 -7.10
C ALA A 46 0.94 11.18 -8.43
N ALA A 47 1.50 12.16 -9.16
CA ALA A 47 2.10 11.93 -10.47
C ALA A 47 3.32 11.00 -10.38
N GLU A 48 4.10 11.17 -9.32
CA GLU A 48 5.28 10.33 -9.06
C GLU A 48 4.87 8.96 -8.49
N ILE A 49 3.75 8.95 -7.73
CA ILE A 49 3.21 7.75 -7.05
C ILE A 49 2.68 6.73 -8.07
N ARG A 50 1.98 7.21 -9.12
CA ARG A 50 1.44 6.34 -10.18
C ARG A 50 2.59 5.65 -10.93
N VAL A 51 3.65 6.42 -11.29
CA VAL A 51 4.86 5.90 -11.98
C VAL A 51 5.48 4.73 -11.18
N ARG A 52 5.78 5.03 -9.91
CA ARG A 52 6.40 4.10 -8.94
C ARG A 52 5.64 2.75 -8.87
N HIS A 53 4.29 2.84 -8.81
CA HIS A 53 3.42 1.67 -8.66
C HIS A 53 3.25 0.90 -9.99
N ILE A 54 3.22 1.59 -11.14
CA ILE A 54 3.13 0.92 -12.48
C ILE A 54 4.34 0.00 -12.67
N GLU A 55 5.53 0.54 -12.34
CA GLU A 55 6.81 -0.18 -12.44
C GLU A 55 6.84 -1.39 -11.48
N ARG A 56 6.18 -1.27 -10.34
CA ARG A 56 6.14 -2.33 -9.31
C ARG A 56 4.97 -3.33 -9.56
N PHE A 57 4.00 -2.95 -10.40
CA PHE A 57 2.90 -3.85 -10.83
C PHE A 57 3.34 -4.68 -12.05
N LYS A 58 4.56 -4.41 -12.58
CA LYS A 58 5.20 -5.25 -13.62
C LYS A 58 5.64 -6.61 -13.04
N GLU A 59 5.78 -6.68 -11.70
CA GLU A 59 6.18 -7.91 -10.99
C GLU A 59 5.09 -9.00 -11.14
N PRO A 60 5.41 -10.19 -11.72
CA PRO A 60 4.46 -11.33 -11.79
C PRO A 60 4.30 -12.04 -10.43
N ASP A 61 5.28 -11.83 -9.53
CA ASP A 61 5.29 -12.42 -8.18
C ASP A 61 4.40 -11.61 -7.22
N LEU A 62 4.18 -10.32 -7.55
CA LEU A 62 3.42 -9.37 -6.71
C LEU A 62 2.00 -9.89 -6.38
N TYR A 63 1.63 -9.87 -5.09
CA TYR A 63 0.29 -10.24 -4.62
C TYR A 63 -0.03 -9.47 -3.33
N GLY A 64 -1.30 -9.08 -3.17
CA GLY A 64 -1.79 -8.39 -1.98
C GLY A 64 -2.72 -9.26 -1.16
N GLU A 65 -2.32 -9.54 0.09
CA GLU A 65 -3.12 -10.36 1.02
C GLU A 65 -3.32 -9.56 2.31
N LEU A 66 -4.49 -8.92 2.47
CA LEU A 66 -4.75 -8.09 3.66
C LEU A 66 -5.16 -8.98 4.84
N LEU A 67 -4.65 -8.61 6.02
CA LEU A 67 -4.80 -9.39 7.26
C LEU A 67 -5.75 -8.66 8.21
N THR A 68 -5.43 -7.38 8.42
CA THR A 68 -6.08 -6.51 9.40
C THR A 68 -6.09 -5.05 8.89
N ARG A 69 -7.21 -4.34 9.11
CA ARG A 69 -7.29 -2.88 8.90
C ARG A 69 -7.94 -2.21 10.13
N VAL A 70 -7.19 -1.30 10.79
CA VAL A 70 -7.66 -0.51 11.94
C VAL A 70 -7.68 0.98 11.56
N ILE A 71 -8.82 1.65 11.75
CA ILE A 71 -8.97 3.08 11.35
C ILE A 71 -9.18 3.99 12.58
N VAL A 72 -8.41 5.09 12.59
CA VAL A 72 -8.53 6.18 13.55
C VAL A 72 -8.91 7.47 12.78
N GLY A 73 -10.19 7.87 12.85
CA GLY A 73 -10.65 9.14 12.24
C GLY A 73 -10.47 9.20 10.72
N ASN A 74 -9.42 9.94 10.26
CA ASN A 74 -9.14 10.14 8.82
C ASN A 74 -7.82 9.43 8.38
N VAL A 75 -7.38 8.43 9.16
CA VAL A 75 -6.17 7.64 8.84
C VAL A 75 -6.45 6.14 9.07
N VAL A 76 -6.03 5.28 8.12
CA VAL A 76 -6.20 3.82 8.20
C VAL A 76 -4.82 3.14 8.23
N ILE A 77 -4.69 2.13 9.11
CA ILE A 77 -3.59 1.16 9.08
C ILE A 77 -4.16 -0.09 8.39
N ASP A 78 -3.81 -0.30 7.13
CA ASP A 78 -4.10 -1.55 6.41
C ASP A 78 -2.80 -2.35 6.35
N HIS A 79 -2.76 -3.41 7.17
CA HIS A 79 -1.60 -4.26 7.35
C HIS A 79 -1.79 -5.51 6.48
N GLU A 80 -1.01 -5.56 5.38
CA GLU A 80 -1.02 -6.65 4.41
C GLU A 80 0.21 -7.55 4.58
N THR A 81 0.19 -8.65 3.83
CA THR A 81 1.37 -9.45 3.50
C THR A 81 1.55 -9.36 1.98
N VAL A 82 2.51 -8.53 1.55
CA VAL A 82 2.81 -8.32 0.13
C VAL A 82 3.83 -9.36 -0.34
N THR A 83 3.56 -9.97 -1.48
CA THR A 83 4.46 -10.95 -2.08
C THR A 83 5.49 -10.23 -2.98
N ARG A 84 6.78 -10.52 -2.75
CA ARG A 84 7.89 -9.90 -3.47
C ARG A 84 9.07 -10.87 -3.41
N ASN A 85 9.90 -10.90 -4.46
CA ASN A 85 10.89 -11.97 -4.66
C ASN A 85 12.14 -11.79 -3.76
N PHE A 86 12.21 -12.60 -2.68
CA PHE A 86 13.44 -12.81 -1.89
C PHE A 86 14.17 -14.03 -2.47
N PRO A 87 15.50 -13.91 -2.80
CA PRO A 87 16.28 -15.01 -3.46
C PRO A 87 16.41 -16.29 -2.61
N GLU A 88 16.12 -16.21 -1.29
CA GLU A 88 16.24 -17.36 -0.36
C GLU A 88 14.99 -18.26 -0.41
N GLY A 89 13.82 -17.65 -0.64
CA GLY A 89 12.54 -18.37 -0.66
C GLY A 89 11.49 -17.63 -1.47
N LYS A 90 10.25 -17.54 -0.95
CA LYS A 90 9.20 -16.72 -1.54
C LYS A 90 9.48 -15.22 -1.28
N GLY A 91 9.18 -14.71 -0.07
CA GLY A 91 9.46 -13.31 0.26
C GLY A 91 8.23 -12.48 0.52
N GLU A 92 7.18 -13.13 1.02
CA GLU A 92 5.87 -12.51 1.23
C GLU A 92 5.85 -11.86 2.64
N VAL A 93 6.09 -10.53 2.68
CA VAL A 93 6.41 -9.83 3.94
C VAL A 93 5.22 -9.02 4.44
N ASP A 94 5.07 -8.94 5.76
CA ASP A 94 4.03 -8.15 6.39
C ASP A 94 4.45 -6.66 6.37
N VAL A 95 3.52 -5.78 5.95
CA VAL A 95 3.78 -4.33 5.81
C VAL A 95 2.58 -3.57 6.39
N ALA A 96 2.84 -2.68 7.35
CA ALA A 96 1.84 -1.73 7.86
C ALA A 96 1.79 -0.51 6.93
N CYS A 97 0.78 -0.47 6.05
CA CYS A 97 0.55 0.66 5.14
C CYS A 97 -0.45 1.59 5.80
N ILE A 98 -0.05 2.86 5.98
CA ILE A 98 -0.82 3.87 6.72
C ILE A 98 -1.09 5.09 5.82
N TYR A 99 -2.37 5.35 5.52
CA TYR A 99 -2.80 6.43 4.60
C TYR A 99 -3.66 7.44 5.35
N GLU A 100 -3.28 8.73 5.26
CA GLU A 100 -4.08 9.84 5.79
C GLU A 100 -4.89 10.44 4.64
N VAL A 101 -6.20 10.25 4.71
CA VAL A 101 -7.16 10.64 3.68
C VAL A 101 -7.82 11.97 4.04
N GLU A 102 -7.83 12.90 3.08
CA GLU A 102 -8.47 14.21 3.21
C GLU A 102 -9.38 14.46 1.99
N ASN A 103 -10.69 14.75 2.27
CA ASN A 103 -11.74 14.98 1.23
C ASN A 103 -11.99 13.72 0.36
N GLY A 104 -11.93 12.54 0.98
CA GLY A 104 -12.17 11.25 0.27
C GLY A 104 -11.02 10.84 -0.66
N ARG A 105 -9.93 11.62 -0.63
CA ARG A 105 -8.72 11.39 -1.44
C ARG A 105 -7.53 11.27 -0.48
N ILE A 106 -6.67 10.28 -0.71
CA ILE A 106 -5.45 10.07 0.11
C ILE A 106 -4.50 11.26 -0.09
N ALA A 107 -4.42 12.13 0.92
CA ALA A 107 -3.60 13.35 0.86
C ALA A 107 -2.16 13.07 1.28
N LYS A 108 -1.97 12.00 2.07
CA LYS A 108 -0.63 11.55 2.53
C LYS A 108 -0.62 10.03 2.67
N ALA A 109 0.56 9.44 2.44
CA ALA A 109 0.75 7.99 2.45
C ALA A 109 2.14 7.67 3.01
N TRP A 110 2.18 6.65 3.84
CA TRP A 110 3.42 6.13 4.42
C TRP A 110 3.30 4.60 4.40
N PHE A 111 4.42 3.88 4.34
CA PHE A 111 4.42 2.43 4.57
C PHE A 111 5.68 2.04 5.34
N LYS A 112 5.51 1.15 6.33
CA LYS A 112 6.60 0.56 7.09
C LYS A 112 6.47 -0.96 7.03
N ILE A 113 7.55 -1.65 6.68
CA ILE A 113 7.56 -3.11 6.57
C ILE A 113 7.91 -3.69 7.94
N GLY A 114 7.12 -4.68 8.37
CA GLY A 114 7.33 -5.37 9.64
C GLY A 114 8.70 -6.03 9.73
N GLU A 115 8.86 -7.17 9.03
CA GLU A 115 10.14 -7.87 8.91
C GLU A 115 10.12 -8.78 7.65
N PRO A 116 11.29 -9.32 7.18
CA PRO A 116 11.34 -10.32 6.08
C PRO A 116 10.66 -11.66 6.49
N ARG A 117 9.88 -12.23 5.57
CA ARG A 117 9.07 -13.44 5.80
C ARG A 117 9.22 -14.39 4.59
N ILE A 118 9.35 -15.70 4.86
CA ILE A 118 9.37 -16.77 3.82
C ILE A 118 8.29 -17.81 4.20
N VAL A 119 7.60 -18.39 3.19
CA VAL A 119 6.59 -19.46 3.43
C VAL A 119 7.22 -20.66 4.18
N SER A 120 8.43 -21.04 3.73
CA SER A 120 9.20 -22.17 4.30
C SER A 120 10.11 -21.74 5.47
N GLN A 121 9.95 -20.50 5.98
CA GLN A 121 10.69 -19.99 7.17
C GLN A 121 10.27 -20.78 8.42
N LYS A 122 8.97 -21.07 8.53
CA LYS A 122 8.38 -21.98 9.54
C LYS A 122 7.98 -23.31 8.87
N SER A 123 7.94 -24.39 9.65
CA SER A 123 7.38 -25.69 9.24
C SER A 123 6.60 -26.29 10.44
N MET A 1 -19.16 6.00 11.05
CA MET A 1 -19.21 7.40 10.59
C MET A 1 -17.90 7.82 9.87
N ASN A 2 -16.98 6.85 9.66
CA ASN A 2 -15.71 7.06 8.92
C ASN A 2 -15.70 6.19 7.64
N SER A 3 -16.88 6.05 7.03
CA SER A 3 -17.12 5.19 5.85
C SER A 3 -16.31 5.67 4.62
N GLU A 4 -16.28 7.01 4.42
CA GLU A 4 -15.60 7.64 3.27
C GLU A 4 -14.07 7.52 3.34
N ILE A 5 -13.55 7.15 4.52
CA ILE A 5 -12.11 6.98 4.75
C ILE A 5 -11.67 5.58 4.32
N GLU A 6 -12.56 4.58 4.46
CA GLU A 6 -12.29 3.20 4.01
C GLU A 6 -12.68 2.97 2.53
N LEU A 7 -13.39 3.94 1.91
CA LEU A 7 -13.72 3.87 0.47
C LEU A 7 -12.43 3.85 -0.40
N PRO A 8 -11.42 4.78 -0.22
CA PRO A 8 -10.12 4.65 -0.91
C PRO A 8 -9.43 3.33 -0.58
N VAL A 9 -9.31 3.04 0.74
CA VAL A 9 -8.56 1.88 1.29
C VAL A 9 -8.95 0.54 0.63
N GLN A 10 -10.24 0.26 0.62
CA GLN A 10 -10.81 -0.98 0.08
C GLN A 10 -10.50 -1.12 -1.43
N LYS A 11 -10.74 -0.04 -2.18
CA LYS A 11 -10.59 -0.01 -3.65
C LYS A 11 -9.10 -0.07 -4.07
N GLN A 12 -8.23 0.49 -3.21
CA GLN A 12 -6.76 0.45 -3.41
C GLN A 12 -6.27 -1.00 -3.41
N LEU A 13 -6.71 -1.74 -2.38
CA LEU A 13 -6.34 -3.14 -2.15
C LEU A 13 -6.72 -4.03 -3.35
N GLU A 14 -7.98 -3.92 -3.77
CA GLU A 14 -8.53 -4.70 -4.91
C GLU A 14 -7.72 -4.40 -6.19
N ALA A 15 -7.40 -3.11 -6.36
CA ALA A 15 -6.63 -2.59 -7.50
C ALA A 15 -5.15 -3.00 -7.44
N TYR A 16 -4.64 -3.20 -6.21
CA TYR A 16 -3.21 -3.50 -5.95
C TYR A 16 -2.84 -4.89 -6.48
N ASN A 17 -3.75 -5.86 -6.26
CA ASN A 17 -3.59 -7.25 -6.75
C ASN A 17 -4.03 -7.38 -8.21
N ALA A 18 -5.00 -6.54 -8.61
CA ALA A 18 -5.62 -6.60 -9.96
C ALA A 18 -4.86 -5.74 -10.99
N ARG A 19 -3.75 -5.12 -10.54
CA ARG A 19 -2.82 -4.31 -11.37
C ARG A 19 -3.44 -2.97 -11.83
N ASP A 20 -4.63 -2.62 -11.32
CA ASP A 20 -5.31 -1.36 -11.66
C ASP A 20 -4.66 -0.19 -10.91
N ILE A 21 -3.72 0.49 -11.59
CA ILE A 21 -3.19 1.77 -11.15
C ILE A 21 -4.29 2.86 -11.27
N ASP A 22 -5.28 2.61 -12.15
CA ASP A 22 -6.44 3.49 -12.36
C ASP A 22 -7.20 3.78 -11.05
N ALA A 23 -7.53 2.73 -10.29
CA ALA A 23 -8.21 2.86 -8.98
C ALA A 23 -7.19 3.15 -7.88
N PHE A 24 -6.01 2.52 -8.00
CA PHE A 24 -4.90 2.68 -7.03
C PHE A 24 -4.35 4.13 -7.03
N MET A 25 -4.80 4.98 -7.97
CA MET A 25 -4.47 6.41 -8.00
C MET A 25 -5.73 7.30 -7.86
N ALA A 26 -6.89 6.82 -8.38
CA ALA A 26 -8.14 7.61 -8.42
C ALA A 26 -8.62 8.03 -7.01
N TRP A 27 -8.31 7.18 -6.04
CA TRP A 27 -8.74 7.36 -4.64
C TRP A 27 -7.70 8.13 -3.79
N TRP A 28 -6.68 8.68 -4.45
CA TRP A 28 -5.62 9.50 -3.82
C TRP A 28 -5.78 10.96 -4.29
N ALA A 29 -5.13 11.89 -3.58
CA ALA A 29 -5.11 13.33 -3.95
C ALA A 29 -4.05 13.59 -5.03
N ASP A 30 -4.25 14.63 -5.85
CA ASP A 30 -3.30 15.01 -6.93
C ASP A 30 -1.94 15.46 -6.35
N ASP A 31 -1.97 16.00 -5.11
CA ASP A 31 -0.78 16.47 -4.38
C ASP A 31 -0.39 15.48 -3.26
N CYS A 32 -0.86 14.22 -3.37
CA CYS A 32 -0.61 13.18 -2.35
C CYS A 32 0.91 12.97 -2.13
N GLN A 33 1.38 13.34 -0.94
CA GLN A 33 2.77 13.10 -0.50
C GLN A 33 2.93 11.61 -0.18
N TYR A 34 4.15 11.08 -0.35
CA TYR A 34 4.42 9.65 -0.20
C TYR A 34 5.81 9.44 0.39
N TYR A 35 5.85 8.87 1.61
CA TYR A 35 7.08 8.59 2.38
C TYR A 35 7.28 7.09 2.55
N ALA A 36 8.54 6.71 2.77
CA ALA A 36 8.95 5.34 3.11
C ALA A 36 9.65 5.34 4.49
N PHE A 37 9.63 4.18 5.17
CA PHE A 37 10.20 4.01 6.51
C PHE A 37 11.76 4.20 6.49
N PRO A 38 12.38 5.01 7.43
CA PRO A 38 11.67 5.79 8.49
C PRO A 38 10.89 7.02 7.95
N ALA A 39 11.57 7.94 7.24
CA ALA A 39 10.94 9.14 6.67
C ALA A 39 11.74 9.62 5.44
N THR A 40 11.32 9.15 4.25
CA THR A 40 11.89 9.59 2.97
C THR A 40 10.76 9.84 1.97
N LEU A 41 10.52 11.12 1.64
CA LEU A 41 9.51 11.51 0.65
C LEU A 41 10.00 11.07 -0.74
N LEU A 42 9.41 9.96 -1.24
CA LEU A 42 9.70 9.39 -2.55
C LEU A 42 8.97 10.20 -3.64
N ALA A 43 7.68 10.49 -3.38
CA ALA A 43 6.77 11.09 -4.36
C ALA A 43 5.96 12.22 -3.71
N GLY A 44 6.02 13.43 -4.30
CA GLY A 44 5.38 14.63 -3.73
C GLY A 44 4.11 15.05 -4.45
N ASN A 45 3.37 14.05 -4.90
CA ASN A 45 2.18 14.19 -5.79
C ASN A 45 1.80 12.79 -6.31
N ALA A 46 0.52 12.67 -6.74
CA ALA A 46 -0.05 11.39 -7.21
C ALA A 46 0.73 10.78 -8.40
N ALA A 47 1.10 11.64 -9.37
CA ALA A 47 1.67 11.20 -10.65
C ALA A 47 3.01 10.45 -10.46
N GLU A 48 3.79 10.88 -9.45
CA GLU A 48 5.07 10.22 -9.09
C GLU A 48 4.82 8.90 -8.31
N ILE A 49 3.72 8.84 -7.52
CA ILE A 49 3.35 7.65 -6.74
C ILE A 49 3.00 6.48 -7.68
N ARG A 50 2.10 6.76 -8.63
CA ARG A 50 1.53 5.73 -9.52
C ARG A 50 2.61 5.12 -10.43
N VAL A 51 3.50 5.96 -11.01
CA VAL A 51 4.53 5.48 -11.96
C VAL A 51 5.56 4.58 -11.27
N ARG A 52 5.83 4.87 -9.98
CA ARG A 52 6.75 4.09 -9.15
C ARG A 52 6.11 2.73 -8.80
N HIS A 53 4.78 2.73 -8.59
CA HIS A 53 4.02 1.50 -8.32
C HIS A 53 3.81 0.69 -9.60
N ILE A 54 3.75 1.34 -10.78
CA ILE A 54 3.59 0.64 -12.08
C ILE A 54 4.73 -0.40 -12.25
N GLU A 55 5.95 0.01 -11.87
CA GLU A 55 7.16 -0.85 -11.92
C GLU A 55 7.00 -2.09 -11.01
N ARG A 56 6.38 -1.88 -9.84
CA ARG A 56 6.09 -2.97 -8.87
C ARG A 56 4.91 -3.84 -9.36
N PHE A 57 4.01 -3.24 -10.15
CA PHE A 57 2.84 -3.93 -10.74
C PHE A 57 3.24 -4.70 -12.03
N LYS A 58 4.50 -4.49 -12.53
CA LYS A 58 5.01 -5.22 -13.71
C LYS A 58 5.42 -6.66 -13.35
N GLU A 59 5.93 -6.84 -12.13
CA GLU A 59 6.38 -8.17 -11.67
C GLU A 59 5.16 -8.95 -11.13
N PRO A 60 4.81 -10.12 -11.76
CA PRO A 60 3.52 -10.82 -11.55
C PRO A 60 3.40 -11.55 -10.20
N ASP A 61 4.53 -11.63 -9.48
CA ASP A 61 4.60 -12.28 -8.15
C ASP A 61 4.03 -11.37 -7.05
N LEU A 62 3.82 -10.07 -7.40
CA LEU A 62 3.18 -9.10 -6.50
C LEU A 62 1.77 -9.56 -6.11
N TYR A 63 1.58 -9.91 -4.84
CA TYR A 63 0.27 -10.29 -4.31
C TYR A 63 0.20 -9.91 -2.83
N GLY A 64 -0.68 -8.96 -2.49
CA GLY A 64 -0.90 -8.54 -1.11
C GLY A 64 -2.19 -9.12 -0.57
N GLU A 65 -2.05 -10.18 0.25
CA GLU A 65 -3.20 -10.79 0.94
C GLU A 65 -3.45 -10.01 2.23
N LEU A 66 -4.46 -9.13 2.19
CA LEU A 66 -4.79 -8.25 3.31
C LEU A 66 -5.68 -9.01 4.28
N LEU A 67 -5.26 -8.97 5.54
CA LEU A 67 -5.79 -9.81 6.60
C LEU A 67 -6.45 -8.96 7.70
N THR A 68 -5.91 -7.75 7.92
CA THR A 68 -6.41 -6.80 8.93
C THR A 68 -6.19 -5.35 8.43
N ARG A 69 -7.19 -4.47 8.65
CA ARG A 69 -7.02 -3.02 8.48
C ARG A 69 -7.64 -2.31 9.71
N VAL A 70 -6.86 -1.40 10.32
CA VAL A 70 -7.30 -0.59 11.47
C VAL A 70 -7.52 0.87 11.00
N ILE A 71 -8.69 1.42 11.33
CA ILE A 71 -9.04 2.81 10.97
C ILE A 71 -9.14 3.68 12.23
N VAL A 72 -8.35 4.75 12.25
CA VAL A 72 -8.36 5.78 13.30
C VAL A 72 -8.86 7.09 12.67
N GLY A 73 -10.18 7.34 12.78
CA GLY A 73 -10.81 8.54 12.22
C GLY A 73 -10.59 8.68 10.71
N ASN A 74 -9.81 9.72 10.30
CA ASN A 74 -9.55 10.04 8.87
C ASN A 74 -8.19 9.49 8.38
N VAL A 75 -7.61 8.56 9.14
CA VAL A 75 -6.31 7.91 8.78
C VAL A 75 -6.42 6.40 9.01
N VAL A 76 -5.95 5.59 8.04
CA VAL A 76 -6.04 4.11 8.10
C VAL A 76 -4.64 3.48 7.97
N ILE A 77 -4.38 2.47 8.83
CA ILE A 77 -3.27 1.54 8.66
C ILE A 77 -3.86 0.22 8.14
N ASP A 78 -3.43 -0.21 6.96
CA ASP A 78 -3.73 -1.56 6.47
C ASP A 78 -2.54 -2.49 6.77
N HIS A 79 -2.82 -3.78 6.86
CA HIS A 79 -1.79 -4.80 7.14
C HIS A 79 -2.05 -6.00 6.22
N GLU A 80 -1.18 -6.15 5.24
CA GLU A 80 -1.20 -7.24 4.27
C GLU A 80 0.13 -7.99 4.31
N THR A 81 0.15 -9.14 3.64
CA THR A 81 1.38 -9.90 3.36
C THR A 81 1.61 -9.93 1.83
N VAL A 82 2.58 -9.14 1.35
CA VAL A 82 2.99 -9.15 -0.06
C VAL A 82 4.03 -10.23 -0.33
N THR A 83 3.74 -11.10 -1.29
CA THR A 83 4.69 -12.07 -1.83
C THR A 83 5.73 -11.32 -2.66
N ARG A 84 6.99 -11.38 -2.24
CA ARG A 84 8.14 -10.79 -2.96
C ARG A 84 9.15 -11.92 -3.17
N ASN A 85 9.50 -12.22 -4.42
CA ASN A 85 10.36 -13.39 -4.74
C ASN A 85 11.81 -13.11 -4.36
N PHE A 86 12.15 -13.45 -3.11
CA PHE A 86 13.50 -13.34 -2.58
C PHE A 86 14.32 -14.59 -2.98
N PRO A 87 15.65 -14.46 -3.26
CA PRO A 87 16.51 -15.59 -3.72
C PRO A 87 16.58 -16.77 -2.73
N GLU A 88 16.26 -16.52 -1.45
CA GLU A 88 16.30 -17.53 -0.38
C GLU A 88 15.04 -18.43 -0.35
N GLY A 89 13.89 -17.92 -0.82
CA GLY A 89 12.65 -18.70 -0.81
C GLY A 89 11.41 -17.90 -1.23
N LYS A 90 10.31 -18.05 -0.46
CA LYS A 90 9.04 -17.35 -0.68
C LYS A 90 9.25 -15.83 -0.71
N GLY A 91 9.53 -15.24 0.47
CA GLY A 91 9.83 -13.82 0.56
C GLY A 91 8.62 -12.98 0.89
N GLU A 92 7.70 -13.55 1.66
CA GLU A 92 6.41 -12.92 1.95
C GLU A 92 6.57 -12.00 3.18
N VAL A 93 6.55 -10.68 2.93
CA VAL A 93 6.76 -9.68 3.98
C VAL A 93 5.42 -9.01 4.33
N ASP A 94 5.23 -8.70 5.61
CA ASP A 94 4.08 -7.93 6.08
C ASP A 94 4.46 -6.45 6.07
N VAL A 95 3.51 -5.57 5.69
CA VAL A 95 3.73 -4.10 5.70
C VAL A 95 2.53 -3.43 6.45
N ALA A 96 2.79 -2.30 7.10
CA ALA A 96 1.76 -1.45 7.70
C ALA A 96 1.79 -0.09 7.01
N CYS A 97 0.84 0.14 6.08
CA CYS A 97 0.79 1.36 5.27
C CYS A 97 -0.22 2.32 5.89
N ILE A 98 0.31 3.39 6.50
CA ILE A 98 -0.48 4.43 7.17
C ILE A 98 -0.65 5.63 6.24
N TYR A 99 -1.88 5.88 5.78
CA TYR A 99 -2.19 7.01 4.88
C TYR A 99 -3.36 7.84 5.43
N GLU A 100 -3.21 9.17 5.33
CA GLU A 100 -4.16 10.15 5.87
C GLU A 100 -5.09 10.63 4.74
N VAL A 101 -6.36 10.27 4.88
CA VAL A 101 -7.44 10.64 3.97
C VAL A 101 -8.05 11.99 4.40
N GLU A 102 -7.92 13.01 3.54
CA GLU A 102 -8.50 14.34 3.74
C GLU A 102 -9.39 14.72 2.53
N ASN A 103 -10.64 15.14 2.82
CA ASN A 103 -11.69 15.42 1.81
C ASN A 103 -12.02 14.17 0.95
N GLY A 104 -11.88 12.99 1.56
CA GLY A 104 -12.12 11.71 0.89
C GLY A 104 -10.90 11.15 0.16
N ARG A 105 -9.93 12.02 -0.14
CA ARG A 105 -8.76 11.70 -0.98
C ARG A 105 -7.52 11.61 -0.08
N ILE A 106 -6.63 10.64 -0.34
CA ILE A 106 -5.39 10.49 0.44
C ILE A 106 -4.45 11.68 0.18
N ALA A 107 -4.35 12.59 1.17
CA ALA A 107 -3.53 13.81 1.08
C ALA A 107 -2.05 13.50 1.30
N LYS A 108 -1.78 12.53 2.18
CA LYS A 108 -0.42 12.08 2.55
C LYS A 108 -0.44 10.57 2.77
N ALA A 109 0.66 9.90 2.43
CA ALA A 109 0.79 8.44 2.54
C ALA A 109 2.18 8.09 3.06
N TRP A 110 2.23 7.11 3.96
CA TRP A 110 3.47 6.64 4.62
C TRP A 110 3.37 5.10 4.73
N PHE A 111 4.49 4.36 4.66
CA PHE A 111 4.46 2.89 4.88
C PHE A 111 5.72 2.42 5.61
N LYS A 112 5.56 1.37 6.44
CA LYS A 112 6.69 0.69 7.11
C LYS A 112 6.60 -0.82 6.83
N ILE A 113 7.70 -1.42 6.35
CA ILE A 113 7.76 -2.85 6.05
C ILE A 113 8.23 -3.60 7.31
N GLY A 114 7.37 -4.53 7.76
CA GLY A 114 7.56 -5.27 9.01
C GLY A 114 8.80 -6.16 9.04
N GLU A 115 8.63 -7.45 8.70
CA GLU A 115 9.72 -8.44 8.74
C GLU A 115 9.69 -9.27 7.44
N PRO A 116 10.84 -9.87 7.03
CA PRO A 116 10.91 -10.78 5.87
C PRO A 116 10.68 -12.26 6.26
N ARG A 117 9.58 -12.86 5.77
CA ARG A 117 9.19 -14.23 6.15
C ARG A 117 9.32 -15.19 4.96
N ILE A 118 9.54 -16.48 5.28
CA ILE A 118 9.69 -17.57 4.31
C ILE A 118 8.77 -18.73 4.74
N VAL A 119 8.39 -19.60 3.79
CA VAL A 119 7.62 -20.84 4.09
C VAL A 119 8.51 -21.87 4.82
N SER A 120 9.76 -22.03 4.34
CA SER A 120 10.76 -22.93 4.95
C SER A 120 11.32 -22.36 6.29
N GLN A 121 10.96 -21.09 6.61
CA GLN A 121 11.28 -20.46 7.92
C GLN A 121 10.48 -21.13 9.05
N LYS A 122 9.25 -21.57 8.70
CA LYS A 122 8.38 -22.35 9.60
C LYS A 122 8.32 -23.82 9.10
N SER A 123 7.42 -24.63 9.70
CA SER A 123 7.16 -26.01 9.24
C SER A 123 5.77 -26.46 9.78
N MET A 1 -19.62 7.52 9.16
CA MET A 1 -18.79 8.38 10.06
C MET A 1 -17.35 8.47 9.53
N ASN A 2 -16.82 7.33 9.01
CA ASN A 2 -15.46 7.23 8.44
C ASN A 2 -15.52 6.48 7.11
N SER A 3 -16.71 6.53 6.46
CA SER A 3 -17.01 5.79 5.23
C SER A 3 -16.07 6.23 4.08
N GLU A 4 -15.96 7.57 3.90
CA GLU A 4 -15.10 8.18 2.84
C GLU A 4 -13.58 7.96 3.09
N ILE A 5 -13.23 7.40 4.26
CA ILE A 5 -11.84 7.04 4.60
C ILE A 5 -11.58 5.56 4.25
N GLU A 6 -12.65 4.75 4.36
CA GLU A 6 -12.61 3.32 4.05
C GLU A 6 -12.72 3.06 2.54
N LEU A 7 -13.48 3.93 1.83
CA LEU A 7 -13.73 3.78 0.38
C LEU A 7 -12.40 3.78 -0.45
N PRO A 8 -11.43 4.74 -0.23
CA PRO A 8 -10.10 4.67 -0.87
C PRO A 8 -9.38 3.34 -0.58
N VAL A 9 -9.08 3.10 0.70
CA VAL A 9 -8.18 2.01 1.12
C VAL A 9 -8.72 0.61 0.75
N GLN A 10 -10.05 0.49 0.65
CA GLN A 10 -10.73 -0.76 0.28
C GLN A 10 -10.53 -1.05 -1.22
N LYS A 11 -10.91 -0.07 -2.08
CA LYS A 11 -10.89 -0.23 -3.55
C LYS A 11 -9.45 -0.33 -4.10
N GLN A 12 -8.52 0.34 -3.39
CA GLN A 12 -7.09 0.37 -3.75
C GLN A 12 -6.40 -0.94 -3.42
N LEU A 13 -6.79 -1.57 -2.30
CA LEU A 13 -6.28 -2.90 -1.92
C LEU A 13 -6.64 -3.90 -3.00
N GLU A 14 -7.92 -3.86 -3.39
CA GLU A 14 -8.45 -4.75 -4.42
C GLU A 14 -7.65 -4.54 -5.72
N ALA A 15 -7.44 -3.25 -6.04
CA ALA A 15 -6.69 -2.77 -7.21
C ALA A 15 -5.19 -3.12 -7.13
N TYR A 16 -4.65 -3.31 -5.90
CA TYR A 16 -3.20 -3.57 -5.69
C TYR A 16 -2.82 -4.95 -6.26
N ASN A 17 -3.71 -5.94 -6.04
CA ASN A 17 -3.54 -7.33 -6.56
C ASN A 17 -4.23 -7.48 -7.94
N ALA A 18 -5.25 -6.65 -8.21
CA ALA A 18 -6.00 -6.66 -9.51
C ALA A 18 -5.28 -5.85 -10.58
N ARG A 19 -4.19 -5.16 -10.18
CA ARG A 19 -3.25 -4.47 -11.07
C ARG A 19 -3.87 -3.21 -11.75
N ASP A 20 -5.01 -2.75 -11.22
CA ASP A 20 -5.69 -1.54 -11.72
C ASP A 20 -5.06 -0.30 -11.07
N ILE A 21 -4.10 0.32 -11.77
CA ILE A 21 -3.49 1.60 -11.36
C ILE A 21 -4.53 2.74 -11.38
N ASP A 22 -5.54 2.62 -12.28
CA ASP A 22 -6.66 3.58 -12.37
C ASP A 22 -7.39 3.73 -11.03
N ALA A 23 -7.71 2.59 -10.38
CA ALA A 23 -8.39 2.55 -9.06
C ALA A 23 -7.38 2.74 -7.91
N PHE A 24 -6.15 2.24 -8.11
CA PHE A 24 -5.07 2.34 -7.11
C PHE A 24 -4.52 3.79 -7.04
N MET A 25 -4.94 4.67 -7.98
CA MET A 25 -4.62 6.10 -7.95
C MET A 25 -5.89 6.99 -7.89
N ALA A 26 -7.07 6.41 -8.21
CA ALA A 26 -8.35 7.17 -8.31
C ALA A 26 -8.64 8.01 -7.06
N TRP A 27 -8.53 7.35 -5.91
CA TRP A 27 -8.99 7.89 -4.61
C TRP A 27 -7.91 8.74 -3.91
N TRP A 28 -6.78 9.00 -4.59
CA TRP A 28 -5.67 9.80 -4.04
C TRP A 28 -5.83 11.27 -4.46
N ALA A 29 -5.35 12.20 -3.61
CA ALA A 29 -5.26 13.63 -3.95
C ALA A 29 -4.08 13.87 -4.91
N ASP A 30 -4.17 14.92 -5.75
CA ASP A 30 -3.10 15.25 -6.74
C ASP A 30 -1.78 15.65 -6.03
N ASP A 31 -1.91 16.22 -4.82
CA ASP A 31 -0.77 16.66 -3.99
C ASP A 31 -0.38 15.60 -2.94
N CYS A 32 -0.79 14.33 -3.17
CA CYS A 32 -0.58 13.24 -2.20
C CYS A 32 0.91 12.99 -1.93
N GLN A 33 1.33 13.23 -0.68
CA GLN A 33 2.68 12.94 -0.22
C GLN A 33 2.87 11.42 -0.10
N TYR A 34 4.10 10.95 -0.32
CA TYR A 34 4.44 9.53 -0.24
C TYR A 34 5.82 9.39 0.38
N TYR A 35 5.87 8.72 1.54
CA TYR A 35 7.11 8.47 2.27
C TYR A 35 7.36 6.96 2.38
N ALA A 36 8.65 6.61 2.40
CA ALA A 36 9.13 5.25 2.66
C ALA A 36 9.66 5.19 4.10
N PHE A 37 9.63 4.00 4.71
CA PHE A 37 10.16 3.79 6.08
C PHE A 37 11.66 4.22 6.17
N PRO A 38 12.08 5.09 7.17
CA PRO A 38 11.22 5.67 8.24
C PRO A 38 10.22 6.72 7.72
N ALA A 39 10.77 7.80 7.13
CA ALA A 39 9.98 8.87 6.51
C ALA A 39 10.87 9.62 5.50
N THR A 40 11.11 8.97 4.36
CA THR A 40 11.85 9.52 3.23
C THR A 40 10.86 9.87 2.10
N LEU A 41 10.68 11.17 1.84
CA LEU A 41 9.71 11.67 0.86
C LEU A 41 10.14 11.22 -0.57
N LEU A 42 9.46 10.19 -1.09
CA LEU A 42 9.68 9.67 -2.45
C LEU A 42 8.91 10.51 -3.48
N ALA A 43 7.65 10.84 -3.16
CA ALA A 43 6.72 11.49 -4.12
C ALA A 43 5.89 12.58 -3.43
N GLY A 44 6.07 13.85 -3.87
CA GLY A 44 5.37 15.00 -3.26
C GLY A 44 4.05 15.34 -3.95
N ASN A 45 3.39 14.29 -4.45
CA ASN A 45 2.27 14.37 -5.41
C ASN A 45 1.95 12.96 -5.95
N ALA A 46 0.69 12.77 -6.37
CA ALA A 46 0.16 11.47 -6.85
C ALA A 46 0.78 11.03 -8.19
N ALA A 47 1.27 12.00 -8.99
CA ALA A 47 1.87 11.77 -10.32
C ALA A 47 3.04 10.79 -10.25
N GLU A 48 3.94 11.02 -9.28
CA GLU A 48 5.13 10.19 -9.09
C GLU A 48 4.75 8.85 -8.45
N ILE A 49 3.70 8.85 -7.61
CA ILE A 49 3.23 7.65 -6.89
C ILE A 49 2.71 6.57 -7.88
N ARG A 50 1.83 6.99 -8.81
CA ARG A 50 1.19 6.07 -9.78
C ARG A 50 2.25 5.43 -10.69
N VAL A 51 3.14 6.26 -11.26
CA VAL A 51 4.19 5.82 -12.20
C VAL A 51 5.20 4.86 -11.51
N ARG A 52 5.58 5.21 -10.28
CA ARG A 52 6.54 4.43 -9.46
C ARG A 52 5.93 3.08 -9.04
N HIS A 53 4.60 3.06 -8.85
CA HIS A 53 3.86 1.82 -8.52
C HIS A 53 3.65 0.95 -9.76
N ILE A 54 3.56 1.55 -10.97
CA ILE A 54 3.48 0.77 -12.23
C ILE A 54 4.71 -0.16 -12.36
N GLU A 55 5.86 0.37 -11.95
CA GLU A 55 7.14 -0.35 -11.90
C GLU A 55 7.09 -1.52 -10.87
N ARG A 56 6.35 -1.30 -9.77
CA ARG A 56 6.13 -2.34 -8.73
C ARG A 56 5.05 -3.36 -9.18
N PHE A 57 4.16 -2.93 -10.10
CA PHE A 57 3.11 -3.81 -10.67
C PHE A 57 3.68 -4.63 -11.84
N LYS A 58 4.96 -4.37 -12.23
CA LYS A 58 5.70 -5.22 -13.18
C LYS A 58 6.23 -6.50 -12.51
N GLU A 59 6.13 -6.57 -11.17
CA GLU A 59 6.41 -7.80 -10.40
C GLU A 59 5.26 -8.79 -10.65
N PRO A 60 5.47 -9.95 -11.36
CA PRO A 60 4.40 -10.94 -11.62
C PRO A 60 3.87 -11.58 -10.30
N ASP A 61 4.75 -11.64 -9.29
CA ASP A 61 4.46 -12.26 -7.98
C ASP A 61 3.92 -11.23 -6.97
N LEU A 62 3.68 -9.97 -7.41
CA LEU A 62 3.13 -8.93 -6.53
C LEU A 62 1.70 -9.30 -6.10
N TYR A 63 1.53 -9.58 -4.82
CA TYR A 63 0.22 -9.91 -4.24
C TYR A 63 0.21 -9.42 -2.78
N GLY A 64 -0.68 -8.46 -2.48
CA GLY A 64 -0.86 -7.99 -1.11
C GLY A 64 -2.00 -8.74 -0.45
N GLU A 65 -1.66 -9.73 0.37
CA GLU A 65 -2.65 -10.49 1.15
C GLU A 65 -3.01 -9.67 2.40
N LEU A 66 -4.15 -8.95 2.36
CA LEU A 66 -4.59 -8.17 3.51
C LEU A 66 -5.18 -9.13 4.54
N LEU A 67 -4.67 -9.03 5.76
CA LEU A 67 -5.06 -9.89 6.90
C LEU A 67 -5.78 -9.04 7.96
N THR A 68 -5.36 -7.77 8.09
CA THR A 68 -5.87 -6.83 9.08
C THR A 68 -5.71 -5.39 8.55
N ARG A 69 -6.72 -4.53 8.78
CA ARG A 69 -6.53 -3.07 8.65
C ARG A 69 -7.33 -2.36 9.75
N VAL A 70 -6.63 -1.50 10.51
CA VAL A 70 -7.20 -0.77 11.64
C VAL A 70 -7.39 0.72 11.28
N ILE A 71 -8.64 1.19 11.32
CA ILE A 71 -8.98 2.59 11.03
C ILE A 71 -9.08 3.39 12.34
N VAL A 72 -8.64 4.63 12.27
CA VAL A 72 -8.61 5.58 13.37
C VAL A 72 -8.80 7.00 12.80
N GLY A 73 -10.08 7.48 12.85
CA GLY A 73 -10.44 8.80 12.34
C GLY A 73 -10.37 8.88 10.81
N ASN A 74 -9.47 9.74 10.30
CA ASN A 74 -9.28 9.93 8.84
C ASN A 74 -8.03 9.19 8.32
N VAL A 75 -7.55 8.21 9.09
CA VAL A 75 -6.29 7.47 8.83
C VAL A 75 -6.55 5.95 8.96
N VAL A 76 -6.03 5.13 8.01
CA VAL A 76 -6.12 3.65 8.08
C VAL A 76 -4.72 3.03 7.98
N ILE A 77 -4.46 2.01 8.82
CA ILE A 77 -3.26 1.14 8.74
C ILE A 77 -3.67 -0.15 8.01
N ASP A 78 -3.29 -0.29 6.73
CA ASP A 78 -3.51 -1.53 5.96
C ASP A 78 -2.31 -2.45 6.16
N HIS A 79 -2.49 -3.55 6.92
CA HIS A 79 -1.44 -4.56 7.12
C HIS A 79 -1.70 -5.72 6.15
N GLU A 80 -0.85 -5.78 5.13
CA GLU A 80 -0.89 -6.79 4.07
C GLU A 80 0.50 -7.45 3.93
N THR A 81 0.50 -8.79 3.84
CA THR A 81 1.69 -9.57 3.55
C THR A 81 1.93 -9.53 2.02
N VAL A 82 2.92 -8.73 1.62
CA VAL A 82 3.33 -8.56 0.23
C VAL A 82 4.24 -9.71 -0.21
N THR A 83 3.75 -10.49 -1.18
CA THR A 83 4.52 -11.56 -1.80
C THR A 83 5.62 -10.95 -2.71
N ARG A 84 6.89 -11.25 -2.36
CA ARG A 84 8.08 -10.87 -3.14
C ARG A 84 8.80 -12.17 -3.56
N ASN A 85 10.00 -12.05 -4.14
CA ASN A 85 10.85 -13.21 -4.48
C ASN A 85 12.20 -13.09 -3.79
N PHE A 86 12.47 -13.99 -2.83
CA PHE A 86 13.76 -14.10 -2.13
C PHE A 86 14.42 -15.46 -2.52
N PRO A 87 15.76 -15.49 -2.81
CA PRO A 87 16.47 -16.74 -3.24
C PRO A 87 16.41 -17.90 -2.20
N GLU A 88 16.10 -17.58 -0.93
CA GLU A 88 15.97 -18.58 0.16
C GLU A 88 14.61 -19.31 0.12
N GLY A 89 13.57 -18.67 -0.45
CA GLY A 89 12.26 -19.32 -0.58
C GLY A 89 11.20 -18.40 -1.19
N LYS A 90 10.13 -18.10 -0.42
CA LYS A 90 9.03 -17.23 -0.87
C LYS A 90 9.48 -15.76 -1.02
N GLY A 91 9.48 -15.01 0.08
CA GLY A 91 9.74 -13.56 0.06
C GLY A 91 8.53 -12.76 0.54
N GLU A 92 7.69 -13.37 1.38
CA GLU A 92 6.42 -12.76 1.78
C GLU A 92 6.66 -11.89 3.01
N VAL A 93 6.68 -10.57 2.80
CA VAL A 93 7.06 -9.60 3.83
C VAL A 93 5.80 -8.92 4.37
N ASP A 94 5.72 -8.76 5.69
CA ASP A 94 4.64 -8.00 6.33
C ASP A 94 4.91 -6.53 6.12
N VAL A 95 3.88 -5.78 5.71
CA VAL A 95 3.95 -4.31 5.55
C VAL A 95 2.69 -3.71 6.21
N ALA A 96 2.82 -2.50 6.78
CA ALA A 96 1.70 -1.67 7.20
C ALA A 96 1.74 -0.37 6.39
N CYS A 97 0.87 -0.27 5.39
CA CYS A 97 0.74 0.91 4.54
C CYS A 97 -0.36 1.80 5.12
N ILE A 98 0.07 2.93 5.70
CA ILE A 98 -0.78 3.85 6.45
C ILE A 98 -1.13 5.08 5.58
N TYR A 99 -2.41 5.19 5.22
CA TYR A 99 -2.93 6.28 4.36
C TYR A 99 -3.69 7.29 5.23
N GLU A 100 -3.37 8.58 5.06
CA GLU A 100 -4.15 9.68 5.61
C GLU A 100 -5.04 10.28 4.51
N VAL A 101 -6.35 10.08 4.68
CA VAL A 101 -7.38 10.56 3.76
C VAL A 101 -7.93 11.91 4.26
N GLU A 102 -7.67 12.98 3.49
CA GLU A 102 -8.15 14.34 3.80
C GLU A 102 -9.02 14.85 2.64
N ASN A 103 -10.20 15.43 2.98
CA ASN A 103 -11.17 15.97 1.99
C ASN A 103 -11.73 14.84 1.07
N GLY A 104 -11.81 13.62 1.63
CA GLY A 104 -12.33 12.44 0.90
C GLY A 104 -11.29 11.71 0.06
N ARG A 105 -10.07 12.28 -0.07
CA ARG A 105 -9.01 11.76 -0.95
C ARG A 105 -7.70 11.66 -0.17
N ILE A 106 -6.85 10.67 -0.51
CA ILE A 106 -5.58 10.42 0.21
C ILE A 106 -4.59 11.57 -0.03
N ALA A 107 -4.45 12.44 0.96
CA ALA A 107 -3.54 13.61 0.90
C ALA A 107 -2.10 13.19 1.23
N LYS A 108 -1.96 12.07 1.96
CA LYS A 108 -0.65 11.51 2.38
C LYS A 108 -0.77 10.00 2.46
N ALA A 109 0.30 9.29 2.08
CA ALA A 109 0.39 7.82 2.19
C ALA A 109 1.82 7.44 2.49
N TRP A 110 1.98 6.53 3.45
CA TRP A 110 3.29 6.10 3.95
C TRP A 110 3.26 4.57 4.01
N PHE A 111 4.42 3.92 3.83
CA PHE A 111 4.51 2.45 3.98
C PHE A 111 5.74 2.11 4.83
N LYS A 112 5.62 1.05 5.62
CA LYS A 112 6.69 0.55 6.47
C LYS A 112 6.63 -0.98 6.52
N ILE A 113 7.76 -1.65 6.28
CA ILE A 113 7.78 -3.13 6.23
C ILE A 113 8.08 -3.68 7.62
N GLY A 114 7.13 -4.50 8.12
CA GLY A 114 7.24 -5.17 9.42
C GLY A 114 8.46 -6.09 9.52
N GLU A 115 8.45 -7.20 8.76
CA GLU A 115 9.58 -8.13 8.71
C GLU A 115 9.50 -8.97 7.41
N PRO A 116 10.60 -9.64 7.00
CA PRO A 116 10.53 -10.70 5.96
C PRO A 116 10.05 -12.04 6.55
N ARG A 117 9.28 -12.81 5.76
CA ARG A 117 8.93 -14.20 6.09
C ARG A 117 9.14 -15.11 4.87
N ILE A 118 9.62 -16.33 5.14
CA ILE A 118 9.87 -17.37 4.14
C ILE A 118 9.16 -18.66 4.60
N VAL A 119 8.30 -19.22 3.74
CA VAL A 119 7.56 -20.46 4.04
C VAL A 119 8.53 -21.66 4.08
N SER A 120 9.56 -21.58 3.23
CA SER A 120 10.59 -22.62 3.08
C SER A 120 11.60 -22.65 4.26
N GLN A 121 11.66 -21.52 5.03
CA GLN A 121 12.56 -21.38 6.21
C GLN A 121 12.04 -22.24 7.38
N LYS A 122 10.74 -22.53 7.35
CA LYS A 122 10.07 -23.43 8.28
C LYS A 122 9.69 -24.72 7.53
N SER A 123 9.94 -25.88 8.16
CA SER A 123 9.63 -27.19 7.57
C SER A 123 9.11 -28.13 8.69
N MET A 1 -17.74 11.32 7.89
CA MET A 1 -18.02 10.38 9.00
C MET A 1 -16.79 9.49 9.28
N ASN A 2 -16.54 8.55 8.35
CA ASN A 2 -15.41 7.57 8.38
C ASN A 2 -15.51 6.64 7.16
N SER A 3 -16.71 6.58 6.56
CA SER A 3 -17.01 5.73 5.40
C SER A 3 -16.17 6.14 4.16
N GLU A 4 -16.05 7.46 3.92
CA GLU A 4 -15.24 8.03 2.82
C GLU A 4 -13.72 7.93 3.08
N ILE A 5 -13.36 7.40 4.26
CA ILE A 5 -11.96 7.11 4.63
C ILE A 5 -11.64 5.65 4.30
N GLU A 6 -12.66 4.79 4.43
CA GLU A 6 -12.57 3.36 4.12
C GLU A 6 -12.68 3.12 2.60
N LEU A 7 -13.46 3.97 1.89
CA LEU A 7 -13.69 3.82 0.43
C LEU A 7 -12.36 3.83 -0.39
N PRO A 8 -11.41 4.82 -0.19
CA PRO A 8 -10.09 4.82 -0.87
C PRO A 8 -9.35 3.51 -0.63
N VAL A 9 -9.05 3.23 0.63
CA VAL A 9 -8.19 2.11 1.03
C VAL A 9 -8.80 0.73 0.66
N GLN A 10 -10.15 0.68 0.50
CA GLN A 10 -10.87 -0.55 0.12
C GLN A 10 -10.61 -0.88 -1.36
N LYS A 11 -10.90 0.11 -2.24
CA LYS A 11 -10.85 -0.07 -3.71
C LYS A 11 -9.39 -0.22 -4.19
N GLN A 12 -8.50 0.54 -3.55
CA GLN A 12 -7.05 0.54 -3.84
C GLN A 12 -6.43 -0.81 -3.49
N LEU A 13 -6.88 -1.39 -2.36
CA LEU A 13 -6.42 -2.70 -1.90
C LEU A 13 -6.67 -3.76 -2.97
N GLU A 14 -7.93 -3.79 -3.45
CA GLU A 14 -8.37 -4.69 -4.55
C GLU A 14 -7.49 -4.47 -5.77
N ALA A 15 -7.39 -3.20 -6.17
CA ALA A 15 -6.65 -2.74 -7.35
C ALA A 15 -5.15 -3.08 -7.27
N TYR A 16 -4.61 -3.17 -6.03
CA TYR A 16 -3.19 -3.43 -5.77
C TYR A 16 -2.82 -4.88 -6.12
N ASN A 17 -3.73 -5.82 -5.81
CA ASN A 17 -3.55 -7.26 -6.13
C ASN A 17 -4.22 -7.63 -7.48
N ALA A 18 -5.13 -6.76 -7.96
CA ALA A 18 -5.89 -7.00 -9.23
C ALA A 18 -5.18 -6.35 -10.43
N ARG A 19 -4.07 -5.62 -10.17
CA ARG A 19 -3.18 -5.02 -11.18
C ARG A 19 -3.86 -3.81 -11.91
N ASP A 20 -4.77 -3.13 -11.20
CA ASP A 20 -5.41 -1.90 -11.68
C ASP A 20 -4.76 -0.66 -11.04
N ILE A 21 -4.05 0.17 -11.84
CA ILE A 21 -3.51 1.46 -11.37
C ILE A 21 -4.62 2.53 -11.28
N ASP A 22 -5.64 2.42 -12.18
CA ASP A 22 -6.75 3.41 -12.26
C ASP A 22 -7.47 3.59 -10.91
N ALA A 23 -7.83 2.47 -10.24
CA ALA A 23 -8.50 2.51 -8.92
C ALA A 23 -7.49 2.69 -7.79
N PHE A 24 -6.26 2.20 -8.00
CA PHE A 24 -5.15 2.36 -7.04
C PHE A 24 -4.62 3.82 -7.04
N MET A 25 -5.09 4.66 -7.99
CA MET A 25 -4.77 6.11 -8.01
C MET A 25 -6.04 7.00 -7.95
N ALA A 26 -7.21 6.42 -8.22
CA ALA A 26 -8.51 7.17 -8.33
C ALA A 26 -8.85 7.96 -7.06
N TRP A 27 -8.46 7.41 -5.91
CA TRP A 27 -8.89 7.91 -4.58
C TRP A 27 -7.78 8.71 -3.86
N TRP A 28 -6.69 9.04 -4.57
CA TRP A 28 -5.58 9.82 -4.00
C TRP A 28 -5.74 11.30 -4.34
N ALA A 29 -5.17 12.16 -3.49
CA ALA A 29 -5.11 13.62 -3.72
C ALA A 29 -3.95 13.94 -4.68
N ASP A 30 -4.09 15.03 -5.45
CA ASP A 30 -3.10 15.45 -6.48
C ASP A 30 -1.71 15.76 -5.87
N ASP A 31 -1.70 16.25 -4.62
CA ASP A 31 -0.47 16.64 -3.92
C ASP A 31 -0.04 15.58 -2.89
N CYS A 32 -0.56 14.34 -3.06
CA CYS A 32 -0.34 13.25 -2.08
C CYS A 32 1.15 12.92 -1.90
N GLN A 33 1.62 13.08 -0.67
CA GLN A 33 3.00 12.74 -0.28
C GLN A 33 3.08 11.23 -0.01
N TYR A 34 4.22 10.63 -0.36
CA TYR A 34 4.41 9.17 -0.27
C TYR A 34 5.78 8.89 0.35
N TYR A 35 5.76 8.31 1.56
CA TYR A 35 6.96 7.97 2.33
C TYR A 35 7.10 6.45 2.52
N ALA A 36 8.36 6.05 2.72
CA ALA A 36 8.74 4.72 3.15
C ALA A 36 9.46 4.82 4.50
N PHE A 37 9.50 3.70 5.22
CA PHE A 37 10.21 3.58 6.52
C PHE A 37 11.71 4.00 6.40
N PRO A 38 12.28 4.78 7.37
CA PRO A 38 11.52 5.43 8.49
C PRO A 38 10.75 6.70 8.03
N ALA A 39 11.39 7.51 7.17
CA ALA A 39 10.85 8.81 6.70
C ALA A 39 11.61 9.24 5.43
N THR A 40 11.40 8.47 4.35
CA THR A 40 11.99 8.77 3.03
C THR A 40 10.88 9.25 2.10
N LEU A 41 10.98 10.49 1.58
CA LEU A 41 9.99 11.04 0.65
C LEU A 41 10.31 10.52 -0.78
N LEU A 42 9.54 9.51 -1.24
CA LEU A 42 9.68 8.97 -2.62
C LEU A 42 8.95 9.86 -3.62
N ALA A 43 7.72 10.27 -3.28
CA ALA A 43 6.83 10.97 -4.24
C ALA A 43 6.01 12.09 -3.56
N GLY A 44 6.19 13.34 -4.03
CA GLY A 44 5.57 14.53 -3.40
C GLY A 44 4.28 14.98 -4.08
N ASN A 45 3.58 14.01 -4.68
CA ASN A 45 2.36 14.21 -5.51
C ASN A 45 1.92 12.86 -6.12
N ALA A 46 0.62 12.79 -6.49
CA ALA A 46 -0.05 11.56 -6.98
C ALA A 46 0.58 10.98 -8.26
N ALA A 47 1.12 11.87 -9.12
CA ALA A 47 1.70 11.49 -10.42
C ALA A 47 2.87 10.53 -10.23
N GLU A 48 3.83 10.91 -9.38
CA GLU A 48 5.07 10.14 -9.16
C GLU A 48 4.77 8.81 -8.43
N ILE A 49 3.68 8.82 -7.60
CA ILE A 49 3.23 7.63 -6.86
C ILE A 49 2.77 6.53 -7.83
N ARG A 50 1.88 6.89 -8.76
CA ARG A 50 1.28 5.92 -9.70
C ARG A 50 2.34 5.38 -10.66
N VAL A 51 3.27 6.26 -11.13
CA VAL A 51 4.35 5.89 -12.10
C VAL A 51 5.25 4.77 -11.55
N ARG A 52 5.73 4.96 -10.31
CA ARG A 52 6.65 4.01 -9.66
C ARG A 52 5.95 2.68 -9.34
N HIS A 53 4.63 2.75 -9.10
CA HIS A 53 3.79 1.56 -8.87
C HIS A 53 3.45 0.85 -10.19
N ILE A 54 3.36 1.59 -11.33
CA ILE A 54 3.09 1.00 -12.67
C ILE A 54 4.14 -0.10 -12.96
N GLU A 55 5.41 0.25 -12.71
CA GLU A 55 6.58 -0.65 -12.87
C GLU A 55 6.41 -1.94 -12.03
N ARG A 56 5.93 -1.77 -10.79
CA ARG A 56 5.69 -2.88 -9.85
C ARG A 56 4.49 -3.76 -10.30
N PHE A 57 3.51 -3.11 -10.96
CA PHE A 57 2.33 -3.80 -11.53
C PHE A 57 2.69 -4.56 -12.83
N LYS A 58 3.88 -4.26 -13.41
CA LYS A 58 4.46 -5.05 -14.53
C LYS A 58 5.38 -6.18 -14.02
N GLU A 59 5.62 -6.24 -12.70
CA GLU A 59 6.55 -7.22 -12.09
C GLU A 59 5.75 -8.35 -11.38
N PRO A 60 5.95 -9.65 -11.77
CA PRO A 60 5.03 -10.78 -11.42
C PRO A 60 5.00 -11.15 -9.92
N ASP A 61 6.02 -10.75 -9.14
CA ASP A 61 6.15 -11.14 -7.71
C ASP A 61 5.11 -10.39 -6.84
N LEU A 62 4.65 -9.23 -7.34
CA LEU A 62 3.66 -8.38 -6.64
C LEU A 62 2.36 -9.15 -6.31
N TYR A 63 2.06 -9.20 -5.01
CA TYR A 63 0.80 -9.73 -4.48
C TYR A 63 0.51 -9.02 -3.15
N GLY A 64 -0.77 -8.74 -2.85
CA GLY A 64 -1.16 -8.08 -1.59
C GLY A 64 -2.27 -8.86 -0.89
N GLU A 65 -1.92 -9.58 0.20
CA GLU A 65 -2.88 -10.29 1.05
C GLU A 65 -3.14 -9.48 2.32
N LEU A 66 -4.33 -8.86 2.44
CA LEU A 66 -4.71 -8.13 3.66
C LEU A 66 -5.14 -9.12 4.74
N LEU A 67 -4.61 -8.96 5.95
CA LEU A 67 -4.92 -9.84 7.10
C LEU A 67 -5.71 -9.05 8.16
N THR A 68 -5.48 -7.72 8.22
CA THR A 68 -6.14 -6.79 9.14
C THR A 68 -6.09 -5.36 8.58
N ARG A 69 -7.14 -4.56 8.78
CA ARG A 69 -7.06 -3.10 8.64
C ARG A 69 -7.91 -2.40 9.71
N VAL A 70 -7.35 -1.31 10.25
CA VAL A 70 -7.93 -0.54 11.36
C VAL A 70 -8.08 0.93 10.93
N ILE A 71 -9.16 1.60 11.39
CA ILE A 71 -9.41 3.01 11.05
C ILE A 71 -9.37 3.90 12.31
N VAL A 72 -8.66 5.03 12.18
CA VAL A 72 -8.52 6.07 13.21
C VAL A 72 -8.92 7.42 12.59
N GLY A 73 -10.20 7.81 12.79
CA GLY A 73 -10.73 9.08 12.29
C GLY A 73 -10.68 9.20 10.77
N ASN A 74 -9.71 9.98 10.26
CA ASN A 74 -9.54 10.26 8.82
C ASN A 74 -8.33 9.49 8.23
N VAL A 75 -7.87 8.45 8.95
CA VAL A 75 -6.67 7.67 8.60
C VAL A 75 -7.00 6.16 8.70
N VAL A 76 -6.49 5.32 7.77
CA VAL A 76 -6.59 3.84 7.88
C VAL A 76 -5.20 3.20 7.77
N ILE A 77 -4.93 2.19 8.62
CA ILE A 77 -3.77 1.29 8.48
C ILE A 77 -4.25 -0.01 7.84
N ASP A 78 -3.84 -0.24 6.59
CA ASP A 78 -3.97 -1.55 5.93
C ASP A 78 -2.72 -2.37 6.24
N HIS A 79 -2.88 -3.38 7.10
CA HIS A 79 -1.80 -4.30 7.46
C HIS A 79 -1.95 -5.57 6.61
N GLU A 80 -1.02 -5.71 5.66
CA GLU A 80 -1.01 -6.79 4.68
C GLU A 80 0.34 -7.54 4.72
N THR A 81 0.34 -8.73 4.12
CA THR A 81 1.55 -9.47 3.76
C THR A 81 1.71 -9.43 2.23
N VAL A 82 2.67 -8.64 1.74
CA VAL A 82 2.99 -8.58 0.30
C VAL A 82 4.07 -9.59 -0.08
N THR A 83 3.84 -10.33 -1.17
CA THR A 83 4.83 -11.26 -1.71
C THR A 83 5.94 -10.48 -2.46
N ARG A 84 7.19 -10.77 -2.09
CA ARG A 84 8.38 -10.25 -2.77
C ARG A 84 9.27 -11.45 -3.14
N ASN A 85 10.19 -11.27 -4.08
CA ASN A 85 11.05 -12.38 -4.54
C ASN A 85 12.34 -12.48 -3.70
N PHE A 86 12.34 -13.40 -2.73
CA PHE A 86 13.53 -13.74 -1.94
C PHE A 86 14.10 -15.09 -2.45
N PRO A 87 15.42 -15.15 -2.85
CA PRO A 87 16.05 -16.40 -3.37
C PRO A 87 16.13 -17.55 -2.33
N GLU A 88 15.95 -17.22 -1.03
CA GLU A 88 16.03 -18.21 0.08
C GLU A 88 14.69 -18.95 0.29
N GLY A 89 13.62 -18.48 -0.38
CA GLY A 89 12.33 -19.18 -0.38
C GLY A 89 11.27 -18.41 -1.15
N LYS A 90 10.11 -18.14 -0.51
CA LYS A 90 9.06 -17.30 -1.07
C LYS A 90 9.43 -15.80 -0.97
N GLY A 91 9.17 -15.16 0.20
CA GLY A 91 9.51 -13.75 0.39
C GLY A 91 8.33 -12.86 0.73
N GLU A 92 7.34 -13.44 1.38
CA GLU A 92 6.06 -12.78 1.65
C GLU A 92 6.12 -12.02 3.01
N VAL A 93 6.35 -10.70 2.94
CA VAL A 93 6.74 -9.89 4.11
C VAL A 93 5.55 -9.07 4.66
N ASP A 94 5.43 -9.04 6.00
CA ASP A 94 4.35 -8.33 6.71
C ASP A 94 4.68 -6.82 6.77
N VAL A 95 3.86 -6.01 6.10
CA VAL A 95 3.99 -4.54 6.03
C VAL A 95 2.72 -3.88 6.64
N ALA A 96 2.85 -2.63 7.12
CA ALA A 96 1.71 -1.81 7.56
C ALA A 96 1.71 -0.49 6.77
N CYS A 97 0.78 -0.36 5.81
CA CYS A 97 0.65 0.83 4.98
C CYS A 97 -0.46 1.74 5.57
N ILE A 98 -0.02 2.87 6.14
CA ILE A 98 -0.87 3.86 6.81
C ILE A 98 -1.15 5.04 5.86
N TYR A 99 -2.43 5.21 5.45
CA TYR A 99 -2.86 6.29 4.55
C TYR A 99 -3.67 7.33 5.35
N GLU A 100 -3.35 8.62 5.15
CA GLU A 100 -4.16 9.72 5.68
C GLU A 100 -5.06 10.25 4.55
N VAL A 101 -6.36 10.04 4.73
CA VAL A 101 -7.40 10.49 3.81
C VAL A 101 -7.95 11.85 4.30
N GLU A 102 -7.71 12.90 3.51
CA GLU A 102 -8.24 14.26 3.78
C GLU A 102 -9.12 14.70 2.59
N ASN A 103 -10.37 15.15 2.89
CA ASN A 103 -11.36 15.62 1.89
C ASN A 103 -11.80 14.49 0.92
N GLY A 104 -11.81 13.24 1.44
CA GLY A 104 -12.21 12.06 0.68
C GLY A 104 -11.11 11.52 -0.25
N ARG A 105 -9.91 12.11 -0.14
CA ARG A 105 -8.74 11.81 -1.00
C ARG A 105 -7.50 11.65 -0.11
N ILE A 106 -6.65 10.67 -0.42
CA ILE A 106 -5.42 10.42 0.37
C ILE A 106 -4.42 11.57 0.17
N ALA A 107 -4.30 12.43 1.21
CA ALA A 107 -3.44 13.62 1.19
C ALA A 107 -1.97 13.23 1.44
N LYS A 108 -1.77 12.15 2.20
CA LYS A 108 -0.44 11.59 2.52
C LYS A 108 -0.57 10.08 2.72
N ALA A 109 0.51 9.36 2.43
CA ALA A 109 0.58 7.90 2.56
C ALA A 109 2.00 7.51 2.98
N TRP A 110 2.09 6.57 3.92
CA TRP A 110 3.33 6.07 4.49
C TRP A 110 3.24 4.54 4.57
N PHE A 111 4.37 3.83 4.47
CA PHE A 111 4.38 2.37 4.71
C PHE A 111 5.67 1.99 5.45
N LYS A 112 5.56 0.98 6.32
CA LYS A 112 6.70 0.42 7.04
C LYS A 112 6.69 -1.11 6.92
N ILE A 113 7.81 -1.70 6.45
CA ILE A 113 7.95 -3.14 6.31
C ILE A 113 8.46 -3.70 7.64
N GLY A 114 7.69 -4.64 8.19
CA GLY A 114 7.98 -5.25 9.49
C GLY A 114 9.32 -5.97 9.54
N GLU A 115 9.43 -7.07 8.76
CA GLU A 115 10.65 -7.89 8.68
C GLU A 115 10.63 -8.71 7.36
N PRO A 116 11.79 -9.34 6.96
CA PRO A 116 11.80 -10.39 5.91
C PRO A 116 11.14 -11.71 6.39
N ARG A 117 10.34 -12.34 5.52
CA ARG A 117 9.57 -13.57 5.83
C ARG A 117 9.68 -14.61 4.70
N ILE A 118 9.67 -15.90 5.07
CA ILE A 118 9.68 -17.06 4.15
C ILE A 118 8.68 -18.10 4.66
N VAL A 119 7.81 -18.64 3.76
CA VAL A 119 6.75 -19.65 4.12
C VAL A 119 7.34 -20.87 4.86
N SER A 120 8.48 -21.36 4.34
CA SER A 120 9.18 -22.55 4.90
C SER A 120 9.64 -22.33 6.36
N GLN A 121 9.81 -21.05 6.74
CA GLN A 121 10.31 -20.64 8.06
C GLN A 121 9.24 -19.86 8.87
N LYS A 122 8.02 -19.74 8.31
CA LYS A 122 6.92 -18.95 8.92
C LYS A 122 5.83 -19.86 9.50
N SER A 123 5.04 -19.31 10.44
CA SER A 123 3.95 -20.04 11.12
C SER A 123 2.90 -19.01 11.60
N MET A 1 -19.59 6.17 10.51
CA MET A 1 -18.77 7.30 11.04
C MET A 1 -17.80 7.83 9.97
N ASN A 2 -16.84 6.97 9.56
CA ASN A 2 -15.79 7.35 8.57
C ASN A 2 -15.80 6.38 7.39
N SER A 3 -16.76 6.59 6.50
CA SER A 3 -16.94 5.83 5.26
C SER A 3 -15.90 6.25 4.21
N GLU A 4 -15.78 7.58 4.01
CA GLU A 4 -14.91 8.20 2.99
C GLU A 4 -13.40 7.97 3.25
N ILE A 5 -13.07 7.52 4.46
CA ILE A 5 -11.68 7.19 4.82
C ILE A 5 -11.37 5.73 4.43
N GLU A 6 -12.39 4.86 4.52
CA GLU A 6 -12.27 3.44 4.17
C GLU A 6 -12.48 3.18 2.67
N LEU A 7 -13.17 4.11 1.98
CA LEU A 7 -13.38 4.00 0.52
C LEU A 7 -12.02 3.94 -0.26
N PRO A 8 -11.05 4.92 -0.07
CA PRO A 8 -9.74 4.87 -0.77
C PRO A 8 -8.90 3.62 -0.39
N VAL A 9 -8.76 3.37 0.92
CA VAL A 9 -7.81 2.36 1.45
C VAL A 9 -8.21 0.92 1.04
N GLN A 10 -9.52 0.64 1.04
CA GLN A 10 -10.07 -0.68 0.70
C GLN A 10 -9.94 -0.92 -0.82
N LYS A 11 -10.27 0.11 -1.60
CA LYS A 11 -10.27 0.06 -3.09
C LYS A 11 -8.85 -0.07 -3.66
N GLN A 12 -7.87 0.49 -2.93
CA GLN A 12 -6.44 0.34 -3.25
C GLN A 12 -6.05 -1.15 -3.23
N LEU A 13 -6.46 -1.82 -2.14
CA LEU A 13 -6.19 -3.26 -1.95
C LEU A 13 -6.81 -4.07 -3.08
N GLU A 14 -8.11 -3.83 -3.34
CA GLU A 14 -8.85 -4.58 -4.37
C GLU A 14 -8.20 -4.40 -5.76
N ALA A 15 -7.52 -3.24 -5.94
CA ALA A 15 -6.75 -2.91 -7.14
C ALA A 15 -5.33 -3.53 -7.12
N TYR A 16 -4.74 -3.66 -5.91
CA TYR A 16 -3.29 -4.03 -5.75
C TYR A 16 -3.08 -5.51 -6.11
N ASN A 17 -4.05 -6.35 -5.69
CA ASN A 17 -4.05 -7.81 -5.97
C ASN A 17 -4.73 -8.13 -7.32
N ALA A 18 -5.19 -7.08 -8.03
CA ALA A 18 -5.85 -7.20 -9.35
C ALA A 18 -5.08 -6.42 -10.44
N ARG A 19 -3.92 -5.84 -10.05
CA ARG A 19 -2.96 -5.15 -10.94
C ARG A 19 -3.49 -3.80 -11.51
N ASP A 20 -4.62 -3.32 -10.98
CA ASP A 20 -5.22 -2.06 -11.42
C ASP A 20 -4.54 -0.85 -10.75
N ILE A 21 -3.91 0.00 -11.57
CA ILE A 21 -3.36 1.30 -11.15
C ILE A 21 -4.47 2.37 -11.12
N ASP A 22 -5.52 2.14 -11.94
CA ASP A 22 -6.65 3.09 -12.12
C ASP A 22 -7.30 3.47 -10.78
N ALA A 23 -7.63 2.46 -9.95
CA ALA A 23 -8.19 2.68 -8.59
C ALA A 23 -7.08 3.05 -7.60
N PHE A 24 -5.90 2.44 -7.81
CA PHE A 24 -4.73 2.61 -6.91
C PHE A 24 -4.14 4.05 -7.04
N MET A 25 -4.64 4.83 -8.02
CA MET A 25 -4.29 6.26 -8.18
C MET A 25 -5.52 7.18 -8.07
N ALA A 26 -6.72 6.67 -8.46
CA ALA A 26 -7.97 7.48 -8.47
C ALA A 26 -8.27 8.12 -7.11
N TRP A 27 -8.16 7.30 -6.06
CA TRP A 27 -8.60 7.66 -4.71
C TRP A 27 -7.58 8.55 -3.94
N TRP A 28 -6.48 8.92 -4.60
CA TRP A 28 -5.43 9.76 -4.00
C TRP A 28 -5.66 11.23 -4.37
N ALA A 29 -4.92 12.13 -3.70
CA ALA A 29 -4.87 13.55 -4.04
C ALA A 29 -3.78 13.79 -5.11
N ASP A 30 -4.00 14.79 -5.98
CA ASP A 30 -3.04 15.13 -7.07
C ASP A 30 -1.67 15.59 -6.51
N ASP A 31 -1.70 16.11 -5.28
CA ASP A 31 -0.53 16.64 -4.56
C ASP A 31 -0.12 15.71 -3.40
N CYS A 32 -0.56 14.44 -3.42
CA CYS A 32 -0.36 13.49 -2.31
C CYS A 32 1.13 13.22 -2.01
N GLN A 33 1.48 13.26 -0.71
CA GLN A 33 2.87 13.09 -0.24
C GLN A 33 3.09 11.62 0.16
N TYR A 34 3.83 10.87 -0.68
CA TYR A 34 4.12 9.46 -0.47
C TYR A 34 5.48 9.28 0.22
N TYR A 35 5.44 8.83 1.48
CA TYR A 35 6.63 8.50 2.28
C TYR A 35 6.79 6.96 2.38
N ALA A 36 8.05 6.51 2.28
CA ALA A 36 8.43 5.10 2.44
C ALA A 36 9.15 4.89 3.77
N PHE A 37 9.21 3.62 4.22
CA PHE A 37 9.87 3.24 5.48
C PHE A 37 11.33 3.81 5.58
N PRO A 38 11.71 4.53 6.71
CA PRO A 38 10.80 4.92 7.82
C PRO A 38 9.83 6.09 7.45
N ALA A 39 10.38 7.18 6.90
CA ALA A 39 9.59 8.34 6.41
C ALA A 39 10.43 9.12 5.39
N THR A 40 10.50 8.60 4.16
CA THR A 40 11.29 9.17 3.06
C THR A 40 10.35 9.59 1.93
N LEU A 41 10.24 10.90 1.65
CA LEU A 41 9.35 11.40 0.59
C LEU A 41 9.87 10.94 -0.79
N LEU A 42 9.22 9.89 -1.34
CA LEU A 42 9.52 9.38 -2.67
C LEU A 42 8.85 10.26 -3.74
N ALA A 43 7.65 10.75 -3.39
CA ALA A 43 6.78 11.42 -4.34
C ALA A 43 6.04 12.58 -3.67
N GLY A 44 6.32 13.82 -4.13
CA GLY A 44 5.68 15.02 -3.59
C GLY A 44 4.39 15.40 -4.33
N ASN A 45 3.67 14.36 -4.81
CA ASN A 45 2.56 14.48 -5.78
C ASN A 45 2.19 13.09 -6.33
N ALA A 46 0.96 12.96 -6.84
CA ALA A 46 0.39 11.69 -7.34
C ALA A 46 1.04 11.20 -8.65
N ALA A 47 1.60 12.14 -9.44
CA ALA A 47 2.24 11.82 -10.74
C ALA A 47 3.43 10.86 -10.56
N GLU A 48 4.23 11.14 -9.52
CA GLU A 48 5.39 10.32 -9.17
C GLU A 48 4.95 9.00 -8.50
N ILE A 49 3.83 9.06 -7.74
CA ILE A 49 3.27 7.88 -7.01
C ILE A 49 2.80 6.80 -8.00
N ARG A 50 2.05 7.23 -9.04
CA ARG A 50 1.43 6.30 -10.00
C ARG A 50 2.50 5.54 -10.79
N VAL A 51 3.46 6.28 -11.37
CA VAL A 51 4.50 5.69 -12.25
C VAL A 51 5.44 4.75 -11.47
N ARG A 52 5.70 5.12 -10.22
CA ARG A 52 6.59 4.36 -9.31
C ARG A 52 5.91 3.04 -8.87
N HIS A 53 4.58 3.07 -8.71
CA HIS A 53 3.78 1.87 -8.38
C HIS A 53 3.60 0.96 -9.61
N ILE A 54 3.53 1.54 -10.82
CA ILE A 54 3.47 0.76 -12.08
C ILE A 54 4.72 -0.16 -12.19
N GLU A 55 5.87 0.38 -11.75
CA GLU A 55 7.14 -0.38 -11.69
C GLU A 55 7.07 -1.53 -10.66
N ARG A 56 6.34 -1.30 -9.55
CA ARG A 56 6.12 -2.34 -8.52
C ARG A 56 5.09 -3.38 -9.02
N PHE A 57 4.20 -2.96 -9.95
CA PHE A 57 3.19 -3.84 -10.57
C PHE A 57 3.78 -4.65 -11.76
N LYS A 58 5.05 -4.38 -12.12
CA LYS A 58 5.82 -5.23 -13.07
C LYS A 58 6.22 -6.57 -12.42
N GLU A 59 6.35 -6.56 -11.07
CA GLU A 59 6.72 -7.76 -10.27
C GLU A 59 5.73 -8.92 -10.52
N PRO A 60 6.19 -10.07 -11.09
CA PRO A 60 5.28 -11.19 -11.45
C PRO A 60 4.66 -11.88 -10.21
N ASP A 61 5.36 -11.80 -9.08
CA ASP A 61 4.97 -12.44 -7.80
C ASP A 61 4.19 -11.44 -6.90
N LEU A 62 3.95 -10.20 -7.39
CA LEU A 62 3.30 -9.13 -6.61
C LEU A 62 1.86 -9.53 -6.21
N TYR A 63 1.65 -9.70 -4.90
CA TYR A 63 0.34 -10.01 -4.33
C TYR A 63 0.27 -9.46 -2.90
N GLY A 64 -0.62 -8.48 -2.67
CA GLY A 64 -0.86 -7.95 -1.33
C GLY A 64 -2.05 -8.64 -0.70
N GLU A 65 -1.80 -9.56 0.25
CA GLU A 65 -2.87 -10.25 0.98
C GLU A 65 -3.20 -9.47 2.24
N LEU A 66 -4.31 -8.72 2.22
CA LEU A 66 -4.77 -7.97 3.39
C LEU A 66 -5.50 -8.94 4.32
N LEU A 67 -5.02 -8.96 5.56
CA LEU A 67 -5.44 -9.91 6.59
C LEU A 67 -6.16 -9.15 7.73
N THR A 68 -5.71 -7.91 7.97
CA THR A 68 -6.28 -7.01 8.99
C THR A 68 -6.12 -5.56 8.49
N ARG A 69 -7.18 -4.75 8.62
CA ARG A 69 -7.07 -3.28 8.46
C ARG A 69 -7.91 -2.62 9.56
N VAL A 70 -7.31 -1.61 10.20
CA VAL A 70 -7.86 -0.93 11.39
C VAL A 70 -8.00 0.57 11.09
N ILE A 71 -9.21 1.12 11.32
CA ILE A 71 -9.46 2.56 11.11
C ILE A 71 -9.62 3.29 12.44
N VAL A 72 -8.87 4.39 12.59
CA VAL A 72 -8.94 5.32 13.72
C VAL A 72 -9.21 6.73 13.14
N GLY A 73 -10.52 7.08 13.09
CA GLY A 73 -11.00 8.36 12.57
C GLY A 73 -10.64 8.59 11.09
N ASN A 74 -9.72 9.56 10.86
CA ASN A 74 -9.36 10.07 9.51
C ASN A 74 -8.20 9.23 8.88
N VAL A 75 -7.72 8.23 9.63
CA VAL A 75 -6.53 7.43 9.28
C VAL A 75 -6.86 5.93 9.34
N VAL A 76 -6.33 5.14 8.38
CA VAL A 76 -6.44 3.66 8.39
C VAL A 76 -5.02 3.04 8.28
N ILE A 77 -4.73 2.02 9.12
CA ILE A 77 -3.57 1.14 8.94
C ILE A 77 -4.06 -0.16 8.28
N ASP A 78 -3.72 -0.31 7.01
CA ASP A 78 -3.95 -1.52 6.23
C ASP A 78 -2.74 -2.44 6.40
N HIS A 79 -2.92 -3.54 7.14
CA HIS A 79 -1.86 -4.54 7.37
C HIS A 79 -2.06 -5.70 6.38
N GLU A 80 -1.14 -5.76 5.43
CA GLU A 80 -1.11 -6.75 4.36
C GLU A 80 0.28 -7.39 4.29
N THR A 81 0.35 -8.56 3.68
CA THR A 81 1.60 -9.25 3.38
C THR A 81 1.87 -9.17 1.86
N VAL A 82 2.88 -8.40 1.47
CA VAL A 82 3.29 -8.26 0.06
C VAL A 82 4.21 -9.42 -0.34
N THR A 83 3.64 -10.37 -1.09
CA THR A 83 4.36 -11.48 -1.71
C THR A 83 5.31 -10.94 -2.80
N ARG A 84 6.57 -11.37 -2.73
CA ARG A 84 7.64 -10.97 -3.66
C ARG A 84 8.40 -12.26 -4.08
N ASN A 85 9.62 -12.12 -4.63
CA ASN A 85 10.42 -13.27 -5.08
C ASN A 85 11.85 -13.17 -4.51
N PHE A 86 12.03 -13.63 -3.26
CA PHE A 86 13.36 -13.78 -2.67
C PHE A 86 13.89 -15.20 -2.98
N PRO A 87 15.19 -15.36 -3.35
CA PRO A 87 15.80 -16.70 -3.65
C PRO A 87 16.01 -17.56 -2.37
N GLU A 88 15.50 -17.07 -1.23
CA GLU A 88 15.40 -17.83 0.03
C GLU A 88 14.23 -18.84 -0.07
N GLY A 89 13.17 -18.42 -0.81
CA GLY A 89 12.02 -19.28 -1.09
C GLY A 89 10.89 -18.48 -1.73
N LYS A 90 9.91 -18.09 -0.91
CA LYS A 90 8.80 -17.24 -1.32
C LYS A 90 9.25 -15.78 -1.45
N GLY A 91 9.30 -15.03 -0.34
CA GLY A 91 9.74 -13.65 -0.36
C GLY A 91 8.69 -12.67 0.07
N GLU A 92 7.77 -13.11 0.94
CA GLU A 92 6.61 -12.32 1.35
C GLU A 92 7.00 -11.46 2.56
N VAL A 93 6.52 -10.19 2.61
CA VAL A 93 6.89 -9.25 3.69
C VAL A 93 5.63 -8.66 4.36
N ASP A 94 5.58 -8.73 5.69
CA ASP A 94 4.49 -8.12 6.49
C ASP A 94 4.70 -6.60 6.58
N VAL A 95 3.84 -5.83 5.92
CA VAL A 95 3.89 -4.35 5.88
C VAL A 95 2.65 -3.78 6.59
N ALA A 96 2.75 -2.53 7.07
CA ALA A 96 1.63 -1.78 7.66
C ALA A 96 1.56 -0.40 7.01
N CYS A 97 0.61 -0.24 6.09
CA CYS A 97 0.44 0.97 5.26
C CYS A 97 -0.60 1.91 5.91
N ILE A 98 -0.12 3.06 6.39
CA ILE A 98 -0.91 4.06 7.11
C ILE A 98 -1.24 5.26 6.19
N TYR A 99 -2.52 5.41 5.81
CA TYR A 99 -2.99 6.47 4.90
C TYR A 99 -3.75 7.56 5.67
N GLU A 100 -3.40 8.81 5.37
CA GLU A 100 -4.13 10.00 5.83
C GLU A 100 -5.02 10.50 4.68
N VAL A 101 -6.33 10.51 4.91
CA VAL A 101 -7.35 10.83 3.89
C VAL A 101 -8.01 12.20 4.18
N GLU A 102 -7.81 13.17 3.29
CA GLU A 102 -8.42 14.51 3.40
C GLU A 102 -9.34 14.77 2.19
N ASN A 103 -10.60 15.13 2.46
CA ASN A 103 -11.67 15.38 1.44
C ASN A 103 -11.97 14.12 0.59
N GLY A 104 -11.80 12.93 1.20
CA GLY A 104 -12.05 11.64 0.52
C GLY A 104 -10.91 11.18 -0.38
N ARG A 105 -9.85 12.00 -0.45
CA ARG A 105 -8.67 11.75 -1.28
C ARG A 105 -7.47 11.61 -0.33
N ILE A 106 -6.60 10.64 -0.60
CA ILE A 106 -5.41 10.42 0.23
C ILE A 106 -4.45 11.61 0.07
N ALA A 107 -4.39 12.47 1.09
CA ALA A 107 -3.56 13.68 1.06
C ALA A 107 -2.08 13.35 1.31
N LYS A 108 -1.86 12.31 2.12
CA LYS A 108 -0.52 11.82 2.51
C LYS A 108 -0.62 10.32 2.76
N ALA A 109 0.32 9.54 2.21
CA ALA A 109 0.37 8.08 2.41
C ALA A 109 1.77 7.68 2.85
N TRP A 110 1.83 6.86 3.89
CA TRP A 110 3.10 6.40 4.48
C TRP A 110 2.98 4.88 4.67
N PHE A 111 4.09 4.13 4.58
CA PHE A 111 4.09 2.69 4.87
C PHE A 111 5.39 2.31 5.58
N LYS A 112 5.30 1.32 6.49
CA LYS A 112 6.47 0.73 7.15
C LYS A 112 6.50 -0.77 6.85
N ILE A 113 7.65 -1.28 6.37
CA ILE A 113 7.84 -2.71 6.11
C ILE A 113 8.40 -3.35 7.39
N GLY A 114 7.69 -4.38 7.86
CA GLY A 114 8.03 -5.09 9.10
C GLY A 114 9.38 -5.80 9.03
N GLU A 115 9.41 -6.92 8.29
CA GLU A 115 10.64 -7.70 8.07
C GLU A 115 10.47 -8.61 6.83
N PRO A 116 11.57 -9.27 6.32
CA PRO A 116 11.44 -10.39 5.36
C PRO A 116 10.92 -11.69 6.02
N ARG A 117 9.81 -12.22 5.49
CA ARG A 117 9.23 -13.51 5.91
C ARG A 117 9.42 -14.54 4.77
N ILE A 118 9.60 -15.82 5.14
CA ILE A 118 9.78 -16.95 4.20
C ILE A 118 8.97 -18.15 4.74
N VAL A 119 8.11 -18.73 3.87
CA VAL A 119 7.19 -19.83 4.23
C VAL A 119 7.97 -21.11 4.62
N SER A 120 9.16 -21.31 4.04
CA SER A 120 10.01 -22.48 4.30
C SER A 120 10.58 -22.44 5.75
N GLN A 121 10.79 -21.20 6.24
CA GLN A 121 11.30 -20.94 7.59
C GLN A 121 10.15 -21.00 8.64
N LYS A 122 8.97 -20.51 8.24
CA LYS A 122 7.78 -20.44 9.11
C LYS A 122 6.87 -21.65 8.82
N SER A 123 6.89 -22.65 9.72
CA SER A 123 6.12 -23.90 9.56
C SER A 123 5.34 -24.19 10.88
N MET A 1 -19.19 8.01 11.72
CA MET A 1 -18.85 6.87 10.83
C MET A 1 -17.87 7.35 9.76
N ASN A 2 -16.71 6.68 9.63
CA ASN A 2 -15.64 7.10 8.70
C ASN A 2 -15.51 6.10 7.54
N SER A 3 -16.66 5.79 6.91
CA SER A 3 -16.75 4.87 5.75
C SER A 3 -16.08 5.51 4.52
N GLU A 4 -16.19 6.84 4.43
CA GLU A 4 -15.54 7.68 3.38
C GLU A 4 -13.99 7.57 3.41
N ILE A 5 -13.45 7.14 4.56
CA ILE A 5 -12.01 6.94 4.76
C ILE A 5 -11.63 5.49 4.43
N GLU A 6 -12.59 4.57 4.62
CA GLU A 6 -12.47 3.16 4.25
C GLU A 6 -12.58 2.98 2.72
N LEU A 7 -13.31 3.90 2.04
CA LEU A 7 -13.53 3.81 0.58
C LEU A 7 -12.18 3.86 -0.21
N PRO A 8 -11.27 4.91 -0.03
CA PRO A 8 -9.99 4.96 -0.76
C PRO A 8 -9.12 3.73 -0.52
N VAL A 9 -8.85 3.43 0.76
CA VAL A 9 -7.90 2.39 1.16
C VAL A 9 -8.32 0.98 0.70
N GLN A 10 -9.65 0.72 0.70
CA GLN A 10 -10.22 -0.57 0.25
C GLN A 10 -10.16 -0.67 -1.28
N LYS A 11 -10.69 0.36 -1.99
CA LYS A 11 -10.76 0.35 -3.48
C LYS A 11 -9.38 0.29 -4.13
N GLN A 12 -8.37 0.83 -3.43
CA GLN A 12 -6.97 0.76 -3.83
C GLN A 12 -6.38 -0.63 -3.59
N LEU A 13 -6.68 -1.23 -2.42
CA LEU A 13 -6.15 -2.57 -2.05
C LEU A 13 -6.64 -3.62 -3.03
N GLU A 14 -7.96 -3.64 -3.24
CA GLU A 14 -8.63 -4.62 -4.11
C GLU A 14 -8.16 -4.42 -5.57
N ALA A 15 -7.73 -3.19 -5.88
CA ALA A 15 -7.08 -2.83 -7.16
C ALA A 15 -5.58 -3.21 -7.18
N TYR A 16 -4.92 -3.24 -6.00
CA TYR A 16 -3.46 -3.49 -5.90
C TYR A 16 -3.14 -4.93 -6.35
N ASN A 17 -3.93 -5.88 -5.81
CA ASN A 17 -3.86 -7.31 -6.15
C ASN A 17 -4.54 -7.61 -7.51
N ALA A 18 -5.33 -6.65 -8.02
CA ALA A 18 -6.04 -6.77 -9.32
C ALA A 18 -5.28 -6.08 -10.46
N ARG A 19 -4.15 -5.43 -10.13
CA ARG A 19 -3.24 -4.77 -11.08
C ARG A 19 -3.87 -3.52 -11.75
N ASP A 20 -4.84 -2.90 -11.06
CA ASP A 20 -5.45 -1.62 -11.50
C ASP A 20 -4.72 -0.44 -10.84
N ILE A 21 -3.81 0.20 -11.58
CA ILE A 21 -3.17 1.46 -11.15
C ILE A 21 -4.17 2.63 -11.19
N ASP A 22 -5.15 2.57 -12.12
CA ASP A 22 -6.16 3.64 -12.29
C ASP A 22 -7.01 3.84 -11.03
N ALA A 23 -7.47 2.72 -10.42
CA ALA A 23 -8.22 2.74 -9.14
C ALA A 23 -7.27 2.91 -7.94
N PHE A 24 -6.03 2.39 -8.10
CA PHE A 24 -4.95 2.58 -7.12
C PHE A 24 -4.41 4.03 -7.17
N MET A 25 -4.87 4.84 -8.14
CA MET A 25 -4.56 6.29 -8.21
C MET A 25 -5.82 7.16 -7.97
N ALA A 26 -7.01 6.65 -8.35
CA ALA A 26 -8.27 7.44 -8.40
C ALA A 26 -8.67 8.07 -7.05
N TRP A 27 -8.32 7.38 -5.96
CA TRP A 27 -8.73 7.78 -4.60
C TRP A 27 -7.65 8.56 -3.84
N TRP A 28 -6.57 8.92 -4.53
CA TRP A 28 -5.49 9.74 -3.96
C TRP A 28 -5.71 11.22 -4.27
N ALA A 29 -5.11 12.08 -3.45
CA ALA A 29 -5.03 13.52 -3.73
C ALA A 29 -3.95 13.77 -4.79
N ASP A 30 -4.16 14.81 -5.61
CA ASP A 30 -3.21 15.19 -6.68
C ASP A 30 -1.88 15.72 -6.10
N ASP A 31 -1.93 16.22 -4.87
CA ASP A 31 -0.78 16.76 -4.13
C ASP A 31 -0.33 15.79 -3.01
N CYS A 32 -0.75 14.51 -3.11
CA CYS A 32 -0.51 13.50 -2.06
C CYS A 32 0.99 13.20 -1.88
N GLN A 33 1.41 13.07 -0.62
CA GLN A 33 2.79 12.73 -0.25
C GLN A 33 2.88 11.23 0.03
N TYR A 34 3.93 10.60 -0.47
CA TYR A 34 4.15 9.15 -0.32
C TYR A 34 5.57 8.92 0.17
N TYR A 35 5.69 8.47 1.43
CA TYR A 35 6.98 8.13 2.06
C TYR A 35 7.12 6.62 2.24
N ALA A 36 8.38 6.18 2.22
CA ALA A 36 8.78 4.80 2.49
C ALA A 36 9.55 4.73 3.81
N PHE A 37 9.58 3.52 4.40
CA PHE A 37 10.37 3.25 5.61
C PHE A 37 11.89 3.49 5.35
N PRO A 38 12.64 4.25 6.22
CA PRO A 38 12.10 4.93 7.43
C PRO A 38 11.31 6.24 7.12
N ALA A 39 11.95 7.21 6.44
CA ALA A 39 11.31 8.48 6.04
C ALA A 39 11.95 8.97 4.74
N THR A 40 11.49 8.41 3.61
CA THR A 40 12.00 8.73 2.27
C THR A 40 10.84 9.07 1.33
N LEU A 41 10.70 10.35 0.98
CA LEU A 41 9.65 10.81 0.06
C LEU A 41 9.89 10.22 -1.34
N LEU A 42 9.11 9.19 -1.68
CA LEU A 42 9.13 8.58 -3.01
C LEU A 42 8.35 9.43 -4.01
N ALA A 43 7.37 10.20 -3.50
CA ALA A 43 6.45 10.97 -4.36
C ALA A 43 5.82 12.17 -3.62
N GLY A 44 6.11 13.38 -4.11
CA GLY A 44 5.57 14.63 -3.54
C GLY A 44 4.36 15.16 -4.28
N ASN A 45 3.53 14.22 -4.77
CA ASN A 45 2.37 14.43 -5.69
C ASN A 45 1.97 13.09 -6.30
N ALA A 46 0.73 13.00 -6.81
CA ALA A 46 0.12 11.73 -7.28
C ALA A 46 0.76 11.20 -8.57
N ALA A 47 1.35 12.09 -9.39
CA ALA A 47 2.00 11.70 -10.67
C ALA A 47 3.18 10.76 -10.43
N GLU A 48 3.96 11.09 -9.39
CA GLU A 48 5.12 10.29 -8.98
C GLU A 48 4.68 9.01 -8.23
N ILE A 49 3.51 9.08 -7.54
CA ILE A 49 2.94 7.91 -6.80
C ILE A 49 2.57 6.78 -7.79
N ARG A 50 1.81 7.14 -8.84
CA ARG A 50 1.31 6.16 -9.82
C ARG A 50 2.48 5.45 -10.52
N VAL A 51 3.44 6.23 -11.07
CA VAL A 51 4.55 5.67 -11.88
C VAL A 51 5.48 4.75 -11.07
N ARG A 52 5.71 5.13 -9.79
CA ARG A 52 6.55 4.35 -8.87
C ARG A 52 5.93 2.96 -8.62
N HIS A 53 4.58 2.93 -8.54
CA HIS A 53 3.81 1.69 -8.35
C HIS A 53 3.69 0.88 -9.65
N ILE A 54 3.59 1.57 -10.82
CA ILE A 54 3.48 0.90 -12.14
C ILE A 54 4.69 -0.05 -12.36
N GLU A 55 5.87 0.43 -11.93
CA GLU A 55 7.13 -0.34 -11.96
C GLU A 55 7.04 -1.63 -11.11
N ARG A 56 6.40 -1.52 -9.93
CA ARG A 56 6.21 -2.68 -9.03
C ARG A 56 5.11 -3.63 -9.56
N PHE A 57 4.13 -3.09 -10.31
CA PHE A 57 3.03 -3.87 -10.90
C PHE A 57 3.52 -4.72 -12.11
N LYS A 58 4.80 -4.55 -12.52
CA LYS A 58 5.44 -5.41 -13.54
C LYS A 58 5.77 -6.81 -12.99
N GLU A 59 6.17 -6.85 -11.69
CA GLU A 59 6.53 -8.11 -11.00
C GLU A 59 5.35 -9.11 -11.01
N PRO A 60 5.48 -10.30 -11.69
CA PRO A 60 4.38 -11.29 -11.75
C PRO A 60 4.11 -11.98 -10.39
N ASP A 61 5.15 -12.02 -9.54
CA ASP A 61 5.08 -12.58 -8.18
C ASP A 61 4.43 -11.59 -7.19
N LEU A 62 4.17 -10.33 -7.63
CA LEU A 62 3.50 -9.33 -6.80
C LEU A 62 2.06 -9.75 -6.49
N TYR A 63 1.75 -9.89 -5.21
CA TYR A 63 0.38 -10.07 -4.73
C TYR A 63 0.27 -9.49 -3.32
N GLY A 64 -0.54 -8.43 -3.17
CA GLY A 64 -0.79 -7.82 -1.87
C GLY A 64 -2.08 -8.34 -1.28
N GLU A 65 -1.97 -9.27 -0.32
CA GLU A 65 -3.13 -9.87 0.35
C GLU A 65 -3.32 -9.21 1.72
N LEU A 66 -4.39 -8.41 1.84
CA LEU A 66 -4.71 -7.73 3.11
C LEU A 66 -5.08 -8.77 4.17
N LEU A 67 -4.62 -8.51 5.39
CA LEU A 67 -4.81 -9.40 6.54
C LEU A 67 -5.84 -8.75 7.47
N THR A 68 -5.55 -7.48 7.76
CA THR A 68 -6.26 -6.66 8.74
C THR A 68 -6.10 -5.17 8.37
N ARG A 69 -7.17 -4.38 8.53
CA ARG A 69 -7.10 -2.93 8.45
C ARG A 69 -7.88 -2.31 9.61
N VAL A 70 -7.20 -1.49 10.42
CA VAL A 70 -7.81 -0.79 11.58
C VAL A 70 -7.92 0.71 11.25
N ILE A 71 -9.06 1.32 11.57
CA ILE A 71 -9.33 2.73 11.22
C ILE A 71 -9.60 3.57 12.48
N VAL A 72 -8.88 4.70 12.58
CA VAL A 72 -8.98 5.67 13.67
C VAL A 72 -9.16 7.08 13.06
N GLY A 73 -10.42 7.55 13.02
CA GLY A 73 -10.78 8.85 12.43
C GLY A 73 -10.58 8.88 10.92
N ASN A 74 -9.81 9.87 10.42
CA ASN A 74 -9.53 10.04 8.99
C ASN A 74 -8.25 9.29 8.55
N VAL A 75 -7.81 8.34 9.39
CA VAL A 75 -6.55 7.59 9.18
C VAL A 75 -6.83 6.07 9.26
N VAL A 76 -6.25 5.28 8.31
CA VAL A 76 -6.35 3.80 8.32
C VAL A 76 -4.95 3.17 8.31
N ILE A 77 -4.78 2.10 9.08
CA ILE A 77 -3.63 1.19 9.02
C ILE A 77 -4.06 -0.02 8.20
N ASP A 78 -3.60 -0.10 6.95
CA ASP A 78 -3.81 -1.29 6.10
C ASP A 78 -2.59 -2.19 6.22
N HIS A 79 -2.76 -3.29 6.95
CA HIS A 79 -1.70 -4.28 7.17
C HIS A 79 -1.95 -5.45 6.21
N GLU A 80 -1.13 -5.51 5.17
CA GLU A 80 -1.19 -6.53 4.09
C GLU A 80 0.15 -7.28 4.03
N THR A 81 0.17 -8.35 3.24
CA THR A 81 1.38 -9.10 2.91
C THR A 81 1.62 -9.03 1.40
N VAL A 82 2.62 -8.23 0.98
CA VAL A 82 3.08 -8.21 -0.41
C VAL A 82 4.06 -9.38 -0.62
N THR A 83 3.73 -10.21 -1.61
CA THR A 83 4.57 -11.32 -2.00
C THR A 83 5.66 -10.81 -2.96
N ARG A 84 6.92 -10.98 -2.53
CA ARG A 84 8.10 -10.63 -3.32
C ARG A 84 8.90 -11.93 -3.54
N ASN A 85 10.19 -11.84 -3.89
CA ASN A 85 10.99 -13.05 -4.19
C ASN A 85 12.40 -12.92 -3.58
N PHE A 86 12.69 -13.74 -2.57
CA PHE A 86 13.98 -13.73 -1.83
C PHE A 86 14.80 -15.00 -2.18
N PRO A 87 16.18 -14.94 -2.13
CA PRO A 87 17.04 -16.14 -2.33
C PRO A 87 16.78 -17.27 -1.30
N GLU A 88 16.33 -16.90 -0.08
CA GLU A 88 16.11 -17.88 1.02
C GLU A 88 14.69 -18.49 1.00
N GLY A 89 13.86 -18.13 0.00
CA GLY A 89 12.54 -18.78 -0.18
C GLY A 89 11.50 -17.85 -0.78
N LYS A 90 10.22 -18.04 -0.36
CA LYS A 90 9.04 -17.27 -0.83
C LYS A 90 9.34 -15.76 -1.03
N GLY A 91 9.49 -15.03 0.07
CA GLY A 91 9.85 -13.62 0.04
C GLY A 91 8.71 -12.68 0.30
N GLU A 92 7.69 -13.15 1.01
CA GLU A 92 6.48 -12.37 1.31
C GLU A 92 6.66 -11.65 2.66
N VAL A 93 6.41 -10.34 2.67
CA VAL A 93 6.60 -9.51 3.87
C VAL A 93 5.28 -8.81 4.22
N ASP A 94 5.04 -8.67 5.53
CA ASP A 94 3.90 -7.94 6.06
C ASP A 94 4.29 -6.46 6.16
N VAL A 95 3.53 -5.59 5.50
CA VAL A 95 3.75 -4.14 5.53
C VAL A 95 2.56 -3.48 6.25
N ALA A 96 2.83 -2.44 7.04
CA ALA A 96 1.80 -1.60 7.65
C ALA A 96 1.77 -0.26 6.90
N CYS A 97 0.84 -0.12 5.95
CA CYS A 97 0.66 1.10 5.16
C CYS A 97 -0.39 2.00 5.83
N ILE A 98 0.09 3.09 6.41
CA ILE A 98 -0.75 4.07 7.13
C ILE A 98 -1.07 5.24 6.19
N TYR A 99 -2.36 5.41 5.87
CA TYR A 99 -2.87 6.47 4.99
C TYR A 99 -3.61 7.52 5.81
N GLU A 100 -3.31 8.79 5.54
CA GLU A 100 -4.07 9.92 6.05
C GLU A 100 -4.93 10.47 4.90
N VAL A 101 -6.25 10.33 5.07
CA VAL A 101 -7.26 10.70 4.08
C VAL A 101 -7.86 12.07 4.44
N GLU A 102 -8.01 12.94 3.43
CA GLU A 102 -8.61 14.26 3.57
C GLU A 102 -9.62 14.49 2.41
N ASN A 103 -10.90 14.70 2.79
CA ASN A 103 -12.04 14.92 1.85
C ASN A 103 -12.26 13.71 0.91
N GLY A 104 -11.94 12.49 1.41
CA GLY A 104 -12.13 11.24 0.66
C GLY A 104 -10.93 10.87 -0.21
N ARG A 105 -9.95 11.78 -0.30
CA ARG A 105 -8.74 11.60 -1.10
C ARG A 105 -7.55 11.52 -0.15
N ILE A 106 -6.66 10.55 -0.36
CA ILE A 106 -5.48 10.36 0.50
C ILE A 106 -4.52 11.55 0.30
N ALA A 107 -4.43 12.42 1.31
CA ALA A 107 -3.61 13.63 1.27
C ALA A 107 -2.14 13.31 1.54
N LYS A 108 -1.91 12.28 2.35
CA LYS A 108 -0.56 11.82 2.74
C LYS A 108 -0.62 10.31 3.01
N ALA A 109 0.52 9.64 2.81
CA ALA A 109 0.61 8.18 2.91
C ALA A 109 2.05 7.80 3.22
N TRP A 110 2.20 6.88 4.16
CA TRP A 110 3.48 6.36 4.61
C TRP A 110 3.33 4.85 4.73
N PHE A 111 4.42 4.11 4.57
CA PHE A 111 4.40 2.66 4.83
C PHE A 111 5.69 2.22 5.53
N LYS A 112 5.53 1.25 6.42
CA LYS A 112 6.63 0.58 7.09
C LYS A 112 6.60 -0.88 6.68
N ILE A 113 7.71 -1.40 6.16
CA ILE A 113 7.82 -2.83 5.83
C ILE A 113 8.26 -3.55 7.10
N GLY A 114 7.47 -4.56 7.46
CA GLY A 114 7.68 -5.34 8.68
C GLY A 114 8.72 -6.43 8.52
N GLU A 115 8.37 -7.64 8.96
CA GLU A 115 9.29 -8.74 9.10
C GLU A 115 9.48 -9.48 7.76
N PRO A 116 10.76 -9.79 7.37
CA PRO A 116 11.08 -10.57 6.15
C PRO A 116 10.75 -12.06 6.33
N ARG A 117 9.53 -12.46 5.91
CA ARG A 117 8.97 -13.78 6.20
C ARG A 117 9.11 -14.72 5.01
N ILE A 118 9.41 -15.98 5.32
CA ILE A 118 9.61 -17.06 4.33
C ILE A 118 8.72 -18.24 4.72
N VAL A 119 7.88 -18.67 3.78
CA VAL A 119 6.98 -19.85 3.94
C VAL A 119 7.78 -21.16 3.74
N SER A 120 8.91 -21.05 3.02
CA SER A 120 9.77 -22.19 2.61
C SER A 120 10.69 -22.69 3.77
N GLN A 121 10.35 -22.36 5.03
CA GLN A 121 11.12 -22.79 6.21
C GLN A 121 10.48 -24.02 6.87
N LYS A 122 11.29 -24.79 7.62
CA LYS A 122 10.84 -26.03 8.31
C LYS A 122 11.44 -26.11 9.73
N SER A 123 10.72 -26.79 10.64
CA SER A 123 11.16 -27.01 12.01
C SER A 123 10.37 -28.20 12.60
N MET A 1 -20.36 6.26 8.55
CA MET A 1 -19.40 6.09 9.66
C MET A 1 -18.03 5.69 9.09
N ASN A 2 -17.11 6.68 9.01
CA ASN A 2 -15.73 6.55 8.47
C ASN A 2 -15.75 6.12 6.98
N SER A 3 -16.92 6.28 6.34
CA SER A 3 -17.21 5.72 5.00
C SER A 3 -16.34 6.39 3.93
N GLU A 4 -16.19 7.71 4.03
CA GLU A 4 -15.34 8.53 3.13
C GLU A 4 -13.84 8.17 3.23
N ILE A 5 -13.45 7.50 4.33
CA ILE A 5 -12.06 7.05 4.59
C ILE A 5 -11.91 5.56 4.16
N GLU A 6 -13.02 4.82 4.26
CA GLU A 6 -13.12 3.41 3.83
C GLU A 6 -13.09 3.29 2.30
N LEU A 7 -13.72 4.25 1.61
CA LEU A 7 -13.86 4.23 0.14
C LEU A 7 -12.48 4.16 -0.58
N PRO A 8 -11.48 5.08 -0.29
CA PRO A 8 -10.15 5.00 -0.92
C PRO A 8 -9.47 3.65 -0.63
N VAL A 9 -9.26 3.35 0.64
CA VAL A 9 -8.43 2.21 1.09
C VAL A 9 -8.98 0.84 0.62
N GLN A 10 -10.32 0.76 0.48
CA GLN A 10 -11.00 -0.47 0.04
C GLN A 10 -10.76 -0.70 -1.46
N LYS A 11 -11.12 0.31 -2.29
CA LYS A 11 -11.06 0.21 -3.77
C LYS A 11 -9.62 0.02 -4.25
N GLN A 12 -8.69 0.68 -3.55
CA GLN A 12 -7.25 0.59 -3.79
C GLN A 12 -6.74 -0.83 -3.57
N LEU A 13 -7.16 -1.47 -2.45
CA LEU A 13 -6.79 -2.88 -2.16
C LEU A 13 -7.29 -3.78 -3.27
N GLU A 14 -8.58 -3.59 -3.62
CA GLU A 14 -9.25 -4.41 -4.62
C GLU A 14 -8.51 -4.33 -5.98
N ALA A 15 -7.95 -3.14 -6.23
CA ALA A 15 -7.15 -2.83 -7.42
C ALA A 15 -5.69 -3.30 -7.29
N TYR A 16 -5.17 -3.39 -6.03
CA TYR A 16 -3.75 -3.71 -5.76
C TYR A 16 -3.47 -5.18 -6.13
N ASN A 17 -4.41 -6.08 -5.72
CA ASN A 17 -4.35 -7.51 -6.07
C ASN A 17 -4.82 -7.75 -7.53
N ALA A 18 -5.60 -6.80 -8.07
CA ALA A 18 -6.13 -6.90 -9.46
C ALA A 18 -5.18 -6.23 -10.48
N ARG A 19 -4.06 -5.66 -9.99
CA ARG A 19 -2.99 -5.04 -10.81
C ARG A 19 -3.43 -3.71 -11.49
N ASP A 20 -4.63 -3.21 -11.14
CA ASP A 20 -5.16 -1.94 -11.67
C ASP A 20 -4.52 -0.75 -10.96
N ILE A 21 -3.50 -0.14 -11.58
CA ILE A 21 -2.89 1.12 -11.10
C ILE A 21 -3.91 2.26 -11.12
N ASP A 22 -4.78 2.26 -12.15
CA ASP A 22 -5.74 3.33 -12.41
C ASP A 22 -6.66 3.58 -11.19
N ALA A 23 -7.24 2.48 -10.65
CA ALA A 23 -8.13 2.53 -9.47
C ALA A 23 -7.34 2.54 -8.16
N PHE A 24 -6.15 1.89 -8.16
CA PHE A 24 -5.25 1.92 -7.00
C PHE A 24 -4.71 3.34 -6.77
N MET A 25 -4.76 4.19 -7.81
CA MET A 25 -4.25 5.59 -7.76
C MET A 25 -5.36 6.61 -8.05
N ALA A 26 -6.61 6.13 -8.18
CA ALA A 26 -7.78 7.00 -8.41
C ALA A 26 -8.10 7.81 -7.14
N TRP A 27 -8.14 7.10 -6.01
CA TRP A 27 -8.64 7.63 -4.73
C TRP A 27 -7.55 8.36 -3.91
N TRP A 28 -6.41 8.60 -4.53
CA TRP A 28 -5.33 9.41 -3.95
C TRP A 28 -5.54 10.88 -4.34
N ALA A 29 -4.98 11.80 -3.55
CA ALA A 29 -4.97 13.23 -3.87
C ALA A 29 -3.93 13.52 -4.95
N ASP A 30 -4.19 14.54 -5.78
CA ASP A 30 -3.25 14.96 -6.84
C ASP A 30 -1.94 15.52 -6.22
N ASP A 31 -2.06 16.05 -5.00
CA ASP A 31 -0.95 16.63 -4.22
C ASP A 31 -0.47 15.67 -3.13
N CYS A 32 -0.81 14.36 -3.27
CA CYS A 32 -0.54 13.36 -2.23
C CYS A 32 0.97 13.19 -1.99
N GLN A 33 1.38 13.38 -0.74
CA GLN A 33 2.76 13.18 -0.29
C GLN A 33 2.95 11.71 0.07
N TYR A 34 4.10 11.14 -0.28
CA TYR A 34 4.36 9.70 -0.15
C TYR A 34 5.72 9.50 0.50
N TYR A 35 5.70 9.02 1.75
CA TYR A 35 6.89 8.76 2.55
C TYR A 35 7.09 7.26 2.76
N ALA A 36 8.35 6.91 3.01
CA ALA A 36 8.76 5.58 3.44
C ALA A 36 9.57 5.72 4.74
N PHE A 37 9.67 4.62 5.47
CA PHE A 37 10.47 4.49 6.71
C PHE A 37 11.94 4.99 6.52
N PRO A 38 12.49 5.85 7.44
CA PRO A 38 11.78 6.39 8.63
C PRO A 38 10.81 7.56 8.30
N ALA A 39 11.23 8.49 7.42
CA ALA A 39 10.44 9.69 7.04
C ALA A 39 11.00 10.35 5.76
N THR A 40 11.07 9.58 4.68
CA THR A 40 11.65 10.02 3.40
C THR A 40 10.54 10.18 2.35
N LEU A 41 10.29 11.41 1.90
CA LEU A 41 9.32 11.69 0.82
C LEU A 41 9.93 11.31 -0.54
N LEU A 42 9.41 10.23 -1.14
CA LEU A 42 9.82 9.79 -2.49
C LEU A 42 9.03 10.58 -3.54
N ALA A 43 7.73 10.71 -3.30
CA ALA A 43 6.77 11.26 -4.27
C ALA A 43 5.87 12.33 -3.61
N GLY A 44 5.88 13.57 -4.14
CA GLY A 44 5.15 14.70 -3.55
C GLY A 44 3.99 15.17 -4.41
N ASN A 45 3.21 14.18 -4.86
CA ASN A 45 2.11 14.31 -5.87
C ASN A 45 1.79 12.92 -6.42
N ALA A 46 0.54 12.71 -6.86
CA ALA A 46 0.02 11.39 -7.33
C ALA A 46 0.75 10.87 -8.58
N ALA A 47 1.33 11.78 -9.40
CA ALA A 47 2.00 11.42 -10.66
C ALA A 47 3.24 10.55 -10.40
N GLU A 48 4.03 10.93 -9.40
CA GLU A 48 5.26 10.20 -9.03
C GLU A 48 4.91 8.89 -8.28
N ILE A 49 3.83 8.94 -7.47
CA ILE A 49 3.37 7.80 -6.67
C ILE A 49 2.89 6.64 -7.57
N ARG A 50 2.14 7.00 -8.64
CA ARG A 50 1.57 6.00 -9.57
C ARG A 50 2.68 5.28 -10.34
N VAL A 51 3.69 6.04 -10.82
CA VAL A 51 4.85 5.50 -11.56
C VAL A 51 5.63 4.50 -10.69
N ARG A 52 5.85 4.91 -9.43
CA ARG A 52 6.61 4.12 -8.44
C ARG A 52 5.91 2.79 -8.13
N HIS A 53 4.56 2.82 -8.13
CA HIS A 53 3.73 1.63 -7.93
C HIS A 53 3.68 0.77 -9.21
N ILE A 54 3.68 1.40 -10.41
CA ILE A 54 3.68 0.67 -11.72
C ILE A 54 4.87 -0.29 -11.77
N GLU A 55 6.04 0.21 -11.33
CA GLU A 55 7.30 -0.57 -11.27
C GLU A 55 7.11 -1.87 -10.45
N ARG A 56 6.41 -1.73 -9.30
CA ARG A 56 6.10 -2.88 -8.41
C ARG A 56 5.01 -3.81 -9.03
N PHE A 57 4.09 -3.24 -9.83
CA PHE A 57 3.01 -4.02 -10.48
C PHE A 57 3.52 -4.80 -11.72
N LYS A 58 4.79 -4.56 -12.10
CA LYS A 58 5.49 -5.36 -13.14
C LYS A 58 6.17 -6.61 -12.54
N GLU A 59 6.27 -6.64 -11.20
CA GLU A 59 6.74 -7.81 -10.45
C GLU A 59 5.72 -8.96 -10.61
N PRO A 60 6.10 -10.11 -11.27
CA PRO A 60 5.13 -11.17 -11.65
C PRO A 60 4.55 -11.92 -10.43
N ASP A 61 5.32 -11.96 -9.34
CA ASP A 61 4.95 -12.67 -8.10
C ASP A 61 4.16 -11.78 -7.13
N LEU A 62 4.01 -10.47 -7.44
CA LEU A 62 3.26 -9.53 -6.57
C LEU A 62 1.82 -10.00 -6.34
N TYR A 63 1.47 -10.19 -5.06
CA TYR A 63 0.08 -10.43 -4.62
C TYR A 63 -0.09 -9.86 -3.22
N GLY A 64 -1.02 -8.90 -3.07
CA GLY A 64 -1.33 -8.28 -1.79
C GLY A 64 -2.40 -9.03 -1.04
N GLU A 65 -2.01 -9.78 0.00
CA GLU A 65 -2.96 -10.45 0.91
C GLU A 65 -3.06 -9.65 2.21
N LEU A 66 -4.13 -8.86 2.36
CA LEU A 66 -4.37 -8.06 3.55
C LEU A 66 -5.04 -8.94 4.62
N LEU A 67 -4.48 -8.88 5.83
CA LEU A 67 -4.87 -9.74 6.96
C LEU A 67 -5.48 -8.90 8.11
N THR A 68 -5.02 -7.65 8.24
CA THR A 68 -5.48 -6.72 9.29
C THR A 68 -5.39 -5.28 8.76
N ARG A 69 -6.48 -4.50 8.91
CA ARG A 69 -6.47 -3.05 8.61
C ARG A 69 -7.24 -2.33 9.71
N VAL A 70 -6.55 -1.45 10.44
CA VAL A 70 -7.09 -0.73 11.59
C VAL A 70 -7.36 0.74 11.21
N ILE A 71 -8.64 1.14 11.23
CA ILE A 71 -9.06 2.51 10.90
C ILE A 71 -9.46 3.27 12.17
N VAL A 72 -8.80 4.42 12.38
CA VAL A 72 -9.07 5.35 13.49
C VAL A 72 -9.50 6.68 12.88
N GLY A 73 -10.83 6.89 12.77
CA GLY A 73 -11.40 8.13 12.27
C GLY A 73 -11.07 8.42 10.80
N ASN A 74 -10.00 9.21 10.59
CA ASN A 74 -9.62 9.75 9.26
C ASN A 74 -8.32 9.07 8.72
N VAL A 75 -7.84 8.06 9.47
CA VAL A 75 -6.55 7.37 9.21
C VAL A 75 -6.79 5.86 9.15
N VAL A 76 -6.14 5.17 8.20
CA VAL A 76 -6.15 3.69 8.10
C VAL A 76 -4.70 3.18 8.06
N ILE A 77 -4.36 2.23 8.94
CA ILE A 77 -3.17 1.39 8.82
C ILE A 77 -3.59 0.06 8.21
N ASP A 78 -3.26 -0.15 6.93
CA ASP A 78 -3.44 -1.43 6.26
C ASP A 78 -2.16 -2.26 6.45
N HIS A 79 -2.34 -3.52 6.84
CA HIS A 79 -1.24 -4.45 7.12
C HIS A 79 -1.50 -5.73 6.32
N GLU A 80 -0.66 -5.93 5.32
CA GLU A 80 -0.72 -7.05 4.38
C GLU A 80 0.58 -7.86 4.48
N THR A 81 0.58 -9.01 3.82
CA THR A 81 1.79 -9.77 3.52
C THR A 81 1.81 -10.00 2.00
N VAL A 82 2.64 -9.21 1.30
CA VAL A 82 2.74 -9.27 -0.16
C VAL A 82 3.72 -10.38 -0.59
N THR A 83 3.21 -11.27 -1.43
CA THR A 83 4.00 -12.29 -2.10
C THR A 83 4.95 -11.59 -3.09
N ARG A 84 6.26 -11.87 -2.94
CA ARG A 84 7.31 -11.41 -3.86
C ARG A 84 8.15 -12.64 -4.20
N ASN A 85 9.30 -12.47 -4.88
CA ASN A 85 10.13 -13.63 -5.28
C ASN A 85 11.57 -13.48 -4.80
N PHE A 86 11.88 -14.12 -3.66
CA PHE A 86 13.23 -14.17 -3.08
C PHE A 86 13.87 -15.52 -3.41
N PRO A 87 15.20 -15.56 -3.74
CA PRO A 87 15.90 -16.83 -4.10
C PRO A 87 15.99 -17.84 -2.93
N GLU A 88 15.76 -17.37 -1.68
CA GLU A 88 15.79 -18.23 -0.47
C GLU A 88 14.44 -18.94 -0.24
N GLY A 89 13.39 -18.56 -1.00
CA GLY A 89 12.12 -19.28 -0.96
C GLY A 89 10.98 -18.47 -1.60
N LYS A 90 9.93 -18.19 -0.81
CA LYS A 90 8.78 -17.39 -1.24
C LYS A 90 9.18 -15.92 -1.52
N GLY A 91 9.24 -15.10 -0.45
CA GLY A 91 9.48 -13.66 -0.57
C GLY A 91 8.33 -12.83 -0.02
N GLU A 92 7.59 -13.38 0.94
CA GLU A 92 6.36 -12.76 1.45
C GLU A 92 6.71 -11.83 2.62
N VAL A 93 6.62 -10.51 2.39
CA VAL A 93 7.00 -9.49 3.38
C VAL A 93 5.76 -8.72 3.86
N ASP A 94 5.72 -8.39 5.16
CA ASP A 94 4.60 -7.62 5.75
C ASP A 94 4.97 -6.13 5.81
N VAL A 95 3.98 -5.24 5.60
CA VAL A 95 4.18 -3.77 5.65
C VAL A 95 3.00 -3.12 6.41
N ALA A 96 3.30 -2.16 7.30
CA ALA A 96 2.29 -1.32 7.96
C ALA A 96 2.22 0.04 7.25
N CYS A 97 1.23 0.20 6.36
CA CYS A 97 1.05 1.43 5.58
C CYS A 97 -0.04 2.30 6.24
N ILE A 98 0.37 3.46 6.76
CA ILE A 98 -0.54 4.44 7.38
C ILE A 98 -0.89 5.55 6.36
N TYR A 99 -2.15 5.56 5.92
CA TYR A 99 -2.70 6.62 5.04
C TYR A 99 -3.46 7.65 5.87
N GLU A 100 -3.55 8.87 5.34
CA GLU A 100 -4.36 9.95 5.89
C GLU A 100 -5.16 10.59 4.76
N VAL A 101 -6.49 10.53 4.88
CA VAL A 101 -7.42 10.99 3.85
C VAL A 101 -7.87 12.44 4.12
N GLU A 102 -7.97 13.24 3.07
CA GLU A 102 -8.43 14.63 3.13
C GLU A 102 -9.36 14.88 1.94
N ASN A 103 -10.61 15.30 2.22
CA ASN A 103 -11.61 15.65 1.18
C ASN A 103 -11.96 14.42 0.31
N GLY A 104 -11.91 13.22 0.93
CA GLY A 104 -12.22 11.95 0.27
C GLY A 104 -11.04 11.32 -0.48
N ARG A 105 -9.90 12.04 -0.54
CA ARG A 105 -8.69 11.62 -1.30
C ARG A 105 -7.48 11.60 -0.36
N ILE A 106 -6.66 10.53 -0.43
CA ILE A 106 -5.47 10.38 0.44
C ILE A 106 -4.44 11.49 0.15
N ALA A 107 -4.37 12.50 1.04
CA ALA A 107 -3.50 13.67 0.87
C ALA A 107 -2.07 13.38 1.29
N LYS A 108 -1.89 12.37 2.17
CA LYS A 108 -0.58 11.98 2.71
C LYS A 108 -0.58 10.49 3.03
N ALA A 109 0.52 9.82 2.72
CA ALA A 109 0.70 8.37 2.93
C ALA A 109 2.13 8.13 3.41
N TRP A 110 2.27 7.24 4.39
CA TRP A 110 3.55 6.86 5.01
C TRP A 110 3.54 5.33 5.16
N PHE A 111 4.67 4.64 4.95
CA PHE A 111 4.71 3.17 5.13
C PHE A 111 6.03 2.73 5.76
N LYS A 112 5.96 1.65 6.57
CA LYS A 112 7.14 0.99 7.14
C LYS A 112 6.99 -0.52 6.92
N ILE A 113 8.05 -1.16 6.40
CA ILE A 113 8.05 -2.59 6.12
C ILE A 113 8.50 -3.35 7.38
N GLY A 114 7.67 -4.32 7.79
CA GLY A 114 7.92 -5.14 8.96
C GLY A 114 9.18 -5.99 8.85
N GLU A 115 9.07 -7.13 8.13
CA GLU A 115 10.21 -8.04 7.95
C GLU A 115 9.96 -8.91 6.70
N PRO A 116 11.01 -9.59 6.16
CA PRO A 116 10.84 -10.66 5.17
C PRO A 116 10.48 -12.01 5.82
N ARG A 117 9.58 -12.77 5.16
CA ARG A 117 9.19 -14.13 5.56
C ARG A 117 9.21 -15.06 4.34
N ILE A 118 9.34 -16.36 4.64
CA ILE A 118 9.39 -17.45 3.65
C ILE A 118 8.44 -18.57 4.12
N VAL A 119 7.77 -19.25 3.17
CA VAL A 119 6.84 -20.37 3.48
C VAL A 119 7.59 -21.56 4.10
N SER A 120 8.76 -21.87 3.51
CA SER A 120 9.65 -22.95 4.00
C SER A 120 10.19 -22.63 5.41
N GLN A 121 10.34 -21.32 5.72
CA GLN A 121 10.77 -20.83 7.05
C GLN A 121 9.62 -21.05 8.06
N LYS A 122 9.56 -22.28 8.59
CA LYS A 122 8.44 -22.77 9.40
C LYS A 122 8.85 -24.08 10.10
N SER A 123 8.45 -24.23 11.38
CA SER A 123 8.70 -25.46 12.17
C SER A 123 7.57 -25.63 13.22
N MET A 1 -19.76 6.74 9.34
CA MET A 1 -18.88 6.10 10.35
C MET A 1 -17.44 6.60 10.13
N ASN A 2 -16.77 6.03 9.12
CA ASN A 2 -15.44 6.46 8.64
C ASN A 2 -15.41 6.28 7.10
N SER A 3 -16.60 6.33 6.48
CA SER A 3 -16.88 5.84 5.11
C SER A 3 -15.93 6.43 4.05
N GLU A 4 -15.82 7.76 4.01
CA GLU A 4 -14.98 8.47 3.00
C GLU A 4 -13.47 8.22 3.20
N ILE A 5 -13.10 7.64 4.36
CA ILE A 5 -11.71 7.24 4.67
C ILE A 5 -11.52 5.72 4.39
N GLU A 6 -12.61 4.95 4.56
CA GLU A 6 -12.67 3.50 4.25
C GLU A 6 -12.64 3.27 2.73
N LEU A 7 -13.29 4.18 2.01
CA LEU A 7 -13.61 4.06 0.56
C LEU A 7 -12.35 4.06 -0.33
N PRO A 8 -11.34 4.99 -0.13
CA PRO A 8 -10.05 4.91 -0.84
C PRO A 8 -9.39 3.54 -0.62
N VAL A 9 -9.15 3.23 0.66
CA VAL A 9 -8.40 2.06 1.11
C VAL A 9 -9.03 0.73 0.62
N GLN A 10 -10.37 0.73 0.54
CA GLN A 10 -11.15 -0.46 0.11
C GLN A 10 -10.93 -0.73 -1.39
N LYS A 11 -11.20 0.29 -2.22
CA LYS A 11 -11.15 0.17 -3.71
C LYS A 11 -9.71 -0.10 -4.21
N GLN A 12 -8.75 0.52 -3.51
CA GLN A 12 -7.32 0.39 -3.79
C GLN A 12 -6.82 -1.04 -3.55
N LEU A 13 -7.33 -1.67 -2.48
CA LEU A 13 -6.95 -3.05 -2.11
C LEU A 13 -7.27 -4.03 -3.24
N GLU A 14 -8.53 -3.95 -3.69
CA GLU A 14 -9.05 -4.75 -4.81
C GLU A 14 -8.18 -4.53 -6.05
N ALA A 15 -7.89 -3.26 -6.32
CA ALA A 15 -7.11 -2.80 -7.48
C ALA A 15 -5.64 -3.28 -7.41
N TYR A 16 -5.11 -3.43 -6.17
CA TYR A 16 -3.69 -3.77 -5.94
C TYR A 16 -3.40 -5.22 -6.39
N ASN A 17 -4.27 -6.16 -5.96
CA ASN A 17 -4.14 -7.59 -6.31
C ASN A 17 -4.75 -7.88 -7.71
N ALA A 18 -5.62 -6.97 -8.19
CA ALA A 18 -6.24 -7.08 -9.54
C ALA A 18 -5.38 -6.42 -10.63
N ARG A 19 -4.26 -5.80 -10.21
CA ARG A 19 -3.25 -5.17 -11.09
C ARG A 19 -3.80 -3.90 -11.81
N ASP A 20 -4.87 -3.31 -11.24
CA ASP A 20 -5.47 -2.05 -11.70
C ASP A 20 -4.81 -0.85 -11.00
N ILE A 21 -4.26 0.07 -11.79
CA ILE A 21 -3.66 1.33 -11.30
C ILE A 21 -4.73 2.43 -11.17
N ASP A 22 -5.79 2.36 -12.00
CA ASP A 22 -6.79 3.44 -12.14
C ASP A 22 -7.50 3.75 -10.81
N ALA A 23 -7.95 2.69 -10.10
CA ALA A 23 -8.59 2.83 -8.77
C ALA A 23 -7.52 3.00 -7.68
N PHE A 24 -6.36 2.37 -7.90
CA PHE A 24 -5.20 2.42 -6.98
C PHE A 24 -4.51 3.81 -7.03
N MET A 25 -4.93 4.68 -7.98
CA MET A 25 -4.42 6.06 -8.11
C MET A 25 -5.54 7.10 -7.88
N ALA A 26 -6.77 6.77 -8.30
CA ALA A 26 -7.91 7.72 -8.30
C ALA A 26 -8.19 8.30 -6.91
N TRP A 27 -8.25 7.40 -5.93
CA TRP A 27 -8.63 7.75 -4.54
C TRP A 27 -7.51 8.45 -3.76
N TRP A 28 -6.35 8.65 -4.41
CA TRP A 28 -5.23 9.42 -3.85
C TRP A 28 -5.39 10.88 -4.30
N ALA A 29 -4.91 11.81 -3.47
CA ALA A 29 -4.91 13.24 -3.79
C ALA A 29 -3.80 13.58 -4.81
N ASP A 30 -3.98 14.67 -5.56
CA ASP A 30 -3.01 15.15 -6.56
C ASP A 30 -1.69 15.63 -5.89
N ASP A 31 -1.81 16.02 -4.60
CA ASP A 31 -0.68 16.52 -3.79
C ASP A 31 -0.20 15.43 -2.77
N CYS A 32 -0.56 14.15 -3.04
CA CYS A 32 -0.30 13.03 -2.10
C CYS A 32 1.20 12.84 -1.82
N GLN A 33 1.58 13.08 -0.55
CA GLN A 33 2.97 13.03 -0.09
C GLN A 33 3.30 11.62 0.44
N TYR A 34 4.01 10.87 -0.40
CA TYR A 34 4.34 9.45 -0.20
C TYR A 34 5.75 9.32 0.41
N TYR A 35 5.78 8.87 1.67
CA TYR A 35 7.00 8.56 2.42
C TYR A 35 7.13 7.06 2.65
N ALA A 36 8.38 6.63 2.84
CA ALA A 36 8.73 5.29 3.29
C ALA A 36 9.39 5.37 4.67
N PHE A 37 9.33 4.25 5.41
CA PHE A 37 9.93 4.10 6.76
C PHE A 37 11.45 4.45 6.77
N PRO A 38 11.97 5.25 7.76
CA PRO A 38 11.16 6.01 8.76
C PRO A 38 10.46 7.26 8.15
N ALA A 39 11.19 7.99 7.28
CA ALA A 39 10.73 9.24 6.66
C ALA A 39 11.61 9.56 5.45
N THR A 40 11.17 9.10 4.26
CA THR A 40 11.85 9.36 2.98
C THR A 40 10.80 9.66 1.92
N LEU A 41 10.83 10.87 1.36
CA LEU A 41 9.83 11.33 0.37
C LEU A 41 10.22 10.79 -1.02
N LEU A 42 9.53 9.72 -1.50
CA LEU A 42 9.77 9.15 -2.85
C LEU A 42 8.88 9.83 -3.90
N ALA A 43 7.69 10.32 -3.49
CA ALA A 43 6.73 10.91 -4.44
C ALA A 43 5.92 12.06 -3.78
N GLY A 44 6.08 13.28 -4.30
CA GLY A 44 5.46 14.50 -3.72
C GLY A 44 4.21 14.93 -4.45
N ASN A 45 3.43 13.93 -4.90
CA ASN A 45 2.24 14.09 -5.76
C ASN A 45 1.80 12.72 -6.29
N ALA A 46 0.55 12.65 -6.79
CA ALA A 46 -0.07 11.40 -7.29
C ALA A 46 0.66 10.83 -8.52
N ALA A 47 1.18 11.71 -9.39
CA ALA A 47 1.79 11.31 -10.69
C ALA A 47 2.99 10.37 -10.49
N GLU A 48 3.86 10.74 -9.54
CA GLU A 48 5.07 9.98 -9.22
C GLU A 48 4.73 8.65 -8.51
N ILE A 49 3.63 8.67 -7.73
CA ILE A 49 3.09 7.47 -7.04
C ILE A 49 2.57 6.46 -8.09
N ARG A 50 1.93 6.99 -9.15
CA ARG A 50 1.35 6.19 -10.23
C ARG A 50 2.43 5.40 -10.94
N VAL A 51 3.44 6.13 -11.45
CA VAL A 51 4.58 5.56 -12.22
C VAL A 51 5.30 4.47 -11.41
N ARG A 52 5.59 4.81 -10.14
CA ARG A 52 6.34 3.94 -9.23
C ARG A 52 5.60 2.61 -8.98
N HIS A 53 4.26 2.69 -8.89
CA HIS A 53 3.39 1.52 -8.71
C HIS A 53 3.17 0.74 -10.02
N ILE A 54 3.23 1.43 -11.19
CA ILE A 54 3.15 0.74 -12.51
C ILE A 54 4.34 -0.22 -12.64
N GLU A 55 5.53 0.27 -12.26
CA GLU A 55 6.79 -0.49 -12.25
C GLU A 55 6.73 -1.65 -11.22
N ARG A 56 6.03 -1.40 -10.09
CA ARG A 56 5.81 -2.40 -9.04
C ARG A 56 4.83 -3.51 -9.50
N PHE A 57 3.89 -3.14 -10.40
CA PHE A 57 2.91 -4.10 -10.96
C PHE A 57 3.53 -4.95 -12.10
N LYS A 58 4.78 -4.65 -12.48
CA LYS A 58 5.56 -5.49 -13.43
C LYS A 58 6.22 -6.69 -12.72
N GLU A 59 6.18 -6.71 -11.38
CA GLU A 59 6.64 -7.85 -10.56
C GLU A 59 5.67 -9.04 -10.75
N PRO A 60 6.15 -10.22 -11.28
CA PRO A 60 5.26 -11.38 -11.56
C PRO A 60 4.76 -12.07 -10.27
N ASP A 61 5.51 -11.88 -9.17
CA ASP A 61 5.18 -12.45 -7.84
C ASP A 61 4.33 -11.49 -7.01
N LEU A 62 4.13 -10.23 -7.48
CA LEU A 62 3.41 -9.20 -6.70
C LEU A 62 1.97 -9.66 -6.33
N TYR A 63 1.75 -9.89 -5.04
CA TYR A 63 0.45 -10.31 -4.51
C TYR A 63 0.29 -9.75 -3.10
N GLY A 64 -0.71 -8.88 -2.92
CA GLY A 64 -1.10 -8.40 -1.61
C GLY A 64 -2.10 -9.33 -0.98
N GLU A 65 -1.83 -9.78 0.24
CA GLU A 65 -2.76 -10.62 1.02
C GLU A 65 -3.10 -9.88 2.31
N LEU A 66 -4.28 -9.24 2.35
CA LEU A 66 -4.71 -8.45 3.50
C LEU A 66 -5.51 -9.33 4.46
N LEU A 67 -4.97 -9.47 5.67
CA LEU A 67 -5.61 -10.19 6.79
C LEU A 67 -6.29 -9.17 7.73
N THR A 68 -5.56 -8.11 8.08
CA THR A 68 -6.02 -7.07 9.01
C THR A 68 -6.02 -5.66 8.35
N ARG A 69 -7.07 -4.88 8.65
CA ARG A 69 -7.05 -3.41 8.49
C ARG A 69 -7.86 -2.76 9.62
N VAL A 70 -7.23 -1.84 10.36
CA VAL A 70 -7.88 -1.04 11.42
C VAL A 70 -7.96 0.43 10.94
N ILE A 71 -8.97 1.17 11.44
CA ILE A 71 -9.19 2.57 11.02
C ILE A 71 -9.56 3.45 12.24
N VAL A 72 -9.09 4.70 12.22
CA VAL A 72 -9.28 5.69 13.30
C VAL A 72 -9.36 7.10 12.70
N GLY A 73 -10.58 7.65 12.57
CA GLY A 73 -10.78 8.99 12.03
C GLY A 73 -10.42 9.09 10.55
N ASN A 74 -9.50 10.01 10.21
CA ASN A 74 -9.09 10.26 8.80
C ASN A 74 -7.77 9.54 8.46
N VAL A 75 -7.40 8.53 9.26
CA VAL A 75 -6.17 7.72 9.04
C VAL A 75 -6.47 6.21 9.21
N VAL A 76 -5.87 5.39 8.32
CA VAL A 76 -6.08 3.92 8.29
C VAL A 76 -4.72 3.20 8.38
N ILE A 77 -4.70 2.07 9.11
CA ILE A 77 -3.61 1.08 9.06
C ILE A 77 -4.14 -0.16 8.32
N ASP A 78 -3.74 -0.35 7.06
CA ASP A 78 -4.01 -1.60 6.32
C ASP A 78 -2.74 -2.46 6.33
N HIS A 79 -2.83 -3.62 7.01
CA HIS A 79 -1.70 -4.55 7.16
C HIS A 79 -1.90 -5.78 6.27
N GLU A 80 -1.04 -5.90 5.25
CA GLU A 80 -0.98 -7.08 4.40
C GLU A 80 0.30 -7.87 4.69
N THR A 81 0.34 -9.11 4.19
CA THR A 81 1.59 -9.78 3.83
C THR A 81 1.76 -9.62 2.31
N VAL A 82 2.60 -8.66 1.89
CA VAL A 82 2.83 -8.38 0.46
C VAL A 82 3.92 -9.30 -0.07
N THR A 83 3.72 -9.81 -1.27
CA THR A 83 4.62 -10.81 -1.86
C THR A 83 5.65 -10.14 -2.78
N ARG A 84 6.93 -10.34 -2.42
CA ARG A 84 8.08 -9.89 -3.21
C ARG A 84 8.79 -11.14 -3.77
N ASN A 85 10.05 -11.00 -4.21
CA ASN A 85 10.86 -12.16 -4.61
C ASN A 85 12.27 -12.06 -3.97
N PHE A 86 12.54 -12.96 -3.01
CA PHE A 86 13.86 -13.12 -2.37
C PHE A 86 14.52 -14.41 -2.92
N PRO A 87 15.88 -14.43 -3.12
CA PRO A 87 16.60 -15.62 -3.63
C PRO A 87 16.70 -16.78 -2.60
N GLU A 88 16.31 -16.52 -1.33
CA GLU A 88 16.25 -17.56 -0.28
C GLU A 88 14.90 -18.31 -0.29
N GLY A 89 13.90 -17.79 -1.02
CA GLY A 89 12.58 -18.44 -1.08
C GLY A 89 11.57 -17.64 -1.89
N LYS A 90 10.37 -17.43 -1.31
CA LYS A 90 9.33 -16.59 -1.90
C LYS A 90 9.70 -15.11 -1.76
N GLY A 91 9.60 -14.58 -0.53
CA GLY A 91 9.95 -13.18 -0.26
C GLY A 91 8.78 -12.34 0.20
N GLU A 92 7.79 -12.98 0.82
CA GLU A 92 6.53 -12.33 1.22
C GLU A 92 6.70 -11.77 2.66
N VAL A 93 6.50 -10.45 2.81
CA VAL A 93 6.84 -9.73 4.04
C VAL A 93 5.60 -9.01 4.61
N ASP A 94 5.49 -8.96 5.94
CA ASP A 94 4.36 -8.32 6.64
C ASP A 94 4.55 -6.80 6.66
N VAL A 95 3.76 -6.05 5.88
CA VAL A 95 3.88 -4.57 5.75
C VAL A 95 2.55 -3.90 6.10
N ALA A 96 2.63 -2.78 6.83
CA ALA A 96 1.46 -1.98 7.21
C ALA A 96 1.57 -0.58 6.59
N CYS A 97 0.62 -0.22 5.72
CA CYS A 97 0.55 1.10 5.11
C CYS A 97 -0.40 1.97 5.95
N ILE A 98 0.12 3.11 6.41
CA ILE A 98 -0.64 4.11 7.16
C ILE A 98 -0.94 5.31 6.25
N TYR A 99 -2.21 5.41 5.79
CA TYR A 99 -2.67 6.49 4.89
C TYR A 99 -3.41 7.55 5.70
N GLU A 100 -3.01 8.83 5.55
CA GLU A 100 -3.77 9.98 6.04
C GLU A 100 -4.57 10.61 4.88
N VAL A 101 -5.89 10.49 4.98
CA VAL A 101 -6.86 10.92 3.96
C VAL A 101 -7.42 12.32 4.30
N GLU A 102 -7.31 13.25 3.33
CA GLU A 102 -7.90 14.60 3.42
C GLU A 102 -8.65 14.93 2.11
N ASN A 103 -9.83 15.59 2.22
CA ASN A 103 -10.77 15.88 1.10
C ASN A 103 -11.31 14.58 0.46
N GLY A 104 -11.42 13.50 1.28
CA GLY A 104 -11.85 12.18 0.81
C GLY A 104 -10.83 11.46 -0.08
N ARG A 105 -9.61 12.04 -0.18
CA ARG A 105 -8.51 11.53 -1.02
C ARG A 105 -7.25 11.42 -0.15
N ILE A 106 -6.40 10.41 -0.39
CA ILE A 106 -5.16 10.23 0.40
C ILE A 106 -4.17 11.34 0.08
N ALA A 107 -4.09 12.35 0.96
CA ALA A 107 -3.21 13.53 0.76
C ALA A 107 -1.79 13.29 1.29
N LYS A 108 -1.63 12.23 2.12
CA LYS A 108 -0.33 11.79 2.65
C LYS A 108 -0.39 10.27 2.84
N ALA A 109 0.60 9.55 2.32
CA ALA A 109 0.69 8.09 2.45
C ALA A 109 2.07 7.71 2.98
N TRP A 110 2.11 6.84 3.99
CA TRP A 110 3.35 6.37 4.62
C TRP A 110 3.24 4.82 4.76
N PHE A 111 4.37 4.09 4.76
CA PHE A 111 4.34 2.63 4.98
C PHE A 111 5.55 2.17 5.80
N LYS A 112 5.34 1.11 6.60
CA LYS A 112 6.37 0.44 7.40
C LYS A 112 6.44 -1.06 7.04
N ILE A 113 7.65 -1.56 6.75
CA ILE A 113 7.87 -3.01 6.55
C ILE A 113 8.22 -3.63 7.92
N GLY A 114 7.50 -4.69 8.27
CA GLY A 114 7.64 -5.36 9.56
C GLY A 114 8.90 -6.23 9.65
N GLU A 115 8.86 -7.39 8.97
CA GLU A 115 9.93 -8.40 9.03
C GLU A 115 9.97 -9.20 7.70
N PRO A 116 11.04 -10.01 7.43
CA PRO A 116 11.05 -10.98 6.32
C PRO A 116 10.39 -12.33 6.70
N ARG A 117 9.58 -12.89 5.77
CA ARG A 117 8.98 -14.24 5.90
C ARG A 117 9.21 -15.01 4.58
N ILE A 118 9.33 -16.36 4.69
CA ILE A 118 9.50 -17.27 3.53
C ILE A 118 8.49 -18.43 3.67
N VAL A 119 7.76 -18.74 2.58
CA VAL A 119 6.71 -19.80 2.58
C VAL A 119 7.32 -21.21 2.82
N SER A 120 8.50 -21.44 2.24
CA SER A 120 9.20 -22.75 2.33
C SER A 120 9.84 -22.96 3.71
N GLN A 121 10.04 -21.86 4.44
CA GLN A 121 10.54 -21.88 5.82
C GLN A 121 9.51 -22.55 6.74
N LYS A 122 9.71 -23.84 7.03
CA LYS A 122 8.74 -24.64 7.81
C LYS A 122 9.50 -25.71 8.63
N SER A 123 9.45 -25.55 9.96
CA SER A 123 10.05 -26.50 10.90
C SER A 123 8.98 -27.56 11.29
N MET A 1 -20.15 4.47 8.79
CA MET A 1 -19.35 4.48 10.04
C MET A 1 -17.86 4.50 9.66
N ASN A 2 -17.29 5.73 9.52
CA ASN A 2 -15.88 5.95 9.07
C ASN A 2 -15.63 5.40 7.63
N SER A 3 -16.73 5.10 6.93
CA SER A 3 -16.72 4.33 5.67
C SER A 3 -16.24 5.18 4.47
N GLU A 4 -16.30 6.52 4.59
CA GLU A 4 -15.76 7.44 3.54
C GLU A 4 -14.22 7.44 3.54
N ILE A 5 -13.63 7.01 4.65
CA ILE A 5 -12.17 6.82 4.78
C ILE A 5 -11.82 5.38 4.35
N GLU A 6 -12.80 4.47 4.50
CA GLU A 6 -12.69 3.09 4.00
C GLU A 6 -12.95 3.02 2.48
N LEU A 7 -13.62 4.03 1.87
CA LEU A 7 -13.89 4.05 0.41
C LEU A 7 -12.58 4.05 -0.43
N PRO A 8 -11.57 4.96 -0.16
CA PRO A 8 -10.25 4.89 -0.84
C PRO A 8 -9.55 3.54 -0.58
N VAL A 9 -9.39 3.24 0.70
CA VAL A 9 -8.63 2.09 1.23
C VAL A 9 -9.07 0.72 0.64
N GLN A 10 -10.39 0.50 0.63
CA GLN A 10 -11.01 -0.74 0.15
C GLN A 10 -10.71 -0.93 -1.35
N LYS A 11 -10.91 0.15 -2.13
CA LYS A 11 -10.70 0.15 -3.59
C LYS A 11 -9.22 0.01 -3.95
N GLN A 12 -8.34 0.62 -3.12
CA GLN A 12 -6.87 0.57 -3.32
C GLN A 12 -6.35 -0.86 -3.25
N LEU A 13 -6.73 -1.58 -2.18
CA LEU A 13 -6.29 -2.96 -1.96
C LEU A 13 -6.75 -3.84 -3.11
N GLU A 14 -8.04 -3.71 -3.44
CA GLU A 14 -8.64 -4.51 -4.51
C GLU A 14 -7.94 -4.24 -5.86
N ALA A 15 -7.52 -2.98 -6.04
CA ALA A 15 -6.75 -2.54 -7.21
C ALA A 15 -5.28 -3.03 -7.14
N TYR A 16 -4.78 -3.23 -5.91
CA TYR A 16 -3.35 -3.58 -5.66
C TYR A 16 -3.09 -5.03 -6.12
N ASN A 17 -4.03 -5.93 -5.82
CA ASN A 17 -3.96 -7.36 -6.25
C ASN A 17 -4.47 -7.53 -7.70
N ALA A 18 -5.38 -6.65 -8.15
CA ALA A 18 -6.00 -6.75 -9.50
C ALA A 18 -5.25 -5.93 -10.56
N ARG A 19 -4.04 -5.44 -10.20
CA ARG A 19 -3.10 -4.76 -11.14
C ARG A 19 -3.67 -3.44 -11.70
N ASP A 20 -4.68 -2.87 -11.01
CA ASP A 20 -5.35 -1.63 -11.42
C ASP A 20 -4.64 -0.42 -10.78
N ILE A 21 -3.79 0.28 -11.55
CA ILE A 21 -3.16 1.54 -11.09
C ILE A 21 -4.17 2.70 -11.10
N ASP A 22 -5.17 2.63 -11.99
CA ASP A 22 -6.13 3.72 -12.24
C ASP A 22 -6.96 4.01 -10.97
N ALA A 23 -7.45 2.94 -10.33
CA ALA A 23 -8.22 3.03 -9.06
C ALA A 23 -7.28 3.18 -7.86
N PHE A 24 -6.11 2.51 -7.95
CA PHE A 24 -5.04 2.67 -6.95
C PHE A 24 -4.44 4.11 -6.96
N MET A 25 -4.84 4.93 -7.96
CA MET A 25 -4.48 6.35 -8.05
C MET A 25 -5.70 7.27 -7.84
N ALA A 26 -6.90 6.80 -8.27
CA ALA A 26 -8.14 7.63 -8.34
C ALA A 26 -8.56 8.22 -6.98
N TRP A 27 -8.21 7.52 -5.91
CA TRP A 27 -8.61 7.86 -4.53
C TRP A 27 -7.53 8.66 -3.78
N TRP A 28 -6.54 9.16 -4.52
CA TRP A 28 -5.43 9.95 -3.98
C TRP A 28 -5.54 11.39 -4.49
N ALA A 29 -5.12 12.35 -3.66
CA ALA A 29 -5.06 13.77 -4.01
C ALA A 29 -3.92 14.03 -5.02
N ASP A 30 -4.06 15.08 -5.85
CA ASP A 30 -3.06 15.44 -6.88
C ASP A 30 -1.70 15.84 -6.24
N ASP A 31 -1.76 16.34 -5.00
CA ASP A 31 -0.58 16.84 -4.24
C ASP A 31 -0.10 15.80 -3.19
N CYS A 32 -0.62 14.55 -3.30
CA CYS A 32 -0.44 13.49 -2.26
C CYS A 32 1.04 13.13 -2.00
N GLN A 33 1.44 13.21 -0.72
CA GLN A 33 2.79 12.84 -0.27
C GLN A 33 2.88 11.31 -0.10
N TYR A 34 4.08 10.77 -0.31
CA TYR A 34 4.33 9.32 -0.20
C TYR A 34 5.74 9.09 0.33
N TYR A 35 5.82 8.55 1.55
CA TYR A 35 7.09 8.26 2.24
C TYR A 35 7.28 6.75 2.43
N ALA A 36 8.56 6.37 2.45
CA ALA A 36 9.03 5.07 2.92
C ALA A 36 9.54 5.24 4.37
N PHE A 37 9.62 4.13 5.11
CA PHE A 37 10.22 4.11 6.47
C PHE A 37 11.70 4.59 6.40
N PRO A 38 12.19 5.47 7.35
CA PRO A 38 11.37 6.17 8.38
C PRO A 38 10.51 7.31 7.80
N ALA A 39 11.18 8.26 7.12
CA ALA A 39 10.51 9.41 6.47
C ALA A 39 11.29 9.82 5.21
N THR A 40 11.43 8.87 4.28
CA THR A 40 12.07 9.10 2.98
C THR A 40 11.00 9.42 1.93
N LEU A 41 10.88 10.71 1.56
CA LEU A 41 9.88 11.17 0.59
C LEU A 41 10.23 10.61 -0.81
N LEU A 42 9.46 9.58 -1.22
CA LEU A 42 9.62 8.96 -2.54
C LEU A 42 8.87 9.78 -3.60
N ALA A 43 7.63 10.19 -3.29
CA ALA A 43 6.73 10.83 -4.25
C ALA A 43 5.88 11.93 -3.56
N GLY A 44 6.06 13.19 -3.99
CA GLY A 44 5.43 14.36 -3.33
C GLY A 44 4.21 14.90 -4.07
N ASN A 45 3.44 13.98 -4.64
CA ASN A 45 2.31 14.25 -5.56
C ASN A 45 1.88 12.92 -6.21
N ALA A 46 0.60 12.87 -6.66
CA ALA A 46 -0.04 11.65 -7.21
C ALA A 46 0.72 11.08 -8.43
N ALA A 47 1.26 11.97 -9.28
CA ALA A 47 1.88 11.59 -10.56
C ALA A 47 3.07 10.62 -10.36
N GLU A 48 3.90 10.92 -9.36
CA GLU A 48 5.10 10.13 -9.04
C GLU A 48 4.72 8.82 -8.32
N ILE A 49 3.63 8.89 -7.51
CA ILE A 49 3.07 7.71 -6.81
C ILE A 49 2.56 6.67 -7.82
N ARG A 50 1.89 7.18 -8.86
CA ARG A 50 1.31 6.39 -9.96
C ARG A 50 2.38 5.54 -10.64
N VAL A 51 3.41 6.22 -11.15
CA VAL A 51 4.41 5.63 -12.05
C VAL A 51 5.35 4.64 -11.33
N ARG A 52 5.69 4.95 -10.07
CA ARG A 52 6.57 4.11 -9.25
C ARG A 52 5.84 2.81 -8.84
N HIS A 53 4.51 2.93 -8.60
CA HIS A 53 3.66 1.76 -8.28
C HIS A 53 3.40 0.90 -9.52
N ILE A 54 3.42 1.50 -10.73
CA ILE A 54 3.31 0.71 -11.99
C ILE A 54 4.42 -0.35 -12.04
N GLU A 55 5.65 0.06 -11.66
CA GLU A 55 6.83 -0.82 -11.60
C GLU A 55 6.63 -1.98 -10.61
N ARG A 56 5.93 -1.69 -9.49
CA ARG A 56 5.53 -2.69 -8.48
C ARG A 56 4.53 -3.69 -9.10
N PHE A 57 3.62 -3.15 -9.93
CA PHE A 57 2.55 -3.92 -10.59
C PHE A 57 3.05 -4.65 -11.86
N LYS A 58 4.36 -4.53 -12.17
CA LYS A 58 4.99 -5.31 -13.26
C LYS A 58 5.67 -6.59 -12.72
N GLU A 59 5.89 -6.66 -11.38
CA GLU A 59 6.50 -7.85 -10.74
C GLU A 59 5.49 -9.03 -10.76
N PRO A 60 5.86 -10.21 -11.37
CA PRO A 60 4.94 -11.39 -11.43
C PRO A 60 4.60 -11.95 -10.03
N ASP A 61 5.51 -11.72 -9.06
CA ASP A 61 5.39 -12.20 -7.68
C ASP A 61 4.57 -11.23 -6.79
N LEU A 62 4.18 -10.05 -7.32
CA LEU A 62 3.30 -9.11 -6.60
C LEU A 62 1.97 -9.79 -6.23
N TYR A 63 1.76 -9.95 -4.92
CA TYR A 63 0.48 -10.38 -4.35
C TYR A 63 0.33 -9.69 -2.98
N GLY A 64 -0.69 -8.84 -2.84
CA GLY A 64 -0.96 -8.17 -1.58
C GLY A 64 -2.20 -8.72 -0.92
N GLU A 65 -2.01 -9.57 0.11
CA GLU A 65 -3.11 -10.09 0.92
C GLU A 65 -3.22 -9.25 2.18
N LEU A 66 -4.21 -8.35 2.23
CA LEU A 66 -4.55 -7.62 3.45
C LEU A 66 -5.27 -8.59 4.39
N LEU A 67 -4.65 -8.88 5.54
CA LEU A 67 -5.17 -9.84 6.53
C LEU A 67 -5.84 -9.11 7.70
N THR A 68 -5.35 -7.90 7.99
CA THR A 68 -5.84 -7.04 9.08
C THR A 68 -5.66 -5.56 8.73
N ARG A 69 -6.71 -4.76 8.95
CA ARG A 69 -6.64 -3.29 8.86
C ARG A 69 -7.45 -2.65 9.99
N VAL A 70 -6.91 -1.58 10.59
CA VAL A 70 -7.53 -0.85 11.70
C VAL A 70 -7.73 0.63 11.29
N ILE A 71 -8.96 1.12 11.41
CA ILE A 71 -9.31 2.51 11.01
C ILE A 71 -9.57 3.36 12.26
N VAL A 72 -9.01 4.58 12.24
CA VAL A 72 -9.09 5.55 13.34
C VAL A 72 -9.22 6.97 12.73
N GLY A 73 -10.47 7.45 12.64
CA GLY A 73 -10.78 8.76 12.06
C GLY A 73 -10.50 8.83 10.56
N ASN A 74 -9.67 9.81 10.14
CA ASN A 74 -9.37 10.06 8.71
C ASN A 74 -8.16 9.23 8.21
N VAL A 75 -7.66 8.29 9.03
CA VAL A 75 -6.45 7.50 8.71
C VAL A 75 -6.68 6.01 9.01
N VAL A 76 -6.12 5.12 8.15
CA VAL A 76 -6.18 3.65 8.33
C VAL A 76 -4.75 3.05 8.32
N ILE A 77 -4.53 2.03 9.17
CA ILE A 77 -3.34 1.17 9.15
C ILE A 77 -3.71 -0.13 8.43
N ASP A 78 -3.24 -0.27 7.18
CA ASP A 78 -3.51 -1.45 6.35
C ASP A 78 -2.32 -2.40 6.41
N HIS A 79 -2.46 -3.50 7.14
CA HIS A 79 -1.38 -4.46 7.29
C HIS A 79 -1.60 -5.62 6.31
N GLU A 80 -0.80 -5.60 5.24
CA GLU A 80 -0.80 -6.62 4.19
C GLU A 80 0.39 -7.55 4.39
N THR A 81 0.35 -8.70 3.73
CA THR A 81 1.54 -9.49 3.43
C THR A 81 1.84 -9.31 1.94
N VAL A 82 2.83 -8.47 1.67
CA VAL A 82 3.29 -8.11 0.33
C VAL A 82 4.32 -9.14 -0.16
N THR A 83 3.89 -10.04 -1.05
CA THR A 83 4.73 -11.09 -1.62
C THR A 83 5.77 -10.51 -2.60
N ARG A 84 7.05 -10.86 -2.37
CA ARG A 84 8.19 -10.46 -3.22
C ARG A 84 8.79 -11.76 -3.79
N ASN A 85 10.05 -11.71 -4.26
CA ASN A 85 10.77 -12.92 -4.68
C ASN A 85 12.18 -12.92 -4.05
N PHE A 86 12.36 -13.74 -3.01
CA PHE A 86 13.65 -13.90 -2.30
C PHE A 86 14.25 -15.29 -2.63
N PRO A 87 15.59 -15.39 -2.94
CA PRO A 87 16.26 -16.67 -3.34
C PRO A 87 16.25 -17.76 -2.24
N GLU A 88 15.89 -17.39 -1.00
CA GLU A 88 15.76 -18.36 0.12
C GLU A 88 14.41 -19.12 0.05
N GLY A 89 13.37 -18.48 -0.55
CA GLY A 89 12.08 -19.15 -0.74
C GLY A 89 11.05 -18.25 -1.41
N LYS A 90 9.97 -17.93 -0.68
CA LYS A 90 8.88 -17.05 -1.13
C LYS A 90 9.35 -15.59 -1.23
N GLY A 91 9.38 -14.89 -0.09
CA GLY A 91 9.75 -13.48 -0.04
C GLY A 91 8.63 -12.57 0.40
N GLU A 92 7.69 -13.10 1.18
CA GLU A 92 6.46 -12.37 1.54
C GLU A 92 6.70 -11.55 2.83
N VAL A 93 6.65 -10.22 2.69
CA VAL A 93 6.98 -9.29 3.79
C VAL A 93 5.71 -8.57 4.26
N ASP A 94 5.43 -8.64 5.56
CA ASP A 94 4.23 -8.04 6.15
C ASP A 94 4.44 -6.52 6.32
N VAL A 95 3.74 -5.71 5.51
CA VAL A 95 3.94 -4.24 5.44
C VAL A 95 2.70 -3.52 5.96
N ALA A 96 2.92 -2.54 6.86
CA ALA A 96 1.88 -1.64 7.37
C ALA A 96 1.84 -0.36 6.50
N CYS A 97 0.88 -0.32 5.57
CA CYS A 97 0.66 0.81 4.66
C CYS A 97 -0.40 1.73 5.28
N ILE A 98 0.03 2.90 5.76
CA ILE A 98 -0.82 3.86 6.49
C ILE A 98 -1.16 5.07 5.60
N TYR A 99 -2.45 5.24 5.27
CA TYR A 99 -2.94 6.33 4.40
C TYR A 99 -3.79 7.30 5.21
N GLU A 100 -3.54 8.60 5.04
CA GLU A 100 -4.33 9.67 5.64
C GLU A 100 -5.17 10.34 4.53
N VAL A 101 -6.49 10.16 4.63
CA VAL A 101 -7.49 10.68 3.70
C VAL A 101 -7.87 12.12 4.05
N GLU A 102 -8.03 12.95 3.03
CA GLU A 102 -8.26 14.41 3.15
C GLU A 102 -9.29 14.84 2.10
N ASN A 103 -10.53 15.12 2.55
CA ASN A 103 -11.68 15.54 1.68
C ASN A 103 -12.06 14.43 0.65
N GLY A 104 -11.86 13.16 1.05
CA GLY A 104 -12.20 12.00 0.20
C GLY A 104 -11.02 11.46 -0.61
N ARG A 105 -9.88 12.18 -0.56
CA ARG A 105 -8.67 11.86 -1.34
C ARG A 105 -7.44 11.88 -0.43
N ILE A 106 -6.59 10.85 -0.53
CA ILE A 106 -5.38 10.70 0.30
C ILE A 106 -4.37 11.79 -0.04
N ALA A 107 -4.12 12.72 0.89
CA ALA A 107 -3.14 13.79 0.67
C ALA A 107 -1.77 13.44 1.28
N LYS A 108 -1.71 12.37 2.08
CA LYS A 108 -0.47 11.91 2.75
C LYS A 108 -0.52 10.40 2.94
N ALA A 109 0.55 9.71 2.54
CA ALA A 109 0.64 8.25 2.62
C ALA A 109 2.06 7.85 3.00
N TRP A 110 2.16 6.85 3.86
CA TRP A 110 3.44 6.32 4.37
C TRP A 110 3.34 4.78 4.38
N PHE A 111 4.48 4.08 4.36
CA PHE A 111 4.49 2.62 4.55
C PHE A 111 5.74 2.20 5.34
N LYS A 112 5.57 1.14 6.14
CA LYS A 112 6.65 0.54 6.93
C LYS A 112 6.66 -0.97 6.66
N ILE A 113 7.80 -1.50 6.20
CA ILE A 113 7.94 -2.94 5.89
C ILE A 113 8.37 -3.67 7.16
N GLY A 114 7.66 -4.76 7.48
CA GLY A 114 7.93 -5.54 8.69
C GLY A 114 9.13 -6.45 8.53
N GLU A 115 8.96 -7.73 8.88
CA GLU A 115 10.02 -8.73 8.78
C GLU A 115 9.99 -9.39 7.38
N PRO A 116 11.10 -10.04 6.94
CA PRO A 116 11.08 -10.92 5.76
C PRO A 116 10.60 -12.36 6.11
N ARG A 117 9.44 -12.77 5.56
CA ARG A 117 8.86 -14.11 5.81
C ARG A 117 9.02 -15.00 4.59
N ILE A 118 9.17 -16.30 4.86
CA ILE A 118 9.22 -17.39 3.89
C ILE A 118 8.21 -18.45 4.34
N VAL A 119 7.59 -19.14 3.38
CA VAL A 119 6.53 -20.16 3.65
C VAL A 119 7.01 -21.26 4.63
N SER A 120 8.33 -21.53 4.62
CA SER A 120 8.96 -22.56 5.47
C SER A 120 9.05 -22.10 6.96
N GLN A 121 9.49 -20.85 7.18
CA GLN A 121 9.87 -20.34 8.53
C GLN A 121 8.81 -19.41 9.17
N LYS A 122 7.72 -19.08 8.44
CA LYS A 122 6.71 -18.09 8.90
C LYS A 122 6.00 -18.50 10.22
N SER A 123 5.61 -17.50 11.03
CA SER A 123 4.97 -17.72 12.33
C SER A 123 3.85 -16.65 12.56
N MET A 1 -19.31 9.07 10.77
CA MET A 1 -18.82 7.87 10.04
C MET A 1 -17.32 8.01 9.71
N ASN A 2 -16.71 6.88 9.31
CA ASN A 2 -15.30 6.82 8.87
C ASN A 2 -15.21 6.04 7.55
N SER A 3 -16.36 5.98 6.83
CA SER A 3 -16.51 5.20 5.60
C SER A 3 -15.69 5.80 4.45
N GLU A 4 -15.77 7.15 4.30
CA GLU A 4 -15.09 7.91 3.22
C GLU A 4 -13.55 7.77 3.28
N ILE A 5 -13.03 7.32 4.43
CA ILE A 5 -11.60 7.11 4.63
C ILE A 5 -11.22 5.68 4.17
N GLU A 6 -12.15 4.74 4.38
CA GLU A 6 -11.95 3.33 4.00
C GLU A 6 -12.37 3.07 2.55
N LEU A 7 -13.17 3.97 1.94
CA LEU A 7 -13.62 3.80 0.52
C LEU A 7 -12.41 3.81 -0.45
N PRO A 8 -11.46 4.82 -0.37
CA PRO A 8 -10.20 4.79 -1.14
C PRO A 8 -9.38 3.53 -0.85
N VAL A 9 -9.15 3.29 0.44
CA VAL A 9 -8.27 2.24 0.95
C VAL A 9 -8.75 0.81 0.59
N GLN A 10 -10.07 0.65 0.50
CA GLN A 10 -10.72 -0.64 0.13
C GLN A 10 -10.51 -0.93 -1.37
N LYS A 11 -10.77 0.10 -2.19
CA LYS A 11 -10.63 0.00 -3.66
C LYS A 11 -9.16 -0.09 -4.07
N GLN A 12 -8.26 0.46 -3.21
CA GLN A 12 -6.80 0.39 -3.41
C GLN A 12 -6.34 -1.07 -3.40
N LEU A 13 -6.84 -1.84 -2.42
CA LEU A 13 -6.52 -3.28 -2.28
C LEU A 13 -6.91 -4.01 -3.56
N GLU A 14 -8.15 -3.76 -4.00
CA GLU A 14 -8.72 -4.42 -5.18
C GLU A 14 -7.81 -4.16 -6.40
N ALA A 15 -7.45 -2.88 -6.52
CA ALA A 15 -6.56 -2.36 -7.57
C ALA A 15 -5.11 -2.85 -7.41
N TYR A 16 -4.70 -3.19 -6.16
CA TYR A 16 -3.31 -3.57 -5.84
C TYR A 16 -3.02 -4.98 -6.37
N ASN A 17 -4.03 -5.87 -6.25
CA ASN A 17 -3.91 -7.25 -6.73
C ASN A 17 -4.40 -7.40 -8.19
N ALA A 18 -5.36 -6.55 -8.61
CA ALA A 18 -5.94 -6.57 -9.98
C ALA A 18 -5.18 -5.66 -10.95
N ARG A 19 -4.12 -5.00 -10.43
CA ARG A 19 -3.15 -4.20 -11.23
C ARG A 19 -3.79 -2.94 -11.88
N ASP A 20 -4.90 -2.44 -11.30
CA ASP A 20 -5.59 -1.26 -11.83
C ASP A 20 -4.99 0.03 -11.22
N ILE A 21 -4.05 0.65 -11.96
CA ILE A 21 -3.44 1.94 -11.61
C ILE A 21 -4.49 3.07 -11.60
N ASP A 22 -5.51 2.94 -12.47
CA ASP A 22 -6.55 3.97 -12.61
C ASP A 22 -7.33 4.17 -11.30
N ALA A 23 -7.71 3.05 -10.66
CA ALA A 23 -8.39 3.07 -9.33
C ALA A 23 -7.39 3.37 -8.22
N PHE A 24 -6.15 2.86 -8.39
CA PHE A 24 -5.04 3.08 -7.44
C PHE A 24 -4.51 4.53 -7.51
N MET A 25 -5.05 5.34 -8.46
CA MET A 25 -4.76 6.79 -8.52
C MET A 25 -6.04 7.65 -8.39
N ALA A 26 -7.22 7.07 -8.72
CA ALA A 26 -8.52 7.80 -8.78
C ALA A 26 -8.90 8.44 -7.43
N TRP A 27 -8.57 7.75 -6.34
CA TRP A 27 -8.95 8.15 -4.98
C TRP A 27 -7.91 9.07 -4.31
N TRP A 28 -6.76 9.25 -4.96
CA TRP A 28 -5.62 9.98 -4.40
C TRP A 28 -5.70 11.47 -4.80
N ALA A 29 -5.29 12.36 -3.87
CA ALA A 29 -5.18 13.80 -4.13
C ALA A 29 -4.02 14.07 -5.11
N ASP A 30 -4.13 15.16 -5.89
CA ASP A 30 -3.06 15.56 -6.84
C ASP A 30 -1.79 16.04 -6.08
N ASP A 31 -1.99 16.47 -4.83
CA ASP A 31 -0.91 16.92 -3.91
C ASP A 31 -0.55 15.80 -2.91
N CYS A 32 -0.91 14.54 -3.23
CA CYS A 32 -0.67 13.38 -2.33
C CYS A 32 0.83 13.11 -2.13
N GLN A 33 1.25 13.15 -0.86
CA GLN A 33 2.64 12.86 -0.45
C GLN A 33 2.81 11.35 -0.25
N TYR A 34 4.05 10.85 -0.40
CA TYR A 34 4.35 9.42 -0.25
C TYR A 34 5.73 9.25 0.38
N TYR A 35 5.77 8.69 1.60
CA TYR A 35 7.03 8.39 2.32
C TYR A 35 7.26 6.87 2.37
N ALA A 36 8.54 6.51 2.48
CA ALA A 36 8.99 5.12 2.69
C ALA A 36 9.62 5.01 4.09
N PHE A 37 9.56 3.80 4.69
CA PHE A 37 10.07 3.53 6.05
C PHE A 37 11.59 3.87 6.17
N PRO A 38 12.05 4.69 7.20
CA PRO A 38 11.20 5.30 8.26
C PRO A 38 10.35 6.51 7.77
N ALA A 39 11.00 7.48 7.10
CA ALA A 39 10.34 8.69 6.57
C ALA A 39 11.24 9.29 5.47
N THR A 40 11.00 8.88 4.21
CA THR A 40 11.70 9.39 3.03
C THR A 40 10.68 9.64 1.92
N LEU A 41 10.40 10.92 1.63
CA LEU A 41 9.39 11.32 0.64
C LEU A 41 9.89 10.94 -0.78
N LEU A 42 9.30 9.87 -1.33
CA LEU A 42 9.59 9.38 -2.70
C LEU A 42 8.80 10.21 -3.74
N ALA A 43 7.57 10.58 -3.38
CA ALA A 43 6.61 11.21 -4.31
C ALA A 43 5.82 12.36 -3.64
N GLY A 44 5.94 13.58 -4.19
CA GLY A 44 5.33 14.79 -3.61
C GLY A 44 4.13 15.29 -4.41
N ASN A 45 3.32 14.33 -4.87
CA ASN A 45 2.18 14.53 -5.81
C ASN A 45 1.75 13.15 -6.37
N ALA A 46 0.55 13.10 -6.97
CA ALA A 46 -0.08 11.86 -7.46
C ALA A 46 0.72 11.20 -8.61
N ALA A 47 1.27 12.03 -9.51
CA ALA A 47 1.95 11.55 -10.74
C ALA A 47 3.17 10.65 -10.43
N GLU A 48 3.98 11.09 -9.44
CA GLU A 48 5.21 10.37 -9.05
C GLU A 48 4.87 9.07 -8.30
N ILE A 49 3.73 9.07 -7.58
CA ILE A 49 3.18 7.88 -6.91
C ILE A 49 2.74 6.84 -7.95
N ARG A 50 2.03 7.35 -8.98
CA ARG A 50 1.43 6.55 -10.05
C ARG A 50 2.49 5.72 -10.77
N VAL A 51 3.52 6.41 -11.27
CA VAL A 51 4.57 5.82 -12.12
C VAL A 51 5.40 4.74 -11.39
N ARG A 52 5.68 4.96 -10.10
CA ARG A 52 6.46 4.01 -9.27
C ARG A 52 5.65 2.74 -8.99
N HIS A 53 4.32 2.92 -8.82
CA HIS A 53 3.39 1.79 -8.62
C HIS A 53 3.11 1.07 -9.94
N ILE A 54 3.21 1.77 -11.10
CA ILE A 54 3.11 1.13 -12.43
C ILE A 54 4.22 0.06 -12.57
N GLU A 55 5.46 0.47 -12.21
CA GLU A 55 6.64 -0.44 -12.18
C GLU A 55 6.41 -1.63 -11.22
N ARG A 56 5.82 -1.33 -10.06
CA ARG A 56 5.50 -2.33 -9.02
C ARG A 56 4.41 -3.32 -9.51
N PHE A 57 3.49 -2.81 -10.36
CA PHE A 57 2.37 -3.60 -10.91
C PHE A 57 2.83 -4.44 -12.13
N LYS A 58 4.03 -4.13 -12.69
CA LYS A 58 4.67 -4.97 -13.73
C LYS A 58 5.21 -6.27 -13.11
N GLU A 59 5.59 -6.20 -11.81
CA GLU A 59 6.05 -7.35 -11.02
C GLU A 59 4.90 -8.38 -10.85
N PRO A 60 5.04 -9.63 -11.42
CA PRO A 60 3.97 -10.66 -11.33
C PRO A 60 3.86 -11.28 -9.93
N ASP A 61 4.95 -11.19 -9.16
CA ASP A 61 5.06 -11.77 -7.81
C ASP A 61 4.40 -10.86 -6.76
N LEU A 62 4.08 -9.61 -7.15
CA LEU A 62 3.34 -8.67 -6.29
C LEU A 62 1.97 -9.26 -5.90
N TYR A 63 1.76 -9.50 -4.60
CA TYR A 63 0.49 -10.00 -4.07
C TYR A 63 0.29 -9.48 -2.65
N GLY A 64 -0.76 -8.67 -2.44
CA GLY A 64 -1.08 -8.15 -1.12
C GLY A 64 -2.12 -9.00 -0.43
N GLU A 65 -1.69 -9.83 0.53
CA GLU A 65 -2.58 -10.65 1.34
C GLU A 65 -2.89 -9.91 2.65
N LEU A 66 -4.08 -9.31 2.72
CA LEU A 66 -4.54 -8.57 3.91
C LEU A 66 -5.11 -9.59 4.93
N LEU A 67 -4.58 -9.56 6.16
CA LEU A 67 -5.01 -10.44 7.27
C LEU A 67 -5.61 -9.61 8.43
N THR A 68 -5.12 -8.37 8.60
CA THR A 68 -5.59 -7.44 9.67
C THR A 68 -5.58 -6.00 9.15
N ARG A 69 -6.67 -5.26 9.40
CA ARG A 69 -6.74 -3.81 9.14
C ARG A 69 -7.56 -3.10 10.25
N VAL A 70 -7.06 -1.93 10.69
CA VAL A 70 -7.72 -1.05 11.70
C VAL A 70 -7.80 0.38 11.13
N ILE A 71 -8.72 1.21 11.63
CA ILE A 71 -8.81 2.63 11.25
C ILE A 71 -8.86 3.53 12.51
N VAL A 72 -8.20 4.69 12.43
CA VAL A 72 -8.13 5.69 13.51
C VAL A 72 -8.32 7.11 12.90
N GLY A 73 -9.57 7.61 12.94
CA GLY A 73 -9.90 8.93 12.41
C GLY A 73 -9.86 9.00 10.87
N ASN A 74 -8.98 9.89 10.34
CA ASN A 74 -8.87 10.12 8.87
C ASN A 74 -7.70 9.31 8.25
N VAL A 75 -7.19 8.33 8.99
CA VAL A 75 -6.05 7.49 8.56
C VAL A 75 -6.33 6.00 8.88
N VAL A 76 -6.03 5.11 7.91
CA VAL A 76 -6.26 3.66 8.05
C VAL A 76 -4.91 2.90 8.06
N ILE A 77 -4.82 1.86 8.90
CA ILE A 77 -3.74 0.85 8.90
C ILE A 77 -4.26 -0.40 8.16
N ASP A 78 -3.66 -0.71 7.01
CA ASP A 78 -3.91 -1.99 6.31
C ASP A 78 -2.64 -2.81 6.36
N HIS A 79 -2.63 -3.86 7.20
CA HIS A 79 -1.46 -4.71 7.40
C HIS A 79 -1.60 -5.95 6.51
N GLU A 80 -0.80 -5.97 5.45
CA GLU A 80 -0.75 -7.03 4.44
C GLU A 80 0.60 -7.76 4.54
N THR A 81 0.59 -9.06 4.30
CA THR A 81 1.81 -9.81 3.99
C THR A 81 1.97 -9.80 2.46
N VAL A 82 2.87 -8.95 1.95
CA VAL A 82 3.07 -8.77 0.50
C VAL A 82 4.20 -9.68 0.00
N THR A 83 3.93 -10.37 -1.11
CA THR A 83 4.85 -11.33 -1.71
C THR A 83 5.92 -10.61 -2.57
N ARG A 84 7.19 -10.82 -2.19
CA ARG A 84 8.38 -10.40 -2.95
C ARG A 84 9.19 -11.68 -3.33
N ASN A 85 10.47 -11.54 -3.72
CA ASN A 85 11.33 -12.69 -4.09
C ASN A 85 12.64 -12.70 -3.26
N PHE A 86 12.73 -13.65 -2.32
CA PHE A 86 13.95 -13.86 -1.48
C PHE A 86 14.65 -15.18 -1.89
N PRO A 87 16.03 -15.24 -1.85
CA PRO A 87 16.82 -16.45 -2.23
C PRO A 87 16.54 -17.69 -1.33
N GLU A 88 15.98 -17.48 -0.12
CA GLU A 88 15.64 -18.58 0.81
C GLU A 88 14.32 -19.29 0.44
N GLY A 89 13.47 -18.61 -0.36
CA GLY A 89 12.22 -19.23 -0.84
C GLY A 89 11.25 -18.22 -1.41
N LYS A 90 10.11 -18.02 -0.71
CA LYS A 90 9.02 -17.12 -1.14
C LYS A 90 9.49 -15.66 -1.25
N GLY A 91 9.52 -14.96 -0.10
CA GLY A 91 9.88 -13.55 -0.05
C GLY A 91 8.74 -12.67 0.45
N GLU A 92 7.84 -13.27 1.24
CA GLU A 92 6.63 -12.59 1.72
C GLU A 92 6.99 -11.83 3.00
N VAL A 93 6.47 -10.59 3.16
CA VAL A 93 6.87 -9.72 4.29
C VAL A 93 5.65 -9.02 4.89
N ASP A 94 5.65 -8.90 6.23
CA ASP A 94 4.63 -8.15 6.97
C ASP A 94 4.91 -6.66 6.80
N VAL A 95 4.03 -5.94 6.10
CA VAL A 95 4.13 -4.48 5.87
C VAL A 95 2.79 -3.84 6.26
N ALA A 96 2.84 -2.73 7.02
CA ALA A 96 1.65 -1.94 7.36
C ALA A 96 1.58 -0.72 6.44
N CYS A 97 0.58 -0.73 5.56
CA CYS A 97 0.35 0.34 4.58
C CYS A 97 -0.67 1.32 5.18
N ILE A 98 -0.17 2.49 5.57
CA ILE A 98 -0.90 3.48 6.38
C ILE A 98 -1.18 4.75 5.53
N TYR A 99 -2.46 4.93 5.16
CA TYR A 99 -2.91 6.00 4.24
C TYR A 99 -3.72 7.05 5.00
N GLU A 100 -3.35 8.34 4.88
CA GLU A 100 -4.13 9.45 5.43
C GLU A 100 -4.99 10.08 4.33
N VAL A 101 -6.31 9.91 4.47
CA VAL A 101 -7.31 10.46 3.57
C VAL A 101 -7.85 11.79 4.14
N GLU A 102 -7.55 12.90 3.45
CA GLU A 102 -8.01 14.24 3.81
C GLU A 102 -8.99 14.75 2.73
N ASN A 103 -10.19 15.18 3.18
CA ASN A 103 -11.22 15.77 2.31
C ASN A 103 -11.74 14.76 1.24
N GLY A 104 -11.78 13.47 1.63
CA GLY A 104 -12.29 12.41 0.75
C GLY A 104 -11.28 11.92 -0.30
N ARG A 105 -10.03 12.41 -0.22
CA ARG A 105 -8.92 12.02 -1.12
C ARG A 105 -7.67 11.72 -0.29
N ILE A 106 -6.88 10.74 -0.71
CA ILE A 106 -5.64 10.34 -0.03
C ILE A 106 -4.61 11.47 -0.19
N ALA A 107 -4.43 12.25 0.89
CA ALA A 107 -3.51 13.41 0.89
C ALA A 107 -2.08 12.97 1.19
N LYS A 108 -1.95 11.80 1.85
CA LYS A 108 -0.64 11.22 2.25
C LYS A 108 -0.76 9.70 2.25
N ALA A 109 0.34 9.03 1.90
CA ALA A 109 0.44 7.57 1.93
C ALA A 109 1.83 7.17 2.39
N TRP A 110 1.90 6.23 3.33
CA TRP A 110 3.15 5.75 3.91
C TRP A 110 3.08 4.21 3.99
N PHE A 111 4.24 3.56 4.08
CA PHE A 111 4.30 2.12 4.37
C PHE A 111 5.51 1.88 5.28
N LYS A 112 5.37 0.91 6.18
CA LYS A 112 6.46 0.48 7.08
C LYS A 112 6.62 -1.05 6.95
N ILE A 113 7.86 -1.49 6.61
CA ILE A 113 8.17 -2.92 6.44
C ILE A 113 8.60 -3.50 7.78
N GLY A 114 7.80 -4.44 8.27
CA GLY A 114 7.96 -5.06 9.59
C GLY A 114 9.15 -6.01 9.66
N GLU A 115 9.01 -7.19 9.01
CA GLU A 115 10.02 -8.26 9.11
C GLU A 115 9.93 -9.21 7.89
N PRO A 116 11.01 -10.03 7.62
CA PRO A 116 10.97 -11.10 6.61
C PRO A 116 10.19 -12.37 7.06
N ARG A 117 9.36 -12.91 6.14
CA ARG A 117 8.59 -14.17 6.35
C ARG A 117 8.82 -15.12 5.14
N ILE A 118 8.68 -16.43 5.40
CA ILE A 118 8.72 -17.51 4.37
C ILE A 118 7.61 -18.52 4.71
N VAL A 119 7.06 -19.22 3.69
CA VAL A 119 6.01 -20.25 3.90
C VAL A 119 6.49 -21.36 4.87
N SER A 120 7.74 -21.84 4.64
CA SER A 120 8.35 -22.93 5.43
C SER A 120 8.91 -22.44 6.79
N GLN A 121 8.97 -21.10 7.00
CA GLN A 121 9.55 -20.47 8.22
C GLN A 121 8.91 -21.06 9.51
N LYS A 122 7.57 -21.03 9.55
CA LYS A 122 6.78 -21.68 10.62
C LYS A 122 6.59 -23.16 10.23
N SER A 123 7.41 -24.04 10.83
CA SER A 123 7.30 -25.49 10.65
C SER A 123 6.44 -26.07 11.80
N MET A 1 -19.20 9.31 11.30
CA MET A 1 -18.64 7.96 11.03
C MET A 1 -17.45 8.07 10.05
N ASN A 2 -16.65 7.00 9.96
CA ASN A 2 -15.36 6.99 9.24
C ASN A 2 -15.51 6.27 7.87
N SER A 3 -16.72 6.29 7.31
CA SER A 3 -17.10 5.46 6.14
C SER A 3 -16.45 5.97 4.84
N GLU A 4 -16.30 7.31 4.70
CA GLU A 4 -15.67 7.93 3.49
C GLU A 4 -14.14 7.68 3.46
N ILE A 5 -13.59 7.24 4.60
CA ILE A 5 -12.16 6.91 4.74
C ILE A 5 -11.93 5.41 4.42
N GLU A 6 -12.97 4.60 4.66
CA GLU A 6 -12.99 3.18 4.30
C GLU A 6 -13.06 2.97 2.78
N LEU A 7 -13.72 3.90 2.06
CA LEU A 7 -13.93 3.78 0.59
C LEU A 7 -12.58 3.75 -0.20
N PRO A 8 -11.62 4.76 -0.01
CA PRO A 8 -10.31 4.74 -0.70
C PRO A 8 -9.46 3.50 -0.38
N VAL A 9 -9.29 3.20 0.91
CA VAL A 9 -8.33 2.17 1.38
C VAL A 9 -8.75 0.76 0.96
N GLN A 10 -10.08 0.53 0.90
CA GLN A 10 -10.66 -0.76 0.48
C GLN A 10 -10.52 -0.98 -1.04
N LYS A 11 -10.94 0.03 -1.82
CA LYS A 11 -10.95 -0.07 -3.31
C LYS A 11 -9.53 -0.03 -3.90
N GLN A 12 -8.60 0.66 -3.21
CA GLN A 12 -7.20 0.75 -3.62
C GLN A 12 -6.52 -0.62 -3.42
N LEU A 13 -6.87 -1.28 -2.30
CA LEU A 13 -6.47 -2.67 -2.01
C LEU A 13 -6.95 -3.61 -3.12
N GLU A 14 -8.26 -3.54 -3.42
CA GLU A 14 -8.90 -4.39 -4.45
C GLU A 14 -8.21 -4.23 -5.82
N ALA A 15 -7.67 -3.02 -6.05
CA ALA A 15 -6.91 -2.68 -7.26
C ALA A 15 -5.45 -3.20 -7.19
N TYR A 16 -4.87 -3.27 -5.96
CA TYR A 16 -3.44 -3.62 -5.76
C TYR A 16 -3.13 -5.05 -6.25
N ASN A 17 -3.95 -6.00 -5.78
CA ASN A 17 -3.83 -7.43 -6.14
C ASN A 17 -4.37 -7.71 -7.57
N ALA A 18 -5.23 -6.80 -8.07
CA ALA A 18 -5.85 -6.93 -9.42
C ALA A 18 -4.98 -6.31 -10.53
N ARG A 19 -3.80 -5.78 -10.14
CA ARG A 19 -2.83 -5.14 -11.06
C ARG A 19 -3.41 -3.88 -11.73
N ASP A 20 -4.43 -3.29 -11.08
CA ASP A 20 -5.09 -2.07 -11.54
C ASP A 20 -4.37 -0.85 -10.94
N ILE A 21 -4.06 0.14 -11.78
CA ILE A 21 -3.46 1.41 -11.32
C ILE A 21 -4.51 2.54 -11.33
N ASP A 22 -5.54 2.43 -12.20
CA ASP A 22 -6.58 3.48 -12.37
C ASP A 22 -7.36 3.71 -11.05
N ALA A 23 -7.82 2.62 -10.43
CA ALA A 23 -8.54 2.66 -9.13
C ALA A 23 -7.56 2.79 -7.96
N PHE A 24 -6.38 2.17 -8.14
CA PHE A 24 -5.27 2.26 -7.18
C PHE A 24 -4.81 3.72 -6.98
N MET A 25 -5.06 4.60 -7.99
CA MET A 25 -4.64 6.02 -7.96
C MET A 25 -5.84 6.99 -8.09
N ALA A 26 -7.06 6.44 -8.20
CA ALA A 26 -8.30 7.25 -8.38
C ALA A 26 -8.65 8.04 -7.12
N TRP A 27 -8.47 7.38 -5.97
CA TRP A 27 -8.88 7.91 -4.65
C TRP A 27 -7.83 8.85 -4.06
N TRP A 28 -6.73 9.07 -4.76
CA TRP A 28 -5.59 9.86 -4.26
C TRP A 28 -5.75 11.33 -4.67
N ALA A 29 -5.35 12.22 -3.77
CA ALA A 29 -5.29 13.67 -4.03
C ALA A 29 -4.15 13.97 -5.02
N ASP A 30 -4.32 15.02 -5.87
CA ASP A 30 -3.29 15.41 -6.86
C ASP A 30 -1.96 15.84 -6.17
N ASP A 31 -2.08 16.37 -4.94
CA ASP A 31 -0.93 16.84 -4.12
C ASP A 31 -0.50 15.74 -3.09
N CYS A 32 -0.89 14.47 -3.35
CA CYS A 32 -0.64 13.37 -2.40
C CYS A 32 0.86 13.12 -2.17
N GLN A 33 1.27 13.19 -0.91
CA GLN A 33 2.65 12.96 -0.47
C GLN A 33 2.84 11.48 -0.16
N TYR A 34 4.07 10.96 -0.31
CA TYR A 34 4.36 9.53 -0.18
C TYR A 34 5.70 9.34 0.56
N TYR A 35 5.64 8.67 1.73
CA TYR A 35 6.82 8.42 2.60
C TYR A 35 7.03 6.91 2.83
N ALA A 36 8.28 6.56 3.11
CA ALA A 36 8.72 5.19 3.44
C ALA A 36 9.52 5.20 4.74
N PHE A 37 9.63 4.03 5.37
CA PHE A 37 10.39 3.80 6.60
C PHE A 37 11.92 4.07 6.37
N PRO A 38 12.66 4.72 7.35
CA PRO A 38 12.09 5.39 8.54
C PRO A 38 11.33 6.70 8.20
N ALA A 39 11.91 7.54 7.32
CA ALA A 39 11.31 8.84 6.93
C ALA A 39 11.97 9.35 5.63
N THR A 40 11.53 8.82 4.48
CA THR A 40 12.00 9.24 3.14
C THR A 40 10.80 9.66 2.29
N LEU A 41 10.83 10.89 1.74
CA LEU A 41 9.81 11.36 0.79
C LEU A 41 10.20 10.87 -0.61
N LEU A 42 9.42 9.93 -1.16
CA LEU A 42 9.63 9.37 -2.51
C LEU A 42 8.95 10.28 -3.54
N ALA A 43 7.65 10.57 -3.30
CA ALA A 43 6.76 11.20 -4.29
C ALA A 43 5.85 12.25 -3.63
N GLY A 44 5.95 13.51 -4.09
CA GLY A 44 5.21 14.64 -3.48
C GLY A 44 4.04 15.13 -4.32
N ASN A 45 3.35 14.17 -4.95
CA ASN A 45 2.17 14.36 -5.83
C ASN A 45 1.77 13.00 -6.44
N ALA A 46 0.48 12.86 -6.81
CA ALA A 46 -0.12 11.58 -7.26
C ALA A 46 0.50 11.04 -8.56
N ALA A 47 1.06 11.94 -9.40
CA ALA A 47 1.69 11.57 -10.69
C ALA A 47 2.91 10.67 -10.46
N GLU A 48 3.77 11.10 -9.52
CA GLU A 48 5.03 10.40 -9.18
C GLU A 48 4.74 9.08 -8.45
N ILE A 49 3.70 9.11 -7.57
CA ILE A 49 3.25 7.92 -6.81
C ILE A 49 2.76 6.82 -7.77
N ARG A 50 2.00 7.26 -8.80
CA ARG A 50 1.44 6.38 -9.81
C ARG A 50 2.56 5.66 -10.57
N VAL A 51 3.47 6.46 -11.14
CA VAL A 51 4.63 5.97 -11.94
C VAL A 51 5.47 4.93 -11.16
N ARG A 52 5.82 5.28 -9.90
CA ARG A 52 6.63 4.40 -9.03
C ARG A 52 5.91 3.06 -8.75
N HIS A 53 4.57 3.11 -8.63
CA HIS A 53 3.74 1.92 -8.40
C HIS A 53 3.58 1.07 -9.67
N ILE A 54 3.54 1.71 -10.87
CA ILE A 54 3.44 0.95 -12.14
C ILE A 54 4.71 0.11 -12.32
N GLU A 55 5.85 0.73 -12.02
CA GLU A 55 7.18 0.06 -12.02
C GLU A 55 7.24 -1.07 -10.96
N ARG A 56 6.48 -0.90 -9.87
CA ARG A 56 6.37 -1.91 -8.78
C ARG A 56 5.26 -2.96 -9.10
N PHE A 57 4.44 -2.69 -10.14
CA PHE A 57 3.44 -3.68 -10.67
C PHE A 57 4.08 -4.54 -11.79
N LYS A 58 5.37 -4.29 -12.11
CA LYS A 58 6.14 -5.12 -13.07
C LYS A 58 6.72 -6.38 -12.40
N GLU A 59 6.53 -6.50 -11.08
CA GLU A 59 6.92 -7.70 -10.32
C GLU A 59 6.02 -8.89 -10.75
N PRO A 60 6.57 -10.02 -11.29
CA PRO A 60 5.73 -11.15 -11.78
C PRO A 60 4.95 -11.86 -10.65
N ASP A 61 5.48 -11.74 -9.42
CA ASP A 61 4.91 -12.39 -8.22
C ASP A 61 4.32 -11.36 -7.25
N LEU A 62 3.97 -10.15 -7.74
CA LEU A 62 3.31 -9.13 -6.92
C LEU A 62 1.90 -9.58 -6.53
N TYR A 63 1.71 -9.87 -5.24
CA TYR A 63 0.43 -10.25 -4.68
C TYR A 63 0.22 -9.53 -3.33
N GLY A 64 -1.00 -9.02 -3.14
CA GLY A 64 -1.42 -8.42 -1.88
C GLY A 64 -2.41 -9.30 -1.14
N GLU A 65 -2.12 -9.59 0.13
CA GLU A 65 -3.01 -10.40 0.99
C GLU A 65 -3.26 -9.62 2.28
N LEU A 66 -4.42 -8.94 2.39
CA LEU A 66 -4.71 -8.12 3.57
C LEU A 66 -5.21 -8.99 4.72
N LEU A 67 -4.67 -8.71 5.90
CA LEU A 67 -4.85 -9.52 7.12
C LEU A 67 -5.76 -8.78 8.08
N THR A 68 -5.39 -7.51 8.30
CA THR A 68 -5.99 -6.63 9.30
C THR A 68 -5.83 -5.17 8.83
N ARG A 69 -6.95 -4.41 8.75
CA ARG A 69 -6.90 -2.94 8.58
C ARG A 69 -7.57 -2.29 9.81
N VAL A 70 -6.91 -1.27 10.38
CA VAL A 70 -7.37 -0.55 11.57
C VAL A 70 -7.58 0.94 11.21
N ILE A 71 -8.81 1.43 11.41
CA ILE A 71 -9.20 2.80 11.03
C ILE A 71 -9.31 3.70 12.29
N VAL A 72 -8.77 4.93 12.15
CA VAL A 72 -8.76 5.94 13.21
C VAL A 72 -8.88 7.35 12.58
N GLY A 73 -10.02 8.03 12.83
CA GLY A 73 -10.26 9.38 12.33
C GLY A 73 -10.38 9.44 10.80
N ASN A 74 -9.33 9.94 10.14
CA ASN A 74 -9.29 10.08 8.67
C ASN A 74 -8.09 9.32 8.07
N VAL A 75 -7.50 8.43 8.88
CA VAL A 75 -6.26 7.71 8.53
C VAL A 75 -6.40 6.21 8.90
N VAL A 76 -6.01 5.31 7.96
CA VAL A 76 -6.13 3.84 8.14
C VAL A 76 -4.75 3.17 8.02
N ILE A 77 -4.48 2.15 8.85
CA ILE A 77 -3.36 1.23 8.66
C ILE A 77 -3.89 -0.06 8.04
N ASP A 78 -3.65 -0.22 6.75
CA ASP A 78 -3.95 -1.45 6.00
C ASP A 78 -2.68 -2.33 6.01
N HIS A 79 -2.72 -3.40 6.82
CA HIS A 79 -1.59 -4.31 7.01
C HIS A 79 -1.77 -5.57 6.16
N GLU A 80 -0.94 -5.69 5.12
CA GLU A 80 -0.94 -6.81 4.17
C GLU A 80 0.30 -7.69 4.37
N THR A 81 0.30 -8.84 3.69
CA THR A 81 1.50 -9.63 3.40
C THR A 81 1.78 -9.49 1.90
N VAL A 82 2.75 -8.64 1.59
CA VAL A 82 3.19 -8.36 0.22
C VAL A 82 4.17 -9.45 -0.25
N THR A 83 3.71 -10.29 -1.19
CA THR A 83 4.54 -11.35 -1.78
C THR A 83 5.66 -10.74 -2.66
N ARG A 84 6.92 -10.99 -2.29
CA ARG A 84 8.12 -10.59 -3.06
C ARG A 84 8.89 -11.84 -3.53
N ASN A 85 10.12 -11.64 -4.05
CA ASN A 85 10.98 -12.73 -4.54
C ASN A 85 12.29 -12.77 -3.73
N PHE A 86 12.37 -13.75 -2.81
CA PHE A 86 13.60 -14.08 -2.06
C PHE A 86 14.08 -15.46 -2.52
N PRO A 87 15.42 -15.65 -2.81
CA PRO A 87 15.96 -16.93 -3.32
C PRO A 87 15.96 -18.06 -2.26
N GLU A 88 15.72 -17.71 -0.97
CA GLU A 88 15.65 -18.71 0.13
C GLU A 88 14.24 -19.35 0.22
N GLY A 89 13.26 -18.80 -0.52
CA GLY A 89 11.93 -19.43 -0.62
C GLY A 89 10.94 -18.58 -1.41
N LYS A 90 9.78 -18.30 -0.80
CA LYS A 90 8.76 -17.41 -1.37
C LYS A 90 9.23 -15.94 -1.34
N GLY A 91 9.13 -15.27 -0.18
CA GLY A 91 9.59 -13.89 -0.02
C GLY A 91 8.48 -12.92 0.38
N GLU A 92 7.47 -13.43 1.06
CA GLU A 92 6.25 -12.68 1.38
C GLU A 92 6.44 -11.93 2.73
N VAL A 93 6.50 -10.58 2.65
CA VAL A 93 6.82 -9.72 3.80
C VAL A 93 5.56 -9.00 4.31
N ASP A 94 5.42 -8.86 5.63
CA ASP A 94 4.27 -8.15 6.23
C ASP A 94 4.59 -6.64 6.23
N VAL A 95 3.70 -5.81 5.64
CA VAL A 95 3.92 -4.35 5.52
C VAL A 95 2.70 -3.60 6.10
N ALA A 96 2.96 -2.66 7.01
CA ALA A 96 1.92 -1.79 7.60
C ALA A 96 1.88 -0.46 6.83
N CYS A 97 0.88 -0.31 5.96
CA CYS A 97 0.70 0.88 5.12
C CYS A 97 -0.34 1.80 5.78
N ILE A 98 0.08 3.02 6.15
CA ILE A 98 -0.78 4.00 6.83
C ILE A 98 -1.08 5.22 5.91
N TYR A 99 -2.34 5.27 5.40
CA TYR A 99 -2.81 6.32 4.45
C TYR A 99 -3.60 7.39 5.21
N GLU A 100 -3.25 8.67 5.02
CA GLU A 100 -4.06 9.81 5.51
C GLU A 100 -4.95 10.35 4.39
N VAL A 101 -6.25 10.20 4.59
CA VAL A 101 -7.29 10.59 3.63
C VAL A 101 -7.90 11.96 4.05
N GLU A 102 -7.63 13.01 3.26
CA GLU A 102 -8.21 14.35 3.44
C GLU A 102 -9.18 14.67 2.28
N ASN A 103 -10.38 15.19 2.61
CA ASN A 103 -11.44 15.57 1.63
C ASN A 103 -11.95 14.35 0.83
N GLY A 104 -11.91 13.16 1.47
CA GLY A 104 -12.28 11.90 0.82
C GLY A 104 -11.25 11.41 -0.21
N ARG A 105 -10.06 12.02 -0.17
CA ARG A 105 -8.93 11.73 -1.08
C ARG A 105 -7.67 11.49 -0.25
N ILE A 106 -6.90 10.44 -0.56
CA ILE A 106 -5.63 10.14 0.11
C ILE A 106 -4.63 11.28 -0.16
N ALA A 107 -4.50 12.20 0.82
CA ALA A 107 -3.63 13.39 0.72
C ALA A 107 -2.19 13.04 1.04
N LYS A 108 -2.01 11.97 1.83
CA LYS A 108 -0.69 11.46 2.23
C LYS A 108 -0.80 9.95 2.36
N ALA A 109 0.30 9.25 2.09
CA ALA A 109 0.41 7.81 2.32
C ALA A 109 1.84 7.50 2.74
N TRP A 110 1.95 6.73 3.81
CA TRP A 110 3.23 6.36 4.43
C TRP A 110 3.21 4.83 4.56
N PHE A 111 4.36 4.15 4.44
CA PHE A 111 4.39 2.69 4.63
C PHE A 111 5.68 2.26 5.34
N LYS A 112 5.56 1.19 6.16
CA LYS A 112 6.67 0.60 6.88
C LYS A 112 6.66 -0.92 6.64
N ILE A 113 7.77 -1.44 6.10
CA ILE A 113 7.92 -2.87 5.81
C ILE A 113 8.49 -3.57 7.05
N GLY A 114 7.82 -4.64 7.45
CA GLY A 114 8.16 -5.39 8.66
C GLY A 114 9.30 -6.38 8.47
N GLU A 115 9.01 -7.66 8.73
CA GLU A 115 10.01 -8.72 8.76
C GLU A 115 10.03 -9.49 7.41
N PRO A 116 11.24 -9.89 6.92
CA PRO A 116 11.38 -10.80 5.76
C PRO A 116 10.96 -12.24 6.15
N ARG A 117 9.88 -12.75 5.53
CA ARG A 117 9.29 -14.06 5.88
C ARG A 117 9.28 -15.01 4.66
N ILE A 118 9.30 -16.34 4.96
CA ILE A 118 9.19 -17.42 3.95
C ILE A 118 8.10 -18.41 4.41
N VAL A 119 7.19 -18.78 3.47
CA VAL A 119 6.08 -19.74 3.73
C VAL A 119 6.59 -21.10 4.28
N SER A 120 7.73 -21.57 3.76
CA SER A 120 8.34 -22.85 4.18
C SER A 120 8.98 -22.74 5.60
N GLN A 121 9.49 -21.54 5.94
CA GLN A 121 10.25 -21.32 7.18
C GLN A 121 9.30 -20.85 8.31
N LYS A 122 8.60 -21.83 8.93
CA LYS A 122 7.61 -21.57 9.98
C LYS A 122 7.81 -22.54 11.16
N SER A 123 7.69 -22.01 12.40
CA SER A 123 7.90 -22.77 13.64
C SER A 123 6.82 -22.36 14.68
N MET A 1 -19.08 4.91 11.95
CA MET A 1 -17.89 4.34 11.30
C MET A 1 -17.45 5.25 10.12
N ASN A 2 -16.14 5.32 9.88
CA ASN A 2 -15.54 6.13 8.81
C ASN A 2 -15.44 5.31 7.50
N SER A 3 -16.60 5.15 6.82
CA SER A 3 -16.72 4.35 5.61
C SER A 3 -16.00 5.00 4.41
N GLU A 4 -16.10 6.34 4.29
CA GLU A 4 -15.47 7.11 3.18
C GLU A 4 -13.93 7.11 3.26
N ILE A 5 -13.41 6.65 4.41
CA ILE A 5 -11.97 6.48 4.63
C ILE A 5 -11.54 5.06 4.23
N GLU A 6 -12.44 4.08 4.43
CA GLU A 6 -12.19 2.69 3.99
C GLU A 6 -12.47 2.50 2.49
N LEU A 7 -13.21 3.43 1.85
CA LEU A 7 -13.51 3.37 0.40
C LEU A 7 -12.19 3.45 -0.44
N PRO A 8 -11.27 4.48 -0.23
CA PRO A 8 -9.96 4.50 -0.90
C PRO A 8 -9.10 3.28 -0.54
N VAL A 9 -9.03 2.98 0.77
CA VAL A 9 -8.15 1.94 1.34
C VAL A 9 -8.45 0.54 0.75
N GLN A 10 -9.75 0.20 0.63
CA GLN A 10 -10.21 -1.05 0.00
C GLN A 10 -9.94 -1.05 -1.52
N LYS A 11 -10.33 0.04 -2.20
CA LYS A 11 -10.22 0.14 -3.68
C LYS A 11 -8.77 0.10 -4.16
N GLN A 12 -7.84 0.55 -3.31
CA GLN A 12 -6.39 0.47 -3.59
C GLN A 12 -5.93 -0.99 -3.54
N LEU A 13 -6.38 -1.70 -2.47
CA LEU A 13 -6.02 -3.10 -2.19
C LEU A 13 -6.42 -3.97 -3.38
N GLU A 14 -7.70 -3.87 -3.75
CA GLU A 14 -8.27 -4.68 -4.82
C GLU A 14 -7.55 -4.40 -6.14
N ALA A 15 -7.22 -3.11 -6.32
CA ALA A 15 -6.47 -2.61 -7.49
C ALA A 15 -5.00 -3.08 -7.48
N TYR A 16 -4.48 -3.31 -6.27
CA TYR A 16 -3.07 -3.67 -6.04
C TYR A 16 -2.80 -5.12 -6.49
N ASN A 17 -3.77 -6.02 -6.25
CA ASN A 17 -3.69 -7.43 -6.67
C ASN A 17 -4.24 -7.62 -8.10
N ALA A 18 -5.20 -6.76 -8.51
CA ALA A 18 -5.84 -6.82 -9.86
C ALA A 18 -5.11 -5.93 -10.89
N ARG A 19 -4.02 -5.26 -10.44
CA ARG A 19 -3.10 -4.47 -11.29
C ARG A 19 -3.71 -3.14 -11.81
N ASP A 20 -4.87 -2.73 -11.26
CA ASP A 20 -5.54 -1.47 -11.65
C ASP A 20 -4.80 -0.25 -11.06
N ILE A 21 -3.90 0.35 -11.86
CA ILE A 21 -3.27 1.65 -11.53
C ILE A 21 -4.33 2.78 -11.54
N ASP A 22 -5.42 2.58 -12.32
CA ASP A 22 -6.53 3.56 -12.43
C ASP A 22 -7.18 3.80 -11.06
N ALA A 23 -7.52 2.72 -10.35
CA ALA A 23 -8.15 2.78 -9.01
C ALA A 23 -7.11 3.04 -7.92
N PHE A 24 -5.87 2.56 -8.16
CA PHE A 24 -4.73 2.76 -7.25
C PHE A 24 -4.23 4.23 -7.31
N MET A 25 -4.77 5.04 -8.24
CA MET A 25 -4.47 6.49 -8.30
C MET A 25 -5.73 7.37 -8.12
N ALA A 26 -6.92 6.84 -8.48
CA ALA A 26 -8.20 7.61 -8.53
C ALA A 26 -8.61 8.18 -7.15
N TRP A 27 -8.22 7.48 -6.08
CA TRP A 27 -8.61 7.81 -4.71
C TRP A 27 -7.55 8.66 -3.99
N TRP A 28 -6.45 8.96 -4.69
CA TRP A 28 -5.33 9.74 -4.14
C TRP A 28 -5.47 11.19 -4.57
N ALA A 29 -5.00 12.10 -3.71
CA ALA A 29 -4.91 13.54 -4.02
C ALA A 29 -3.67 13.79 -4.89
N ASP A 30 -3.70 14.87 -5.69
CA ASP A 30 -2.57 15.25 -6.57
C ASP A 30 -1.35 15.73 -5.75
N ASP A 31 -1.61 16.20 -4.53
CA ASP A 31 -0.56 16.65 -3.59
C ASP A 31 -0.18 15.53 -2.62
N CYS A 32 -0.50 14.26 -2.95
CA CYS A 32 -0.30 13.12 -2.04
C CYS A 32 1.19 12.87 -1.75
N GLN A 33 1.53 12.90 -0.46
CA GLN A 33 2.90 12.78 0.04
C GLN A 33 3.20 11.32 0.41
N TYR A 34 3.95 10.64 -0.47
CA TYR A 34 4.30 9.22 -0.31
C TYR A 34 5.69 9.08 0.32
N TYR A 35 5.70 8.58 1.55
CA TYR A 35 6.94 8.31 2.31
C TYR A 35 7.10 6.81 2.58
N ALA A 36 8.35 6.41 2.78
CA ALA A 36 8.73 5.09 3.31
C ALA A 36 9.35 5.29 4.68
N PHE A 37 9.39 4.22 5.48
CA PHE A 37 10.02 4.20 6.81
C PHE A 37 11.50 4.74 6.78
N PRO A 38 11.91 5.66 7.72
CA PRO A 38 11.02 6.33 8.71
C PRO A 38 10.15 7.47 8.08
N ALA A 39 10.77 8.27 7.19
CA ALA A 39 10.12 9.42 6.53
C ALA A 39 10.93 9.84 5.29
N THR A 40 11.14 8.89 4.38
CA THR A 40 11.83 9.11 3.09
C THR A 40 10.80 9.44 2.00
N LEU A 41 10.82 10.66 1.44
CA LEU A 41 9.86 11.08 0.41
C LEU A 41 10.26 10.49 -0.95
N LEU A 42 9.55 9.43 -1.39
CA LEU A 42 9.74 8.85 -2.74
C LEU A 42 9.02 9.70 -3.78
N ALA A 43 7.84 10.18 -3.39
CA ALA A 43 6.93 10.88 -4.32
C ALA A 43 6.15 11.99 -3.60
N GLY A 44 6.37 13.25 -4.02
CA GLY A 44 5.75 14.42 -3.37
C GLY A 44 4.57 14.96 -4.16
N ASN A 45 3.71 14.03 -4.60
CA ASN A 45 2.57 14.25 -5.54
C ASN A 45 2.15 12.90 -6.14
N ALA A 46 0.91 12.85 -6.70
CA ALA A 46 0.29 11.62 -7.23
C ALA A 46 1.03 11.03 -8.44
N ALA A 47 1.59 11.91 -9.30
CA ALA A 47 2.23 11.51 -10.58
C ALA A 47 3.41 10.54 -10.35
N GLU A 48 4.28 10.90 -9.39
CA GLU A 48 5.50 10.12 -9.08
C GLU A 48 5.15 8.80 -8.36
N ILE A 49 4.03 8.83 -7.60
CA ILE A 49 3.48 7.63 -6.91
C ILE A 49 3.05 6.58 -7.94
N ARG A 50 2.28 7.05 -8.93
CA ARG A 50 1.68 6.23 -9.97
C ARG A 50 2.74 5.41 -10.72
N VAL A 51 3.73 6.14 -11.27
CA VAL A 51 4.78 5.56 -12.14
C VAL A 51 5.68 4.56 -11.40
N ARG A 52 5.96 4.84 -10.13
CA ARG A 52 6.80 3.98 -9.28
C ARG A 52 6.06 2.66 -8.96
N HIS A 53 4.72 2.75 -8.81
CA HIS A 53 3.87 1.57 -8.58
C HIS A 53 3.61 0.80 -9.88
N ILE A 54 3.62 1.48 -11.06
CA ILE A 54 3.53 0.79 -12.38
C ILE A 54 4.67 -0.22 -12.51
N GLU A 55 5.88 0.20 -12.06
CA GLU A 55 7.10 -0.62 -12.04
C GLU A 55 6.93 -1.87 -11.14
N ARG A 56 6.23 -1.69 -10.01
CA ARG A 56 5.97 -2.78 -9.04
C ARG A 56 4.81 -3.67 -9.52
N PHE A 57 3.90 -3.13 -10.35
CA PHE A 57 2.76 -3.90 -10.92
C PHE A 57 3.22 -4.75 -12.12
N LYS A 58 4.42 -4.44 -12.67
CA LYS A 58 5.12 -5.32 -13.66
C LYS A 58 5.47 -6.67 -13.02
N GLU A 59 5.67 -6.67 -11.68
CA GLU A 59 6.01 -7.88 -10.91
C GLU A 59 4.82 -8.88 -10.91
N PRO A 60 5.00 -10.12 -11.47
CA PRO A 60 3.96 -11.17 -11.43
C PRO A 60 3.78 -11.74 -9.99
N ASP A 61 4.88 -11.72 -9.22
CA ASP A 61 4.92 -12.21 -7.83
C ASP A 61 4.12 -11.31 -6.88
N LEU A 62 3.84 -10.07 -7.33
CA LEU A 62 3.10 -9.07 -6.54
C LEU A 62 1.70 -9.57 -6.16
N TYR A 63 1.41 -9.58 -4.86
CA TYR A 63 0.11 -10.03 -4.34
C TYR A 63 -0.18 -9.32 -3.00
N GLY A 64 -1.34 -8.65 -2.91
CA GLY A 64 -1.76 -7.98 -1.67
C GLY A 64 -2.82 -8.79 -0.94
N GLU A 65 -2.44 -9.39 0.21
CA GLU A 65 -3.38 -10.16 1.05
C GLU A 65 -3.48 -9.51 2.44
N LEU A 66 -4.66 -8.92 2.75
CA LEU A 66 -4.88 -8.22 4.02
C LEU A 66 -5.10 -9.21 5.17
N LEU A 67 -4.64 -8.82 6.37
CA LEU A 67 -4.78 -9.63 7.60
C LEU A 67 -5.72 -8.91 8.57
N THR A 68 -5.40 -7.63 8.80
CA THR A 68 -6.02 -6.77 9.82
C THR A 68 -5.83 -5.29 9.41
N ARG A 69 -6.75 -4.41 9.86
CA ARG A 69 -6.56 -2.95 9.76
C ARG A 69 -7.11 -2.26 11.01
N VAL A 70 -6.39 -1.24 11.51
CA VAL A 70 -6.86 -0.40 12.63
C VAL A 70 -7.14 1.03 12.10
N ILE A 71 -8.42 1.38 12.08
CA ILE A 71 -8.89 2.67 11.55
C ILE A 71 -9.16 3.65 12.71
N VAL A 72 -8.76 4.91 12.51
CA VAL A 72 -8.93 6.01 13.46
C VAL A 72 -9.18 7.32 12.68
N GLY A 73 -10.47 7.71 12.59
CA GLY A 73 -10.86 8.94 11.89
C GLY A 73 -10.55 8.90 10.39
N ASN A 74 -9.73 9.87 9.93
CA ASN A 74 -9.39 10.03 8.50
C ASN A 74 -8.19 9.14 8.06
N VAL A 75 -7.66 8.33 8.97
CA VAL A 75 -6.42 7.55 8.74
C VAL A 75 -6.65 6.07 9.11
N VAL A 76 -6.22 5.16 8.20
CA VAL A 76 -6.25 3.71 8.42
C VAL A 76 -4.80 3.17 8.42
N ILE A 77 -4.50 2.24 9.34
CA ILE A 77 -3.30 1.38 9.29
C ILE A 77 -3.76 0.08 8.66
N ASP A 78 -3.44 -0.11 7.38
CA ASP A 78 -3.84 -1.28 6.60
C ASP A 78 -2.69 -2.30 6.65
N HIS A 79 -2.86 -3.35 7.47
CA HIS A 79 -1.79 -4.34 7.72
C HIS A 79 -2.01 -5.59 6.86
N GLU A 80 -1.14 -5.72 5.86
CA GLU A 80 -1.18 -6.79 4.87
C GLU A 80 0.16 -7.54 4.85
N THR A 81 0.15 -8.68 4.16
CA THR A 81 1.36 -9.43 3.82
C THR A 81 1.47 -9.45 2.28
N VAL A 82 2.37 -8.64 1.72
CA VAL A 82 2.57 -8.58 0.26
C VAL A 82 3.64 -9.56 -0.21
N THR A 83 3.24 -10.41 -1.17
CA THR A 83 4.13 -11.39 -1.80
C THR A 83 5.03 -10.68 -2.82
N ARG A 84 6.33 -11.01 -2.78
CA ARG A 84 7.36 -10.50 -3.69
C ARG A 84 8.19 -11.71 -4.16
N ASN A 85 9.41 -11.48 -4.66
CA ASN A 85 10.32 -12.59 -5.02
C ASN A 85 11.69 -12.38 -4.38
N PHE A 86 11.97 -13.17 -3.32
CA PHE A 86 13.28 -13.22 -2.66
C PHE A 86 13.97 -14.53 -3.04
N PRO A 87 15.30 -14.52 -3.41
CA PRO A 87 16.01 -15.73 -3.92
C PRO A 87 16.07 -16.88 -2.90
N GLU A 88 15.90 -16.57 -1.60
CA GLU A 88 15.95 -17.57 -0.50
C GLU A 88 14.67 -18.43 -0.47
N GLY A 89 13.53 -17.89 -0.98
CA GLY A 89 12.28 -18.66 -1.03
C GLY A 89 11.16 -17.90 -1.72
N LYS A 90 10.06 -17.67 -0.99
CA LYS A 90 8.89 -16.93 -1.48
C LYS A 90 9.20 -15.41 -1.59
N GLY A 91 9.12 -14.69 -0.45
CA GLY A 91 9.40 -13.26 -0.43
C GLY A 91 8.23 -12.42 0.05
N GLU A 92 7.37 -13.01 0.87
CA GLU A 92 6.15 -12.33 1.37
C GLU A 92 6.50 -11.61 2.69
N VAL A 93 6.10 -10.35 2.83
CA VAL A 93 6.50 -9.51 3.97
C VAL A 93 5.29 -8.83 4.62
N ASP A 94 5.26 -8.87 5.95
CA ASP A 94 4.24 -8.16 6.75
C ASP A 94 4.62 -6.67 6.79
N VAL A 95 3.73 -5.83 6.24
CA VAL A 95 3.90 -4.36 6.16
C VAL A 95 2.69 -3.69 6.83
N ALA A 96 2.85 -2.43 7.24
CA ALA A 96 1.75 -1.57 7.68
C ALA A 96 1.70 -0.36 6.74
N CYS A 97 0.77 -0.40 5.77
CA CYS A 97 0.59 0.68 4.80
C CYS A 97 -0.53 1.61 5.30
N ILE A 98 -0.12 2.80 5.75
CA ILE A 98 -1.02 3.81 6.32
C ILE A 98 -1.41 4.82 5.22
N TYR A 99 -2.70 5.20 5.20
CA TYR A 99 -3.23 6.22 4.28
C TYR A 99 -3.97 7.28 5.08
N GLU A 100 -3.52 8.54 4.99
CA GLU A 100 -4.22 9.69 5.55
C GLU A 100 -5.05 10.37 4.45
N VAL A 101 -6.37 10.27 4.61
CA VAL A 101 -7.36 10.74 3.63
C VAL A 101 -7.84 12.15 4.01
N GLU A 102 -8.01 12.99 2.99
CA GLU A 102 -8.37 14.41 3.12
C GLU A 102 -9.56 14.70 2.21
N ASN A 103 -10.78 14.76 2.80
CA ASN A 103 -12.05 15.06 2.11
C ASN A 103 -12.37 14.04 0.97
N GLY A 104 -11.94 12.77 1.18
CA GLY A 104 -12.22 11.68 0.22
C GLY A 104 -11.03 11.31 -0.67
N ARG A 105 -9.93 12.10 -0.61
CA ARG A 105 -8.72 11.86 -1.43
C ARG A 105 -7.49 11.82 -0.53
N ILE A 106 -6.63 10.80 -0.74
CA ILE A 106 -5.46 10.51 0.11
C ILE A 106 -4.39 11.59 -0.08
N ALA A 107 -4.24 12.47 0.92
CA ALA A 107 -3.27 13.57 0.88
C ALA A 107 -1.86 13.12 1.28
N LYS A 108 -1.78 11.96 1.97
CA LYS A 108 -0.51 11.39 2.47
C LYS A 108 -0.66 9.88 2.53
N ALA A 109 0.34 9.14 2.05
CA ALA A 109 0.38 7.68 2.21
C ALA A 109 1.81 7.25 2.52
N TRP A 110 1.98 6.46 3.58
CA TRP A 110 3.30 6.02 4.07
C TRP A 110 3.24 4.51 4.27
N PHE A 111 4.39 3.84 4.28
CA PHE A 111 4.45 2.40 4.60
C PHE A 111 5.71 2.11 5.41
N LYS A 112 5.60 1.14 6.33
CA LYS A 112 6.72 0.65 7.11
C LYS A 112 6.63 -0.88 7.17
N ILE A 113 7.74 -1.57 6.81
CA ILE A 113 7.76 -3.03 6.72
C ILE A 113 8.14 -3.61 8.08
N GLY A 114 7.28 -4.52 8.58
CA GLY A 114 7.50 -5.22 9.84
C GLY A 114 8.80 -6.05 9.86
N GLU A 115 8.88 -7.02 8.94
CA GLU A 115 10.07 -7.88 8.77
C GLU A 115 10.05 -8.54 7.36
N PRO A 116 11.18 -9.18 6.91
CA PRO A 116 11.17 -10.13 5.78
C PRO A 116 10.80 -11.57 6.22
N ARG A 117 9.83 -12.20 5.51
CA ARG A 117 9.35 -13.57 5.84
C ARG A 117 9.43 -14.50 4.62
N ILE A 118 9.46 -15.81 4.88
CA ILE A 118 9.40 -16.87 3.86
C ILE A 118 8.38 -17.93 4.34
N VAL A 119 7.40 -18.26 3.48
CA VAL A 119 6.34 -19.28 3.77
C VAL A 119 6.98 -20.64 4.14
N SER A 120 8.04 -21.00 3.40
CA SER A 120 8.74 -22.30 3.55
C SER A 120 9.42 -22.43 4.94
N GLN A 121 9.68 -21.29 5.61
CA GLN A 121 10.27 -21.25 6.95
C GLN A 121 9.16 -21.18 8.01
N LYS A 122 8.64 -22.36 8.40
CA LYS A 122 7.67 -22.49 9.50
C LYS A 122 8.43 -22.50 10.84
N SER A 123 8.62 -21.30 11.41
CA SER A 123 9.33 -21.11 12.68
C SER A 123 8.34 -21.26 13.87
N MET A 1 -20.27 7.07 9.29
CA MET A 1 -18.98 7.20 10.01
C MET A 1 -17.92 6.30 9.36
N ASN A 2 -16.73 6.87 9.08
CA ASN A 2 -15.50 6.13 8.67
C ASN A 2 -15.56 5.54 7.25
N SER A 3 -16.75 5.51 6.64
CA SER A 3 -16.98 4.87 5.33
C SER A 3 -16.24 5.61 4.20
N GLU A 4 -16.25 6.95 4.26
CA GLU A 4 -15.52 7.81 3.25
C GLU A 4 -13.99 7.67 3.38
N ILE A 5 -13.54 7.09 4.51
CA ILE A 5 -12.11 6.79 4.76
C ILE A 5 -11.79 5.33 4.36
N GLU A 6 -12.81 4.48 4.46
CA GLU A 6 -12.73 3.04 4.10
C GLU A 6 -12.96 2.82 2.60
N LEU A 7 -13.61 3.78 1.91
CA LEU A 7 -13.91 3.66 0.45
C LEU A 7 -12.60 3.71 -0.39
N PRO A 8 -11.65 4.70 -0.17
CA PRO A 8 -10.34 4.68 -0.82
C PRO A 8 -9.61 3.35 -0.58
N VAL A 9 -9.49 2.98 0.70
CA VAL A 9 -8.76 1.78 1.17
C VAL A 9 -9.29 0.47 0.53
N GLN A 10 -10.64 0.35 0.47
CA GLN A 10 -11.31 -0.87 -0.02
C GLN A 10 -11.01 -1.08 -1.51
N LYS A 11 -11.29 -0.05 -2.32
CA LYS A 11 -11.20 -0.12 -3.79
C LYS A 11 -9.72 -0.15 -4.24
N GLN A 12 -8.87 0.56 -3.50
CA GLN A 12 -7.43 0.70 -3.82
C GLN A 12 -6.66 -0.60 -3.52
N LEU A 13 -7.15 -1.36 -2.52
CA LEU A 13 -6.62 -2.71 -2.19
C LEU A 13 -6.82 -3.65 -3.38
N GLU A 14 -8.09 -3.69 -3.85
CA GLU A 14 -8.49 -4.46 -5.04
C GLU A 14 -7.60 -4.08 -6.24
N ALA A 15 -7.41 -2.77 -6.40
CA ALA A 15 -6.64 -2.16 -7.50
C ALA A 15 -5.14 -2.54 -7.42
N TYR A 16 -4.63 -2.75 -6.19
CA TYR A 16 -3.21 -3.08 -5.94
C TYR A 16 -2.87 -4.48 -6.48
N ASN A 17 -3.73 -5.47 -6.17
CA ASN A 17 -3.52 -6.88 -6.57
C ASN A 17 -4.04 -7.14 -8.02
N ALA A 18 -4.98 -6.31 -8.48
CA ALA A 18 -5.58 -6.44 -9.85
C ALA A 18 -4.88 -5.54 -10.88
N ARG A 19 -3.83 -4.81 -10.43
CA ARG A 19 -2.96 -3.97 -11.27
C ARG A 19 -3.69 -2.72 -11.84
N ASP A 20 -4.86 -2.38 -11.28
CA ASP A 20 -5.65 -1.19 -11.70
C ASP A 20 -5.03 0.09 -11.13
N ILE A 21 -4.21 0.76 -11.97
CA ILE A 21 -3.62 2.07 -11.64
C ILE A 21 -4.71 3.16 -11.51
N ASP A 22 -5.79 3.04 -12.30
CA ASP A 22 -6.88 4.04 -12.36
C ASP A 22 -7.52 4.26 -10.97
N ALA A 23 -7.88 3.16 -10.29
CA ALA A 23 -8.51 3.20 -8.95
C ALA A 23 -7.46 3.43 -7.86
N PHE A 24 -6.23 2.96 -8.11
CA PHE A 24 -5.08 3.17 -7.23
C PHE A 24 -4.65 4.67 -7.23
N MET A 25 -5.16 5.46 -8.20
CA MET A 25 -4.92 6.92 -8.28
C MET A 25 -6.22 7.73 -8.12
N ALA A 26 -7.38 7.07 -8.27
CA ALA A 26 -8.71 7.73 -8.26
C ALA A 26 -9.01 8.42 -6.92
N TRP A 27 -8.69 7.73 -5.84
CA TRP A 27 -9.05 8.14 -4.48
C TRP A 27 -7.95 8.98 -3.81
N TRP A 28 -6.86 9.23 -4.53
CA TRP A 28 -5.69 9.97 -4.01
C TRP A 28 -5.78 11.44 -4.43
N ALA A 29 -5.24 12.33 -3.56
CA ALA A 29 -5.09 13.76 -3.87
C ALA A 29 -3.92 13.96 -4.87
N ASP A 30 -4.01 14.99 -5.72
CA ASP A 30 -3.00 15.24 -6.78
C ASP A 30 -1.63 15.67 -6.19
N ASP A 31 -1.65 16.16 -4.93
CA ASP A 31 -0.44 16.61 -4.21
C ASP A 31 -0.02 15.59 -3.13
N CYS A 32 -0.49 14.33 -3.23
CA CYS A 32 -0.29 13.31 -2.18
C CYS A 32 1.21 12.97 -1.98
N GLN A 33 1.66 13.05 -0.71
CA GLN A 33 3.06 12.84 -0.32
C GLN A 33 3.26 11.38 0.16
N TYR A 34 3.88 10.57 -0.72
CA TYR A 34 4.15 9.15 -0.49
C TYR A 34 5.59 8.95 0.00
N TYR A 35 5.71 8.47 1.26
CA TYR A 35 7.00 8.17 1.90
C TYR A 35 7.15 6.66 2.16
N ALA A 36 8.40 6.22 2.23
CA ALA A 36 8.80 4.91 2.72
C ALA A 36 9.46 5.07 4.10
N PHE A 37 9.44 4.00 4.90
CA PHE A 37 10.04 3.99 6.25
C PHE A 37 11.57 4.22 6.19
N PRO A 38 12.17 5.14 7.03
CA PRO A 38 11.46 6.00 7.99
C PRO A 38 10.79 7.25 7.35
N ALA A 39 11.53 7.96 6.46
CA ALA A 39 11.03 9.19 5.81
C ALA A 39 11.81 9.46 4.51
N THR A 40 11.63 8.58 3.52
CA THR A 40 12.18 8.74 2.16
C THR A 40 11.03 9.12 1.22
N LEU A 41 11.07 10.33 0.65
CA LEU A 41 10.03 10.78 -0.29
C LEU A 41 10.21 10.08 -1.64
N LEU A 42 9.35 9.07 -1.91
CA LEU A 42 9.32 8.33 -3.18
C LEU A 42 8.60 9.19 -4.25
N ALA A 43 7.57 9.91 -3.80
CA ALA A 43 6.73 10.71 -4.70
C ALA A 43 6.01 11.83 -3.92
N GLY A 44 6.22 13.09 -4.34
CA GLY A 44 5.62 14.26 -3.65
C GLY A 44 4.34 14.77 -4.33
N ASN A 45 3.64 13.85 -5.03
CA ASN A 45 2.41 14.13 -5.80
C ASN A 45 1.93 12.83 -6.48
N ALA A 46 0.62 12.78 -6.80
CA ALA A 46 -0.07 11.57 -7.33
C ALA A 46 0.55 11.05 -8.64
N ALA A 47 1.04 11.96 -9.50
CA ALA A 47 1.61 11.61 -10.82
C ALA A 47 2.83 10.69 -10.67
N GLU A 48 3.71 11.04 -9.71
CA GLU A 48 4.95 10.28 -9.45
C GLU A 48 4.63 8.98 -8.68
N ILE A 49 3.55 9.00 -7.85
CA ILE A 49 3.07 7.80 -7.11
C ILE A 49 2.62 6.73 -8.10
N ARG A 50 1.94 7.19 -9.16
CA ARG A 50 1.50 6.34 -10.28
C ARG A 50 2.69 5.60 -10.89
N VAL A 51 3.70 6.38 -11.31
CA VAL A 51 4.88 5.89 -12.06
C VAL A 51 5.71 4.91 -11.20
N ARG A 52 5.89 5.28 -9.92
CA ARG A 52 6.66 4.48 -8.93
C ARG A 52 6.00 3.10 -8.72
N HIS A 53 4.66 3.10 -8.63
CA HIS A 53 3.87 1.88 -8.44
C HIS A 53 3.68 1.10 -9.74
N ILE A 54 3.73 1.75 -10.91
CA ILE A 54 3.73 1.05 -12.22
C ILE A 54 4.90 0.06 -12.27
N GLU A 55 6.07 0.54 -11.80
CA GLU A 55 7.31 -0.25 -11.71
C GLU A 55 7.13 -1.44 -10.73
N ARG A 56 6.34 -1.22 -9.67
CA ARG A 56 5.98 -2.27 -8.69
C ARG A 56 4.88 -3.21 -9.25
N PHE A 57 4.07 -2.71 -10.21
CA PHE A 57 3.00 -3.50 -10.87
C PHE A 57 3.58 -4.32 -12.04
N LYS A 58 4.83 -3.99 -12.47
CA LYS A 58 5.60 -4.79 -13.43
C LYS A 58 6.03 -6.15 -12.82
N GLU A 59 6.05 -6.18 -11.47
CA GLU A 59 6.29 -7.41 -10.68
C GLU A 59 5.15 -8.43 -10.93
N PRO A 60 5.43 -9.62 -11.57
CA PRO A 60 4.40 -10.68 -11.78
C PRO A 60 4.02 -11.40 -10.47
N ASP A 61 4.93 -11.32 -9.49
CA ASP A 61 4.77 -11.95 -8.16
C ASP A 61 4.19 -10.98 -7.13
N LEU A 62 3.77 -9.77 -7.58
CA LEU A 62 3.14 -8.79 -6.70
C LEU A 62 1.78 -9.31 -6.23
N TYR A 63 1.70 -9.58 -4.93
CA TYR A 63 0.46 -9.93 -4.27
C TYR A 63 0.50 -9.34 -2.86
N GLY A 64 -0.41 -8.40 -2.58
CA GLY A 64 -0.57 -7.83 -1.25
C GLY A 64 -1.77 -8.46 -0.58
N GLU A 65 -1.51 -9.44 0.30
CA GLU A 65 -2.56 -10.13 1.05
C GLU A 65 -2.84 -9.34 2.33
N LEU A 66 -3.94 -8.57 2.33
CA LEU A 66 -4.35 -7.80 3.52
C LEU A 66 -4.97 -8.77 4.54
N LEU A 67 -4.30 -8.88 5.70
CA LEU A 67 -4.67 -9.83 6.77
C LEU A 67 -5.35 -9.10 7.94
N THR A 68 -4.91 -7.85 8.19
CA THR A 68 -5.42 -7.03 9.30
C THR A 68 -5.58 -5.58 8.83
N ARG A 69 -6.69 -4.94 9.24
CA ARG A 69 -6.93 -3.49 9.04
C ARG A 69 -7.64 -2.91 10.26
N VAL A 70 -7.16 -1.75 10.73
CA VAL A 70 -7.79 -0.95 11.81
C VAL A 70 -7.99 0.49 11.30
N ILE A 71 -8.96 1.22 11.88
CA ILE A 71 -9.25 2.61 11.46
C ILE A 71 -9.51 3.51 12.70
N VAL A 72 -8.98 4.75 12.61
CA VAL A 72 -9.08 5.77 13.65
C VAL A 72 -9.22 7.15 12.96
N GLY A 73 -10.44 7.74 13.02
CA GLY A 73 -10.74 9.03 12.42
C GLY A 73 -10.62 9.02 10.90
N ASN A 74 -9.70 9.86 10.36
CA ASN A 74 -9.48 9.99 8.91
C ASN A 74 -8.25 9.17 8.45
N VAL A 75 -7.82 8.21 9.29
CA VAL A 75 -6.59 7.41 9.08
C VAL A 75 -6.93 5.91 9.17
N VAL A 76 -6.35 5.11 8.24
CA VAL A 76 -6.46 3.64 8.25
C VAL A 76 -5.05 3.01 8.28
N ILE A 77 -4.88 1.97 9.11
CA ILE A 77 -3.73 1.06 9.06
C ILE A 77 -4.19 -0.18 8.28
N ASP A 78 -3.77 -0.29 7.03
CA ASP A 78 -3.99 -1.48 6.21
C ASP A 78 -2.69 -2.30 6.19
N HIS A 79 -2.71 -3.42 6.92
CA HIS A 79 -1.54 -4.30 7.11
C HIS A 79 -1.67 -5.50 6.17
N GLU A 80 -0.76 -5.56 5.19
CA GLU A 80 -0.72 -6.58 4.13
C GLU A 80 0.67 -7.24 4.06
N THR A 81 0.72 -8.48 3.56
CA THR A 81 1.97 -9.20 3.28
C THR A 81 2.27 -9.13 1.76
N VAL A 82 3.35 -8.40 1.42
CA VAL A 82 3.84 -8.24 0.04
C VAL A 82 4.70 -9.47 -0.35
N THR A 83 4.23 -10.24 -1.34
CA THR A 83 4.97 -11.40 -1.86
C THR A 83 6.12 -10.95 -2.79
N ARG A 84 7.36 -11.34 -2.43
CA ARG A 84 8.57 -11.15 -3.26
C ARG A 84 9.22 -12.54 -3.50
N ASN A 85 10.38 -12.57 -4.19
CA ASN A 85 11.11 -13.83 -4.46
C ASN A 85 12.48 -13.79 -3.76
N PHE A 86 12.59 -14.52 -2.63
CA PHE A 86 13.87 -14.70 -1.90
C PHE A 86 14.37 -16.16 -2.08
N PRO A 87 15.70 -16.39 -2.31
CA PRO A 87 16.28 -17.75 -2.54
C PRO A 87 16.12 -18.72 -1.33
N GLU A 88 15.85 -18.17 -0.12
CA GLU A 88 15.69 -18.98 1.11
C GLU A 88 14.27 -19.56 1.24
N GLY A 89 13.33 -19.09 0.41
CA GLY A 89 11.99 -19.70 0.33
C GLY A 89 11.03 -18.90 -0.53
N LYS A 90 9.89 -18.51 0.06
CA LYS A 90 8.89 -17.64 -0.58
C LYS A 90 9.48 -16.23 -0.79
N GLY A 91 9.54 -15.45 0.29
CA GLY A 91 10.03 -14.06 0.23
C GLY A 91 8.93 -13.05 0.50
N GLU A 92 7.92 -13.45 1.26
CA GLU A 92 6.76 -12.61 1.53
C GLU A 92 7.01 -11.79 2.81
N VAL A 93 7.07 -10.46 2.67
CA VAL A 93 7.41 -9.57 3.79
C VAL A 93 6.13 -8.89 4.27
N ASP A 94 5.93 -8.84 5.61
CA ASP A 94 4.75 -8.17 6.18
C ASP A 94 5.04 -6.66 6.23
N VAL A 95 4.01 -5.85 6.00
CA VAL A 95 4.09 -4.39 5.96
C VAL A 95 2.81 -3.82 6.63
N ALA A 96 2.96 -2.70 7.35
CA ALA A 96 1.82 -1.87 7.76
C ALA A 96 1.84 -0.60 6.91
N CYS A 97 0.89 -0.50 5.98
CA CYS A 97 0.71 0.72 5.18
C CYS A 97 -0.35 1.57 5.88
N ILE A 98 -0.12 2.88 5.95
CA ILE A 98 -1.00 3.82 6.65
C ILE A 98 -1.31 5.02 5.74
N TYR A 99 -2.61 5.24 5.48
CA TYR A 99 -3.10 6.36 4.66
C TYR A 99 -3.79 7.39 5.55
N GLU A 100 -3.54 8.68 5.28
CA GLU A 100 -4.33 9.78 5.82
C GLU A 100 -5.23 10.29 4.69
N VAL A 101 -6.53 10.05 4.85
CA VAL A 101 -7.56 10.49 3.90
C VAL A 101 -8.17 11.82 4.38
N GLU A 102 -7.88 12.91 3.65
CA GLU A 102 -8.44 14.23 3.92
C GLU A 102 -9.42 14.60 2.78
N ASN A 103 -10.64 15.02 3.16
CA ASN A 103 -11.68 15.49 2.20
C ASN A 103 -12.11 14.38 1.21
N GLY A 104 -12.03 13.11 1.68
CA GLY A 104 -12.38 11.94 0.87
C GLY A 104 -11.29 11.53 -0.13
N ARG A 105 -10.10 12.14 0.00
CA ARG A 105 -8.94 11.87 -0.85
C ARG A 105 -7.72 11.59 0.02
N ILE A 106 -6.94 10.55 -0.30
CA ILE A 106 -5.69 10.23 0.38
C ILE A 106 -4.71 11.39 0.16
N ALA A 107 -4.59 12.24 1.18
CA ALA A 107 -3.80 13.48 1.13
C ALA A 107 -2.32 13.17 1.24
N LYS A 108 -2.01 12.11 2.00
CA LYS A 108 -0.63 11.62 2.24
C LYS A 108 -0.70 10.12 2.55
N ALA A 109 0.40 9.40 2.26
CA ALA A 109 0.48 7.95 2.45
C ALA A 109 1.92 7.57 2.82
N TRP A 110 2.05 6.72 3.83
CA TRP A 110 3.35 6.26 4.36
C TRP A 110 3.25 4.73 4.53
N PHE A 111 4.39 4.01 4.49
CA PHE A 111 4.41 2.56 4.78
C PHE A 111 5.68 2.18 5.54
N LYS A 112 5.53 1.17 6.41
CA LYS A 112 6.62 0.63 7.25
C LYS A 112 6.63 -0.90 7.15
N ILE A 113 7.77 -1.48 6.75
CA ILE A 113 7.90 -2.94 6.55
C ILE A 113 8.32 -3.60 7.87
N GLY A 114 7.55 -4.63 8.28
CA GLY A 114 7.81 -5.40 9.51
C GLY A 114 9.18 -6.11 9.48
N GLU A 115 9.23 -7.28 8.81
CA GLU A 115 10.50 -7.94 8.46
C GLU A 115 10.24 -8.95 7.30
N PRO A 116 11.31 -9.56 6.69
CA PRO A 116 11.13 -10.71 5.78
C PRO A 116 10.54 -11.96 6.49
N ARG A 117 9.50 -12.56 5.87
CA ARG A 117 8.92 -13.83 6.32
C ARG A 117 9.07 -14.90 5.23
N ILE A 118 9.39 -16.13 5.65
CA ILE A 118 9.50 -17.31 4.76
C ILE A 118 8.53 -18.37 5.28
N VAL A 119 7.78 -18.99 4.36
CA VAL A 119 6.76 -20.02 4.70
C VAL A 119 7.43 -21.30 5.26
N SER A 120 8.51 -21.74 4.58
CA SER A 120 9.23 -22.98 4.92
C SER A 120 10.17 -22.83 6.15
N GLN A 121 10.12 -21.64 6.81
CA GLN A 121 10.89 -21.34 8.04
C GLN A 121 10.25 -22.05 9.27
N LYS A 122 9.01 -22.55 9.12
CA LYS A 122 8.25 -23.23 10.20
C LYS A 122 8.85 -24.62 10.51
N SER A 123 8.65 -25.10 11.75
CA SER A 123 9.24 -26.37 12.24
C SER A 123 8.21 -27.08 13.16
N MET A 1 -18.60 6.12 11.83
CA MET A 1 -18.15 5.42 10.60
C MET A 1 -17.52 6.46 9.66
N ASN A 2 -16.20 6.35 9.46
CA ASN A 2 -15.42 7.26 8.62
C ASN A 2 -15.42 6.74 7.18
N SER A 3 -16.60 6.80 6.55
CA SER A 3 -16.87 6.26 5.21
C SER A 3 -15.92 6.87 4.16
N GLU A 4 -15.80 8.20 4.17
CA GLU A 4 -14.94 8.97 3.23
C GLU A 4 -13.44 8.54 3.29
N ILE A 5 -13.06 7.85 4.39
CA ILE A 5 -11.69 7.36 4.62
C ILE A 5 -11.59 5.88 4.17
N GLU A 6 -12.67 5.13 4.36
CA GLU A 6 -12.73 3.67 4.12
C GLU A 6 -12.99 3.33 2.64
N LEU A 7 -13.64 4.26 1.89
CA LEU A 7 -13.92 4.05 0.45
C LEU A 7 -12.59 4.01 -0.36
N PRO A 8 -11.66 5.05 -0.26
CA PRO A 8 -10.34 5.02 -0.94
C PRO A 8 -9.55 3.74 -0.63
N VAL A 9 -9.45 3.45 0.67
CA VAL A 9 -8.72 2.30 1.23
C VAL A 9 -9.16 0.94 0.64
N GLN A 10 -10.48 0.71 0.59
CA GLN A 10 -11.05 -0.58 0.13
C GLN A 10 -10.84 -0.77 -1.39
N LYS A 11 -11.11 0.30 -2.17
CA LYS A 11 -11.01 0.26 -3.65
C LYS A 11 -9.54 0.05 -4.09
N GLN A 12 -8.60 0.65 -3.33
CA GLN A 12 -7.16 0.49 -3.54
C GLN A 12 -6.75 -0.98 -3.44
N LEU A 13 -7.20 -1.62 -2.33
CA LEU A 13 -6.82 -2.99 -1.96
C LEU A 13 -7.15 -3.97 -3.09
N GLU A 14 -8.40 -3.90 -3.54
CA GLU A 14 -8.90 -4.68 -4.69
C GLU A 14 -8.05 -4.41 -5.94
N ALA A 15 -7.80 -3.12 -6.19
CA ALA A 15 -7.04 -2.63 -7.33
C ALA A 15 -5.55 -3.03 -7.26
N TYR A 16 -5.03 -3.24 -6.04
CA TYR A 16 -3.61 -3.50 -5.80
C TYR A 16 -3.22 -4.91 -6.29
N ASN A 17 -4.03 -5.90 -5.90
CA ASN A 17 -3.78 -7.32 -6.25
C ASN A 17 -4.28 -7.62 -7.68
N ALA A 18 -5.33 -6.88 -8.11
CA ALA A 18 -5.91 -7.01 -9.47
C ALA A 18 -5.16 -6.14 -10.49
N ARG A 19 -4.16 -5.36 -9.99
CA ARG A 19 -3.21 -4.56 -10.81
C ARG A 19 -3.87 -3.31 -11.47
N ASP A 20 -5.09 -2.96 -11.03
CA ASP A 20 -5.83 -1.79 -11.54
C ASP A 20 -5.23 -0.48 -11.00
N ILE A 21 -4.36 0.15 -11.81
CA ILE A 21 -3.74 1.46 -11.50
C ILE A 21 -4.80 2.58 -11.47
N ASP A 22 -5.88 2.45 -12.28
CA ASP A 22 -6.96 3.47 -12.38
C ASP A 22 -7.63 3.73 -11.02
N ALA A 23 -8.02 2.66 -10.30
CA ALA A 23 -8.67 2.77 -8.97
C ALA A 23 -7.62 2.98 -7.87
N PHE A 24 -6.41 2.43 -8.09
CA PHE A 24 -5.29 2.58 -7.15
C PHE A 24 -4.70 4.01 -7.21
N MET A 25 -5.16 4.83 -8.18
CA MET A 25 -4.80 6.28 -8.27
C MET A 25 -6.02 7.20 -8.04
N ALA A 26 -7.23 6.73 -8.41
CA ALA A 26 -8.48 7.55 -8.44
C ALA A 26 -8.80 8.24 -7.10
N TRP A 27 -8.45 7.55 -6.01
CA TRP A 27 -8.83 7.92 -4.66
C TRP A 27 -7.71 8.67 -3.91
N TRP A 28 -6.70 9.12 -4.65
CA TRP A 28 -5.55 9.88 -4.10
C TRP A 28 -5.68 11.36 -4.48
N ALA A 29 -5.04 12.23 -3.67
CA ALA A 29 -5.00 13.68 -3.93
C ALA A 29 -3.84 14.01 -4.88
N ASP A 30 -4.01 15.05 -5.71
CA ASP A 30 -2.99 15.51 -6.69
C ASP A 30 -1.65 15.88 -6.01
N ASP A 31 -1.74 16.35 -4.77
CA ASP A 31 -0.58 16.84 -3.97
C ASP A 31 -0.14 15.81 -2.92
N CYS A 32 -0.54 14.53 -3.10
CA CYS A 32 -0.32 13.46 -2.10
C CYS A 32 1.18 13.17 -1.87
N GLN A 33 1.59 13.11 -0.58
CA GLN A 33 2.99 12.90 -0.17
C GLN A 33 3.22 11.44 0.24
N TYR A 34 3.88 10.67 -0.64
CA TYR A 34 4.16 9.24 -0.43
C TYR A 34 5.58 9.05 0.16
N TYR A 35 5.63 8.59 1.42
CA TYR A 35 6.87 8.31 2.15
C TYR A 35 7.08 6.80 2.36
N ALA A 36 8.36 6.44 2.48
CA ALA A 36 8.80 5.14 2.98
C ALA A 36 9.25 5.33 4.43
N PHE A 37 9.12 4.26 5.23
CA PHE A 37 9.42 4.26 6.69
C PHE A 37 10.82 4.84 7.05
N PRO A 38 10.92 5.83 8.03
CA PRO A 38 9.76 6.53 8.64
C PRO A 38 9.19 7.67 7.73
N ALA A 39 10.10 8.38 7.02
CA ALA A 39 9.75 9.55 6.20
C ALA A 39 10.81 9.74 5.10
N THR A 40 10.66 8.98 4.01
CA THR A 40 11.49 9.09 2.81
C THR A 40 10.57 9.38 1.62
N LEU A 41 10.50 10.66 1.20
CA LEU A 41 9.54 11.11 0.17
C LEU A 41 9.98 10.56 -1.21
N LEU A 42 9.33 9.47 -1.66
CA LEU A 42 9.59 8.90 -3.00
C LEU A 42 8.89 9.78 -4.02
N ALA A 43 7.64 10.12 -3.70
CA ALA A 43 6.73 10.82 -4.60
C ALA A 43 6.03 11.98 -3.88
N GLY A 44 6.29 13.22 -4.33
CA GLY A 44 5.74 14.43 -3.71
C GLY A 44 4.54 14.99 -4.47
N ASN A 45 3.63 14.09 -4.85
CA ASN A 45 2.44 14.33 -5.73
C ASN A 45 1.95 12.99 -6.30
N ALA A 46 0.69 12.95 -6.76
CA ALA A 46 0.00 11.71 -7.20
C ALA A 46 0.61 11.09 -8.47
N ALA A 47 1.15 11.94 -9.36
CA ALA A 47 1.71 11.50 -10.67
C ALA A 47 2.89 10.53 -10.47
N GLU A 48 3.76 10.89 -9.53
CA GLU A 48 4.97 10.10 -9.20
C GLU A 48 4.60 8.85 -8.38
N ILE A 49 3.52 8.94 -7.58
CA ILE A 49 2.98 7.80 -6.79
C ILE A 49 2.50 6.69 -7.73
N ARG A 50 1.77 7.13 -8.76
CA ARG A 50 1.17 6.25 -9.76
C ARG A 50 2.24 5.43 -10.48
N VAL A 51 3.22 6.14 -11.04
CA VAL A 51 4.29 5.53 -11.84
C VAL A 51 5.22 4.63 -11.02
N ARG A 52 5.46 5.00 -9.74
CA ARG A 52 6.32 4.22 -8.84
C ARG A 52 5.63 2.90 -8.44
N HIS A 53 4.29 2.94 -8.33
CA HIS A 53 3.47 1.74 -8.09
C HIS A 53 3.36 0.91 -9.38
N ILE A 54 3.32 1.58 -10.54
CA ILE A 54 3.36 0.92 -11.86
C ILE A 54 4.61 0.01 -11.99
N GLU A 55 5.75 0.49 -11.45
CA GLU A 55 7.01 -0.29 -11.40
C GLU A 55 6.81 -1.60 -10.60
N ARG A 56 6.17 -1.48 -9.43
CA ARG A 56 5.88 -2.61 -8.53
C ARG A 56 4.87 -3.58 -9.21
N PHE A 57 3.99 -3.02 -10.05
CA PHE A 57 2.95 -3.79 -10.80
C PHE A 57 3.55 -4.45 -12.07
N LYS A 58 4.80 -4.09 -12.46
CA LYS A 58 5.56 -4.80 -13.53
C LYS A 58 6.03 -6.18 -13.06
N GLU A 59 6.12 -6.35 -11.73
CA GLU A 59 6.63 -7.57 -11.09
C GLU A 59 5.52 -8.66 -11.03
N PRO A 60 5.69 -9.82 -11.76
CA PRO A 60 4.65 -10.88 -11.87
C PRO A 60 4.26 -11.52 -10.52
N ASP A 61 5.22 -11.58 -9.59
CA ASP A 61 5.04 -12.24 -8.27
C ASP A 61 4.42 -11.30 -7.22
N LEU A 62 4.07 -10.06 -7.61
CA LEU A 62 3.39 -9.11 -6.72
C LEU A 62 1.98 -9.60 -6.37
N TYR A 63 1.75 -9.85 -5.08
CA TYR A 63 0.41 -10.07 -4.53
C TYR A 63 0.38 -9.60 -3.07
N GLY A 64 -0.48 -8.61 -2.77
CA GLY A 64 -0.69 -8.15 -1.40
C GLY A 64 -1.87 -8.85 -0.77
N GLU A 65 -1.58 -9.82 0.11
CA GLU A 65 -2.62 -10.53 0.87
C GLU A 65 -2.90 -9.77 2.16
N LEU A 66 -4.04 -9.07 2.25
CA LEU A 66 -4.43 -8.37 3.47
C LEU A 66 -5.05 -9.36 4.46
N LEU A 67 -4.53 -9.35 5.70
CA LEU A 67 -5.02 -10.22 6.79
C LEU A 67 -5.65 -9.39 7.94
N THR A 68 -5.09 -8.19 8.17
CA THR A 68 -5.59 -7.25 9.20
C THR A 68 -5.70 -5.84 8.60
N ARG A 69 -6.79 -5.13 8.92
CA ARG A 69 -6.93 -3.68 8.65
C ARG A 69 -7.58 -3.01 9.86
N VAL A 70 -7.07 -1.81 10.22
CA VAL A 70 -7.51 -1.04 11.39
C VAL A 70 -7.68 0.44 10.99
N ILE A 71 -8.67 1.14 11.57
CA ILE A 71 -8.94 2.56 11.27
C ILE A 71 -8.89 3.41 12.57
N VAL A 72 -8.32 4.62 12.43
CA VAL A 72 -8.19 5.62 13.50
C VAL A 72 -8.39 7.02 12.86
N GLY A 73 -9.62 7.55 13.00
CA GLY A 73 -9.98 8.86 12.46
C GLY A 73 -9.92 8.94 10.93
N ASN A 74 -9.07 9.84 10.40
CA ASN A 74 -8.91 10.07 8.94
C ASN A 74 -7.74 9.24 8.36
N VAL A 75 -7.26 8.27 9.14
CA VAL A 75 -6.07 7.44 8.81
C VAL A 75 -6.42 5.94 9.00
N VAL A 76 -6.01 5.09 8.04
CA VAL A 76 -6.19 3.61 8.12
C VAL A 76 -4.83 2.90 7.95
N ILE A 77 -4.56 1.88 8.78
CA ILE A 77 -3.43 0.96 8.59
C ILE A 77 -3.96 -0.33 7.96
N ASP A 78 -3.64 -0.53 6.69
CA ASP A 78 -3.85 -1.80 5.99
C ASP A 78 -2.62 -2.67 6.20
N HIS A 79 -2.77 -3.73 6.99
CA HIS A 79 -1.68 -4.67 7.27
C HIS A 79 -1.84 -5.91 6.36
N GLU A 80 -0.92 -6.01 5.42
CA GLU A 80 -0.85 -7.07 4.43
C GLU A 80 0.54 -7.73 4.48
N THR A 81 0.64 -8.90 3.84
CA THR A 81 1.90 -9.56 3.54
C THR A 81 2.06 -9.59 2.00
N VAL A 82 2.92 -8.69 1.46
CA VAL A 82 3.17 -8.61 0.00
C VAL A 82 4.26 -9.60 -0.39
N THR A 83 3.98 -10.39 -1.44
CA THR A 83 4.92 -11.37 -1.97
C THR A 83 5.97 -10.67 -2.86
N ARG A 84 7.24 -10.79 -2.44
CA ARG A 84 8.41 -10.42 -3.25
C ARG A 84 9.16 -11.73 -3.60
N ASN A 85 10.40 -11.64 -4.12
CA ASN A 85 11.23 -12.81 -4.43
C ASN A 85 12.57 -12.73 -3.69
N PHE A 86 12.75 -13.59 -2.66
CA PHE A 86 14.03 -13.73 -1.94
C PHE A 86 14.69 -15.08 -2.35
N PRO A 87 16.05 -15.15 -2.44
CA PRO A 87 16.77 -16.41 -2.80
C PRO A 87 16.71 -17.48 -1.67
N GLU A 88 16.27 -17.06 -0.47
CA GLU A 88 16.11 -17.95 0.70
C GLU A 88 14.72 -18.63 0.73
N GLY A 89 13.84 -18.30 -0.23
CA GLY A 89 12.58 -19.05 -0.41
C GLY A 89 11.53 -18.26 -1.16
N LYS A 90 10.37 -18.01 -0.52
CA LYS A 90 9.26 -17.24 -1.08
C LYS A 90 9.68 -15.77 -1.31
N GLY A 91 9.67 -15.00 -0.21
CA GLY A 91 10.08 -13.60 -0.23
C GLY A 91 8.96 -12.65 0.16
N GLU A 92 7.96 -13.15 0.88
CA GLU A 92 6.78 -12.35 1.25
C GLU A 92 7.05 -11.66 2.58
N VAL A 93 6.61 -10.41 2.75
CA VAL A 93 6.99 -9.60 3.93
C VAL A 93 5.76 -8.91 4.55
N ASP A 94 5.71 -8.90 5.89
CA ASP A 94 4.63 -8.24 6.65
C ASP A 94 4.86 -6.74 6.62
N VAL A 95 4.01 -6.01 5.91
CA VAL A 95 4.08 -4.54 5.81
C VAL A 95 2.80 -3.94 6.46
N ALA A 96 2.90 -2.69 6.92
CA ALA A 96 1.75 -1.91 7.40
C ALA A 96 1.70 -0.61 6.59
N CYS A 97 0.75 -0.52 5.67
CA CYS A 97 0.57 0.63 4.80
C CYS A 97 -0.48 1.56 5.42
N ILE A 98 0.00 2.69 5.95
CA ILE A 98 -0.79 3.64 6.72
C ILE A 98 -1.08 4.89 5.86
N TYR A 99 -2.35 5.03 5.40
CA TYR A 99 -2.79 6.12 4.51
C TYR A 99 -3.51 7.22 5.33
N GLU A 100 -3.19 8.47 5.00
CA GLU A 100 -3.93 9.65 5.47
C GLU A 100 -4.86 10.14 4.36
N VAL A 101 -6.17 10.05 4.61
CA VAL A 101 -7.20 10.55 3.70
C VAL A 101 -7.74 11.90 4.22
N GLU A 102 -7.56 12.96 3.43
CA GLU A 102 -8.08 14.32 3.69
C GLU A 102 -8.83 14.82 2.44
N ASN A 103 -9.98 15.48 2.64
CA ASN A 103 -10.82 16.05 1.53
C ASN A 103 -11.36 14.93 0.60
N GLY A 104 -11.58 13.75 1.19
CA GLY A 104 -12.12 12.58 0.47
C GLY A 104 -11.10 11.87 -0.42
N ARG A 105 -9.82 12.30 -0.34
CA ARG A 105 -8.71 11.80 -1.16
C ARG A 105 -7.47 11.62 -0.27
N ILE A 106 -6.57 10.71 -0.65
CA ILE A 106 -5.36 10.43 0.15
C ILE A 106 -4.37 11.59 0.01
N ALA A 107 -4.25 12.41 1.07
CA ALA A 107 -3.36 13.59 1.10
C ALA A 107 -1.91 13.19 1.37
N LYS A 108 -1.72 12.08 2.09
CA LYS A 108 -0.38 11.52 2.41
C LYS A 108 -0.52 10.01 2.54
N ALA A 109 0.55 9.28 2.27
CA ALA A 109 0.60 7.83 2.46
C ALA A 109 2.00 7.41 2.89
N TRP A 110 2.06 6.56 3.90
CA TRP A 110 3.30 6.04 4.46
C TRP A 110 3.19 4.51 4.46
N PHE A 111 4.32 3.80 4.40
CA PHE A 111 4.34 2.32 4.55
C PHE A 111 5.59 1.92 5.33
N LYS A 112 5.47 0.84 6.12
CA LYS A 112 6.58 0.33 6.94
C LYS A 112 6.67 -1.20 6.83
N ILE A 113 7.81 -1.70 6.30
CA ILE A 113 8.01 -3.14 6.07
C ILE A 113 8.60 -3.78 7.32
N GLY A 114 7.78 -4.59 7.97
CA GLY A 114 8.09 -5.25 9.24
C GLY A 114 9.17 -6.33 9.14
N GLU A 115 8.76 -7.61 8.95
CA GLU A 115 9.64 -8.77 9.05
C GLU A 115 9.56 -9.65 7.77
N PRO A 116 10.73 -10.21 7.29
CA PRO A 116 10.76 -11.17 6.16
C PRO A 116 10.12 -12.53 6.55
N ARG A 117 9.15 -12.95 5.73
CA ARG A 117 8.44 -14.24 5.89
C ARG A 117 8.81 -15.17 4.73
N ILE A 118 9.30 -16.36 5.07
CA ILE A 118 9.60 -17.42 4.12
C ILE A 118 8.82 -18.66 4.55
N VAL A 119 8.01 -19.21 3.63
CA VAL A 119 7.08 -20.32 3.91
C VAL A 119 7.85 -21.57 4.43
N SER A 120 8.98 -21.86 3.79
CA SER A 120 9.83 -23.01 4.15
C SER A 120 10.75 -22.64 5.34
N GLN A 121 11.74 -21.78 5.08
CA GLN A 121 12.74 -21.33 6.08
C GLN A 121 12.09 -20.32 7.07
N LYS A 122 11.54 -20.84 8.17
CA LYS A 122 10.93 -20.01 9.22
C LYS A 122 10.85 -20.79 10.53
N SER A 123 11.05 -20.08 11.66
CA SER A 123 10.90 -20.64 13.00
C SER A 123 9.39 -20.64 13.37
N MET A 1 -20.36 8.32 9.80
CA MET A 1 -19.12 7.77 10.40
C MET A 1 -17.94 7.93 9.40
N ASN A 2 -16.79 7.31 9.73
CA ASN A 2 -15.54 7.41 8.94
C ASN A 2 -15.54 6.42 7.74
N SER A 3 -16.69 6.32 7.04
CA SER A 3 -16.89 5.36 5.94
C SER A 3 -16.13 5.78 4.67
N GLU A 4 -16.03 7.10 4.43
CA GLU A 4 -15.30 7.66 3.26
C GLU A 4 -13.77 7.52 3.41
N ILE A 5 -13.32 7.03 4.59
CA ILE A 5 -11.90 6.74 4.88
C ILE A 5 -11.61 5.24 4.59
N GLU A 6 -12.65 4.41 4.77
CA GLU A 6 -12.60 2.96 4.43
C GLU A 6 -12.63 2.73 2.92
N LEU A 7 -13.36 3.61 2.19
CA LEU A 7 -13.63 3.45 0.74
C LEU A 7 -12.32 3.46 -0.11
N PRO A 8 -11.38 4.49 0.05
CA PRO A 8 -10.10 4.50 -0.69
C PRO A 8 -9.32 3.21 -0.47
N VAL A 9 -9.08 2.91 0.81
CA VAL A 9 -8.27 1.77 1.29
C VAL A 9 -8.77 0.42 0.71
N GLN A 10 -10.10 0.27 0.72
CA GLN A 10 -10.79 -0.95 0.26
C GLN A 10 -10.53 -1.16 -1.24
N LYS A 11 -10.78 -0.10 -2.03
CA LYS A 11 -10.66 -0.14 -3.51
C LYS A 11 -9.18 -0.28 -3.94
N GLN A 12 -8.28 0.34 -3.18
CA GLN A 12 -6.83 0.35 -3.44
C GLN A 12 -6.24 -1.05 -3.32
N LEU A 13 -6.66 -1.79 -2.28
CA LEU A 13 -6.20 -3.17 -2.06
C LEU A 13 -6.58 -4.02 -3.25
N GLU A 14 -7.88 -3.96 -3.60
CA GLU A 14 -8.44 -4.73 -4.70
C GLU A 14 -7.62 -4.46 -5.97
N ALA A 15 -7.37 -3.16 -6.18
CA ALA A 15 -6.62 -2.62 -7.32
C ALA A 15 -5.13 -2.99 -7.27
N TYR A 16 -4.58 -3.23 -6.05
CA TYR A 16 -3.13 -3.47 -5.86
C TYR A 16 -2.75 -4.86 -6.40
N ASN A 17 -3.62 -5.86 -6.14
CA ASN A 17 -3.40 -7.25 -6.58
C ASN A 17 -4.04 -7.51 -7.96
N ALA A 18 -5.12 -6.77 -8.30
CA ALA A 18 -5.81 -6.88 -9.61
C ALA A 18 -5.14 -6.01 -10.69
N ARG A 19 -4.09 -5.27 -10.26
CA ARG A 19 -3.18 -4.50 -11.13
C ARG A 19 -3.87 -3.29 -11.80
N ASP A 20 -4.95 -2.79 -11.17
CA ASP A 20 -5.66 -1.58 -11.61
C ASP A 20 -5.02 -0.33 -10.98
N ILE A 21 -4.10 0.32 -11.71
CA ILE A 21 -3.50 1.60 -11.27
C ILE A 21 -4.57 2.72 -11.22
N ASP A 22 -5.61 2.60 -12.08
CA ASP A 22 -6.69 3.61 -12.18
C ASP A 22 -7.39 3.83 -10.82
N ALA A 23 -7.77 2.72 -10.16
CA ALA A 23 -8.45 2.78 -8.83
C ALA A 23 -7.43 2.99 -7.71
N PHE A 24 -6.21 2.46 -7.91
CA PHE A 24 -5.09 2.65 -6.97
C PHE A 24 -4.54 4.10 -7.04
N MET A 25 -5.03 4.90 -8.01
CA MET A 25 -4.70 6.35 -8.11
C MET A 25 -5.92 7.26 -7.85
N ALA A 26 -7.13 6.76 -8.17
CA ALA A 26 -8.39 7.56 -8.20
C ALA A 26 -8.70 8.21 -6.83
N TRP A 27 -8.36 7.51 -5.75
CA TRP A 27 -8.71 7.90 -4.38
C TRP A 27 -7.60 8.73 -3.69
N TRP A 28 -6.58 9.10 -4.45
CA TRP A 28 -5.42 9.88 -3.94
C TRP A 28 -5.57 11.35 -4.35
N ALA A 29 -4.88 12.25 -3.62
CA ALA A 29 -4.88 13.69 -3.92
C ALA A 29 -3.79 14.02 -4.95
N ASP A 30 -3.89 15.19 -5.59
CA ASP A 30 -2.93 15.65 -6.62
C ASP A 30 -1.55 15.96 -6.00
N ASP A 31 -1.56 16.47 -4.76
CA ASP A 31 -0.34 16.83 -4.00
C ASP A 31 0.05 15.69 -3.02
N CYS A 32 -0.54 14.48 -3.22
CA CYS A 32 -0.37 13.35 -2.28
C CYS A 32 1.10 12.95 -2.13
N GLN A 33 1.62 13.09 -0.90
CA GLN A 33 2.98 12.71 -0.55
C GLN A 33 3.04 11.22 -0.24
N TYR A 34 4.22 10.63 -0.42
CA TYR A 34 4.44 9.18 -0.25
C TYR A 34 5.85 8.98 0.33
N TYR A 35 5.90 8.51 1.59
CA TYR A 35 7.15 8.29 2.34
C TYR A 35 7.31 6.82 2.70
N ALA A 36 8.57 6.40 2.72
CA ALA A 36 9.00 5.09 3.23
C ALA A 36 9.46 5.28 4.69
N PHE A 37 9.44 4.19 5.47
CA PHE A 37 9.85 4.20 6.89
C PHE A 37 11.29 4.77 7.10
N PRO A 38 11.52 5.74 8.05
CA PRO A 38 10.46 6.41 8.86
C PRO A 38 9.66 7.48 8.07
N ALA A 39 10.37 8.29 7.26
CA ALA A 39 9.78 9.41 6.50
C ALA A 39 10.77 9.86 5.41
N THR A 40 11.04 8.97 4.44
CA THR A 40 11.92 9.25 3.28
C THR A 40 11.04 9.43 2.01
N LEU A 41 11.11 10.62 1.41
CA LEU A 41 10.20 11.05 0.33
C LEU A 41 10.53 10.33 -1.00
N LEU A 42 9.65 9.42 -1.45
CA LEU A 42 9.75 8.81 -2.80
C LEU A 42 9.01 9.71 -3.82
N ALA A 43 7.74 10.03 -3.49
CA ALA A 43 6.79 10.64 -4.43
C ALA A 43 5.98 11.77 -3.76
N GLY A 44 6.15 13.02 -4.24
CA GLY A 44 5.56 14.23 -3.62
C GLY A 44 4.29 14.73 -4.29
N ASN A 45 3.62 13.82 -4.99
CA ASN A 45 2.39 14.09 -5.78
C ASN A 45 1.89 12.78 -6.42
N ALA A 46 0.62 12.79 -6.87
CA ALA A 46 -0.07 11.60 -7.41
C ALA A 46 0.63 11.01 -8.65
N ALA A 47 1.20 11.89 -9.50
CA ALA A 47 1.83 11.47 -10.77
C ALA A 47 3.02 10.52 -10.54
N GLU A 48 3.87 10.87 -9.54
CA GLU A 48 5.08 10.10 -9.21
C GLU A 48 4.69 8.77 -8.50
N ILE A 49 3.64 8.84 -7.67
CA ILE A 49 3.05 7.64 -7.00
C ILE A 49 2.55 6.64 -8.06
N ARG A 50 1.89 7.18 -9.09
CA ARG A 50 1.25 6.41 -10.16
C ARG A 50 2.28 5.61 -10.94
N VAL A 51 3.27 6.33 -11.50
CA VAL A 51 4.25 5.77 -12.44
C VAL A 51 5.23 4.80 -11.78
N ARG A 52 5.61 5.09 -10.52
CA ARG A 52 6.50 4.23 -9.72
C ARG A 52 5.80 2.89 -9.40
N HIS A 53 4.48 2.96 -9.15
CA HIS A 53 3.66 1.76 -8.89
C HIS A 53 3.34 1.01 -10.19
N ILE A 54 3.23 1.72 -11.35
CA ILE A 54 3.04 1.06 -12.66
C ILE A 54 4.19 0.07 -12.94
N GLU A 55 5.43 0.51 -12.61
CA GLU A 55 6.66 -0.30 -12.77
C GLU A 55 6.66 -1.50 -11.78
N ARG A 56 6.09 -1.29 -10.59
CA ARG A 56 5.96 -2.35 -9.56
C ARG A 56 4.85 -3.36 -9.95
N PHE A 57 3.84 -2.89 -10.71
CA PHE A 57 2.72 -3.73 -11.18
C PHE A 57 3.11 -4.55 -12.44
N LYS A 58 4.35 -4.32 -12.95
CA LYS A 58 4.95 -5.18 -13.99
C LYS A 58 5.48 -6.50 -13.38
N GLU A 59 5.88 -6.43 -12.10
CA GLU A 59 6.38 -7.58 -11.33
C GLU A 59 5.31 -8.69 -11.25
N PRO A 60 5.58 -9.93 -11.80
CA PRO A 60 4.58 -11.02 -11.87
C PRO A 60 4.13 -11.53 -10.48
N ASP A 61 5.08 -11.56 -9.52
CA ASP A 61 4.84 -12.14 -8.18
C ASP A 61 4.37 -11.09 -7.16
N LEU A 62 4.07 -9.85 -7.63
CA LEU A 62 3.48 -8.82 -6.77
C LEU A 62 2.05 -9.21 -6.38
N TYR A 63 1.84 -9.47 -5.08
CA TYR A 63 0.50 -9.74 -4.54
C TYR A 63 0.41 -9.23 -3.10
N GLY A 64 -0.45 -8.24 -2.87
CA GLY A 64 -0.74 -7.72 -1.54
C GLY A 64 -1.97 -8.37 -0.96
N GLU A 65 -1.77 -9.30 -0.02
CA GLU A 65 -2.87 -9.97 0.69
C GLU A 65 -3.11 -9.28 2.03
N LEU A 66 -4.18 -8.49 2.14
CA LEU A 66 -4.47 -7.73 3.37
C LEU A 66 -5.11 -8.65 4.42
N LEU A 67 -4.51 -8.65 5.62
CA LEU A 67 -4.92 -9.52 6.74
C LEU A 67 -5.88 -8.73 7.65
N THR A 68 -5.44 -7.51 7.97
CA THR A 68 -6.05 -6.64 8.98
C THR A 68 -5.95 -5.18 8.53
N ARG A 69 -7.05 -4.42 8.64
CA ARG A 69 -7.02 -2.96 8.52
C ARG A 69 -7.79 -2.33 9.69
N VAL A 70 -7.15 -1.35 10.37
CA VAL A 70 -7.74 -0.61 11.51
C VAL A 70 -8.06 0.80 11.03
N ILE A 71 -9.02 1.48 11.68
CA ILE A 71 -9.38 2.87 11.31
C ILE A 71 -9.50 3.76 12.56
N VAL A 72 -8.97 4.98 12.45
CA VAL A 72 -8.96 5.98 13.52
C VAL A 72 -9.08 7.39 12.88
N GLY A 73 -10.29 7.97 12.96
CA GLY A 73 -10.57 9.29 12.38
C GLY A 73 -10.47 9.30 10.85
N ASN A 74 -9.51 10.06 10.32
CA ASN A 74 -9.28 10.19 8.85
C ASN A 74 -8.13 9.30 8.36
N VAL A 75 -7.67 8.38 9.23
CA VAL A 75 -6.45 7.58 9.02
C VAL A 75 -6.76 6.08 9.13
N VAL A 76 -6.16 5.25 8.25
CA VAL A 76 -6.29 3.79 8.30
C VAL A 76 -4.88 3.15 8.31
N ILE A 77 -4.72 2.10 9.12
CA ILE A 77 -3.57 1.18 9.04
C ILE A 77 -4.02 -0.03 8.23
N ASP A 78 -3.64 -0.08 6.96
CA ASP A 78 -3.87 -1.25 6.10
C ASP A 78 -2.62 -2.12 6.13
N HIS A 79 -2.73 -3.25 6.87
CA HIS A 79 -1.63 -4.19 7.08
C HIS A 79 -1.83 -5.39 6.14
N GLU A 80 -0.96 -5.46 5.13
CA GLU A 80 -0.96 -6.52 4.10
C GLU A 80 0.38 -7.28 4.12
N THR A 81 0.40 -8.43 3.45
CA THR A 81 1.60 -9.24 3.22
C THR A 81 1.87 -9.31 1.71
N VAL A 82 2.91 -8.56 1.27
CA VAL A 82 3.33 -8.53 -0.15
C VAL A 82 4.27 -9.71 -0.47
N THR A 83 3.89 -10.47 -1.49
CA THR A 83 4.68 -11.58 -2.03
C THR A 83 5.87 -11.04 -2.86
N ARG A 84 7.08 -11.58 -2.60
CA ARG A 84 8.33 -11.18 -3.27
C ARG A 84 9.06 -12.43 -3.78
N ASN A 85 10.34 -12.27 -4.20
CA ASN A 85 11.18 -13.37 -4.74
C ASN A 85 12.52 -13.40 -4.00
N PHE A 86 12.66 -14.32 -3.02
CA PHE A 86 13.88 -14.41 -2.17
C PHE A 86 14.68 -15.70 -2.54
N PRO A 87 16.05 -15.69 -2.39
CA PRO A 87 16.89 -16.89 -2.58
C PRO A 87 16.62 -18.00 -1.53
N GLU A 88 16.17 -17.59 -0.33
CA GLU A 88 15.94 -18.53 0.80
C GLU A 88 14.53 -19.18 0.75
N GLY A 89 13.66 -18.67 -0.14
CA GLY A 89 12.30 -19.20 -0.29
C GLY A 89 11.38 -18.28 -1.07
N LYS A 90 10.12 -18.16 -0.62
CA LYS A 90 9.11 -17.32 -1.26
C LYS A 90 9.47 -15.82 -1.12
N GLY A 91 9.18 -15.20 0.05
CA GLY A 91 9.50 -13.78 0.25
C GLY A 91 8.29 -12.93 0.59
N GLU A 92 7.29 -13.54 1.20
CA GLU A 92 6.02 -12.85 1.48
C GLU A 92 6.12 -12.14 2.85
N VAL A 93 6.38 -10.82 2.81
CA VAL A 93 6.74 -10.02 4.01
C VAL A 93 5.54 -9.16 4.44
N ASP A 94 5.36 -9.01 5.76
CA ASP A 94 4.27 -8.18 6.30
C ASP A 94 4.71 -6.70 6.26
N VAL A 95 3.77 -5.82 5.92
CA VAL A 95 3.96 -4.36 5.87
C VAL A 95 2.70 -3.72 6.50
N ALA A 96 2.88 -2.63 7.26
CA ALA A 96 1.79 -1.78 7.73
C ALA A 96 1.86 -0.45 6.99
N CYS A 97 0.94 -0.25 6.04
CA CYS A 97 0.80 1.03 5.34
C CYS A 97 -0.25 1.86 6.09
N ILE A 98 0.06 3.14 6.26
CA ILE A 98 -0.79 4.12 6.93
C ILE A 98 -1.12 5.27 5.97
N TYR A 99 -2.39 5.38 5.56
CA TYR A 99 -2.87 6.48 4.70
C TYR A 99 -3.58 7.53 5.56
N GLU A 100 -3.40 8.80 5.20
CA GLU A 100 -4.16 9.92 5.73
C GLU A 100 -5.04 10.48 4.63
N VAL A 101 -6.36 10.34 4.82
CA VAL A 101 -7.39 10.72 3.85
C VAL A 101 -7.97 12.12 4.22
N GLU A 102 -8.25 12.90 3.18
CA GLU A 102 -8.63 14.32 3.28
C GLU A 102 -9.72 14.59 2.22
N ASN A 103 -10.99 14.73 2.67
CA ASN A 103 -12.17 14.96 1.80
C ASN A 103 -12.39 13.79 0.80
N GLY A 104 -12.01 12.56 1.22
CA GLY A 104 -12.15 11.36 0.39
C GLY A 104 -10.95 11.10 -0.53
N ARG A 105 -9.90 11.94 -0.39
CA ARG A 105 -8.66 11.83 -1.19
C ARG A 105 -7.46 11.77 -0.26
N ILE A 106 -6.55 10.82 -0.50
CA ILE A 106 -5.36 10.62 0.34
C ILE A 106 -4.39 11.80 0.18
N ALA A 107 -4.24 12.57 1.25
CA ALA A 107 -3.38 13.75 1.29
C ALA A 107 -1.90 13.33 1.41
N LYS A 108 -1.65 12.27 2.20
CA LYS A 108 -0.30 11.73 2.45
C LYS A 108 -0.41 10.24 2.75
N ALA A 109 0.65 9.49 2.40
CA ALA A 109 0.72 8.04 2.62
C ALA A 109 2.14 7.68 3.07
N TRP A 110 2.23 6.83 4.09
CA TRP A 110 3.50 6.36 4.67
C TRP A 110 3.39 4.83 4.81
N PHE A 111 4.53 4.10 4.84
CA PHE A 111 4.51 2.66 5.14
C PHE A 111 5.75 2.25 5.92
N LYS A 112 5.58 1.23 6.78
CA LYS A 112 6.68 0.57 7.51
C LYS A 112 6.61 -0.94 7.26
N ILE A 113 7.74 -1.56 6.87
CA ILE A 113 7.80 -3.01 6.61
C ILE A 113 8.17 -3.74 7.91
N GLY A 114 7.38 -4.78 8.24
CA GLY A 114 7.58 -5.57 9.45
C GLY A 114 8.91 -6.32 9.48
N GLU A 115 8.97 -7.48 8.77
CA GLU A 115 10.19 -8.30 8.70
C GLU A 115 10.15 -9.17 7.42
N PRO A 116 11.34 -9.70 6.95
CA PRO A 116 11.38 -10.69 5.86
C PRO A 116 10.87 -12.10 6.31
N ARG A 117 9.81 -12.61 5.64
CA ARG A 117 9.16 -13.90 5.99
C ARG A 117 9.19 -14.87 4.78
N ILE A 118 9.17 -16.19 5.08
CA ILE A 118 9.25 -17.27 4.08
C ILE A 118 8.21 -18.37 4.43
N VAL A 119 7.55 -18.92 3.39
CA VAL A 119 6.61 -20.07 3.53
C VAL A 119 7.36 -21.35 3.98
N SER A 120 8.54 -21.59 3.40
CA SER A 120 9.40 -22.76 3.72
C SER A 120 9.89 -22.73 5.19
N GLN A 121 9.95 -21.53 5.81
CA GLN A 121 10.40 -21.37 7.22
C GLN A 121 9.18 -21.11 8.15
N LYS A 122 7.97 -21.50 7.67
CA LYS A 122 6.70 -21.32 8.40
C LYS A 122 5.78 -22.53 8.16
N SER A 123 4.88 -22.81 9.13
CA SER A 123 3.83 -23.82 8.98
C SER A 123 2.71 -23.27 8.03
N MET A 1 -19.48 8.55 9.62
CA MET A 1 -18.35 8.67 10.56
C MET A 1 -17.01 8.72 9.81
N ASN A 2 -16.66 7.59 9.16
CA ASN A 2 -15.36 7.44 8.48
C ASN A 2 -15.43 6.39 7.35
N SER A 3 -16.64 6.15 6.81
CA SER A 3 -16.84 5.23 5.67
C SER A 3 -16.13 5.79 4.42
N GLU A 4 -16.19 7.11 4.28
CA GLU A 4 -15.51 7.90 3.23
C GLU A 4 -13.97 7.71 3.24
N ILE A 5 -13.43 7.32 4.41
CA ILE A 5 -11.98 7.10 4.63
C ILE A 5 -11.63 5.62 4.38
N GLU A 6 -12.61 4.74 4.62
CA GLU A 6 -12.49 3.30 4.38
C GLU A 6 -12.65 2.95 2.89
N LEU A 7 -13.33 3.82 2.12
CA LEU A 7 -13.53 3.61 0.66
C LEU A 7 -12.18 3.57 -0.11
N PRO A 8 -11.30 4.64 -0.06
CA PRO A 8 -10.02 4.68 -0.82
C PRO A 8 -9.13 3.45 -0.53
N VAL A 9 -8.94 3.18 0.75
CA VAL A 9 -8.02 2.12 1.22
C VAL A 9 -8.52 0.71 0.80
N GLN A 10 -9.85 0.54 0.74
CA GLN A 10 -10.51 -0.72 0.36
C GLN A 10 -10.31 -0.99 -1.15
N LYS A 11 -10.64 0.02 -1.97
CA LYS A 11 -10.59 -0.08 -3.44
C LYS A 11 -9.15 -0.26 -3.94
N GLN A 12 -8.20 0.33 -3.19
CA GLN A 12 -6.76 0.22 -3.46
C GLN A 12 -6.31 -1.24 -3.44
N LEU A 13 -6.69 -1.97 -2.38
CA LEU A 13 -6.26 -3.36 -2.16
C LEU A 13 -6.67 -4.23 -3.34
N GLU A 14 -7.95 -4.07 -3.72
CA GLU A 14 -8.54 -4.86 -4.80
C GLU A 14 -7.74 -4.62 -6.10
N ALA A 15 -7.40 -3.34 -6.29
CA ALA A 15 -6.61 -2.85 -7.43
C ALA A 15 -5.11 -3.23 -7.35
N TYR A 16 -4.60 -3.46 -6.12
CA TYR A 16 -3.16 -3.70 -5.88
C TYR A 16 -2.75 -5.05 -6.48
N ASN A 17 -3.59 -6.08 -6.23
CA ASN A 17 -3.35 -7.45 -6.71
C ASN A 17 -3.88 -7.62 -8.15
N ALA A 18 -4.93 -6.86 -8.49
CA ALA A 18 -5.56 -6.89 -9.84
C ALA A 18 -4.80 -6.01 -10.86
N ARG A 19 -3.77 -5.31 -10.34
CA ARG A 19 -2.79 -4.55 -11.14
C ARG A 19 -3.40 -3.28 -11.80
N ASP A 20 -4.50 -2.77 -11.20
CA ASP A 20 -5.17 -1.54 -11.66
C ASP A 20 -4.60 -0.31 -10.93
N ILE A 21 -3.62 0.34 -11.56
CA ILE A 21 -3.04 1.61 -11.07
C ILE A 21 -4.08 2.75 -11.14
N ASP A 22 -5.03 2.65 -12.09
CA ASP A 22 -6.08 3.68 -12.29
C ASP A 22 -6.93 3.86 -11.01
N ALA A 23 -7.37 2.73 -10.40
CA ALA A 23 -8.17 2.75 -9.15
C ALA A 23 -7.25 2.91 -7.92
N PHE A 24 -6.04 2.34 -8.01
CA PHE A 24 -5.01 2.45 -6.96
C PHE A 24 -4.48 3.92 -6.87
N MET A 25 -4.88 4.78 -7.84
CA MET A 25 -4.56 6.23 -7.83
C MET A 25 -5.82 7.14 -7.83
N ALA A 26 -6.98 6.63 -8.28
CA ALA A 26 -8.22 7.43 -8.44
C ALA A 26 -8.72 8.00 -7.09
N TRP A 27 -8.42 7.28 -6.01
CA TRP A 27 -8.84 7.62 -4.65
C TRP A 27 -7.79 8.44 -3.88
N TRP A 28 -6.75 8.89 -4.59
CA TRP A 28 -5.67 9.71 -4.02
C TRP A 28 -5.86 11.18 -4.42
N ALA A 29 -5.35 12.08 -3.57
CA ALA A 29 -5.21 13.50 -3.89
C ALA A 29 -4.04 13.67 -4.88
N ASP A 30 -4.20 14.56 -5.87
CA ASP A 30 -3.21 14.75 -6.96
C ASP A 30 -1.88 15.37 -6.44
N ASP A 31 -1.88 15.86 -5.19
CA ASP A 31 -0.71 16.48 -4.54
C ASP A 31 -0.25 15.66 -3.31
N CYS A 32 -0.64 14.36 -3.28
CA CYS A 32 -0.39 13.46 -2.13
C CYS A 32 1.11 13.27 -1.79
N GLN A 33 1.40 13.09 -0.48
CA GLN A 33 2.77 12.97 0.05
C GLN A 33 3.07 11.52 0.45
N TYR A 34 3.88 10.84 -0.38
CA TYR A 34 4.17 9.41 -0.22
C TYR A 34 5.56 9.20 0.40
N TYR A 35 5.58 8.67 1.64
CA TYR A 35 6.80 8.31 2.35
C TYR A 35 6.98 6.78 2.40
N ALA A 36 8.24 6.37 2.48
CA ALA A 36 8.63 4.95 2.62
C ALA A 36 9.33 4.73 3.95
N PHE A 37 9.41 3.47 4.38
CA PHE A 37 10.16 3.06 5.59
C PHE A 37 11.66 3.51 5.47
N PRO A 38 12.25 4.27 6.47
CA PRO A 38 11.58 4.72 7.73
C PRO A 38 10.51 5.84 7.53
N ALA A 39 10.93 6.99 6.94
CA ALA A 39 10.01 8.12 6.64
C ALA A 39 10.66 9.01 5.54
N THR A 40 10.94 8.39 4.39
CA THR A 40 11.60 9.06 3.24
C THR A 40 10.55 9.47 2.19
N LEU A 41 10.35 10.79 1.98
CA LEU A 41 9.41 11.31 0.95
C LEU A 41 9.91 10.92 -0.45
N LEU A 42 9.27 9.88 -1.03
CA LEU A 42 9.57 9.40 -2.38
C LEU A 42 8.92 10.30 -3.43
N ALA A 43 7.66 10.70 -3.16
CA ALA A 43 6.82 11.37 -4.15
C ALA A 43 6.00 12.49 -3.50
N GLY A 44 6.27 13.74 -3.91
CA GLY A 44 5.59 14.92 -3.37
C GLY A 44 4.43 15.39 -4.25
N ASN A 45 3.62 14.40 -4.68
CA ASN A 45 2.52 14.53 -5.66
C ASN A 45 2.14 13.12 -6.17
N ALA A 46 0.87 12.96 -6.60
CA ALA A 46 0.31 11.65 -7.00
C ALA A 46 0.92 11.08 -8.30
N ALA A 47 1.47 11.96 -9.15
CA ALA A 47 2.08 11.56 -10.45
C ALA A 47 3.24 10.58 -10.24
N GLU A 48 4.16 10.94 -9.32
CA GLU A 48 5.35 10.12 -9.03
C GLU A 48 4.94 8.82 -8.29
N ILE A 49 3.85 8.90 -7.50
CA ILE A 49 3.33 7.76 -6.70
C ILE A 49 2.84 6.63 -7.62
N ARG A 50 1.97 6.99 -8.59
CA ARG A 50 1.32 6.03 -9.50
C ARG A 50 2.38 5.35 -10.39
N VAL A 51 3.33 6.16 -10.90
CA VAL A 51 4.39 5.71 -11.84
C VAL A 51 5.39 4.76 -11.16
N ARG A 52 5.75 5.06 -9.90
CA ARG A 52 6.69 4.22 -9.12
C ARG A 52 6.04 2.88 -8.72
N HIS A 53 4.70 2.90 -8.55
CA HIS A 53 3.92 1.69 -8.25
C HIS A 53 3.79 0.79 -9.48
N ILE A 54 3.77 1.37 -10.69
CA ILE A 54 3.73 0.59 -11.95
C ILE A 54 4.96 -0.36 -12.02
N GLU A 55 6.12 0.16 -11.56
CA GLU A 55 7.37 -0.62 -11.44
C GLU A 55 7.19 -1.87 -10.54
N ARG A 56 6.46 -1.69 -9.42
CA ARG A 56 6.22 -2.76 -8.44
C ARG A 56 5.20 -3.79 -8.99
N PHE A 57 4.28 -3.31 -9.83
CA PHE A 57 3.22 -4.14 -10.44
C PHE A 57 3.77 -4.98 -11.62
N LYS A 58 5.09 -4.88 -11.89
CA LYS A 58 5.79 -5.75 -12.88
C LYS A 58 6.16 -7.12 -12.28
N GLU A 59 6.18 -7.22 -10.93
CA GLU A 59 6.48 -8.49 -10.23
C GLU A 59 5.34 -9.50 -10.46
N PRO A 60 5.62 -10.71 -11.05
CA PRO A 60 4.60 -11.77 -11.24
C PRO A 60 4.17 -12.40 -9.90
N ASP A 61 5.03 -12.24 -8.88
CA ASP A 61 4.81 -12.76 -7.53
C ASP A 61 3.96 -11.79 -6.69
N LEU A 62 3.79 -10.53 -7.16
CA LEU A 62 3.13 -9.47 -6.38
C LEU A 62 1.66 -9.82 -6.07
N TYR A 63 1.37 -10.05 -4.79
CA TYR A 63 0.01 -10.24 -4.29
C TYR A 63 -0.10 -9.65 -2.87
N GLY A 64 -0.97 -8.64 -2.73
CA GLY A 64 -1.23 -8.02 -1.42
C GLY A 64 -2.41 -8.67 -0.74
N GLU A 65 -2.13 -9.48 0.30
CA GLU A 65 -3.17 -10.10 1.13
C GLU A 65 -3.36 -9.24 2.39
N LEU A 66 -4.47 -8.49 2.45
CA LEU A 66 -4.80 -7.67 3.62
C LEU A 66 -5.55 -8.54 4.64
N LEU A 67 -4.98 -8.67 5.84
CA LEU A 67 -5.51 -9.57 6.91
C LEU A 67 -6.15 -8.75 8.04
N THR A 68 -5.61 -7.55 8.27
CA THR A 68 -6.08 -6.63 9.32
C THR A 68 -6.00 -5.18 8.80
N ARG A 69 -7.09 -4.41 9.01
CA ARG A 69 -7.05 -2.94 8.89
C ARG A 69 -7.80 -2.30 10.06
N VAL A 70 -7.20 -1.26 10.66
CA VAL A 70 -7.78 -0.50 11.78
C VAL A 70 -7.88 0.97 11.37
N ILE A 71 -8.95 1.67 11.79
CA ILE A 71 -9.17 3.09 11.40
C ILE A 71 -9.36 3.99 12.65
N VAL A 72 -8.73 5.17 12.59
CA VAL A 72 -8.74 6.18 13.65
C VAL A 72 -8.88 7.58 12.98
N GLY A 73 -10.12 8.10 12.99
CA GLY A 73 -10.45 9.37 12.33
C GLY A 73 -10.37 9.29 10.81
N ASN A 74 -9.60 10.22 10.20
CA ASN A 74 -9.41 10.27 8.73
C ASN A 74 -8.12 9.53 8.30
N VAL A 75 -7.69 8.57 9.13
CA VAL A 75 -6.43 7.81 8.96
C VAL A 75 -6.71 6.30 9.11
N VAL A 76 -6.23 5.48 8.16
CA VAL A 76 -6.36 4.00 8.23
C VAL A 76 -4.97 3.34 8.21
N ILE A 77 -4.82 2.26 8.99
CA ILE A 77 -3.70 1.30 8.91
C ILE A 77 -4.21 0.12 8.08
N ASP A 78 -3.72 -0.01 6.85
CA ASP A 78 -3.90 -1.24 6.05
C ASP A 78 -2.70 -2.13 6.31
N HIS A 79 -2.89 -3.25 7.02
CA HIS A 79 -1.81 -4.23 7.24
C HIS A 79 -2.02 -5.40 6.26
N GLU A 80 -1.13 -5.45 5.27
CA GLU A 80 -1.18 -6.40 4.16
C GLU A 80 0.20 -7.08 3.98
N THR A 81 0.19 -8.41 3.92
CA THR A 81 1.37 -9.21 3.61
C THR A 81 1.50 -9.27 2.07
N VAL A 82 2.43 -8.48 1.52
CA VAL A 82 2.68 -8.45 0.08
C VAL A 82 3.73 -9.50 -0.29
N THR A 83 3.50 -10.20 -1.39
CA THR A 83 4.38 -11.26 -1.87
C THR A 83 5.34 -10.69 -2.93
N ARG A 84 6.62 -11.04 -2.84
CA ARG A 84 7.67 -10.67 -3.79
C ARG A 84 8.44 -11.95 -4.14
N ASN A 85 9.62 -11.82 -4.78
CA ASN A 85 10.46 -12.98 -5.11
C ASN A 85 11.88 -12.78 -4.54
N PHE A 86 12.15 -13.41 -3.38
CA PHE A 86 13.48 -13.45 -2.76
C PHE A 86 14.13 -14.81 -3.10
N PRO A 87 15.44 -14.85 -3.50
CA PRO A 87 16.14 -16.10 -3.91
C PRO A 87 16.31 -17.12 -2.75
N GLU A 88 16.09 -16.69 -1.49
CA GLU A 88 16.17 -17.59 -0.31
C GLU A 88 14.86 -18.37 -0.09
N GLY A 89 13.77 -17.99 -0.80
CA GLY A 89 12.54 -18.78 -0.81
C GLY A 89 11.39 -18.10 -1.53
N LYS A 90 10.28 -17.84 -0.79
CA LYS A 90 9.11 -17.15 -1.33
C LYS A 90 9.41 -15.65 -1.56
N GLY A 91 9.36 -14.84 -0.50
CA GLY A 91 9.64 -13.40 -0.60
C GLY A 91 8.52 -12.51 -0.11
N GLU A 92 7.70 -13.03 0.81
CA GLU A 92 6.55 -12.29 1.34
C GLU A 92 6.99 -11.47 2.55
N VAL A 93 6.46 -10.24 2.69
CA VAL A 93 6.78 -9.34 3.80
C VAL A 93 5.48 -8.74 4.37
N ASP A 94 5.36 -8.76 5.70
CA ASP A 94 4.19 -8.19 6.41
C ASP A 94 4.39 -6.67 6.54
N VAL A 95 3.60 -5.90 5.79
CA VAL A 95 3.71 -4.43 5.71
C VAL A 95 2.47 -3.80 6.38
N ALA A 96 2.60 -2.57 6.84
CA ALA A 96 1.49 -1.75 7.31
C ALA A 96 1.54 -0.40 6.59
N CYS A 97 0.68 -0.22 5.59
CA CYS A 97 0.57 1.02 4.85
C CYS A 97 -0.50 1.89 5.50
N ILE A 98 -0.05 2.93 6.21
CA ILE A 98 -0.90 3.90 6.90
C ILE A 98 -1.20 5.08 5.98
N TYR A 99 -2.47 5.21 5.56
CA TYR A 99 -2.95 6.29 4.71
C TYR A 99 -3.64 7.37 5.55
N GLU A 100 -3.55 8.61 5.09
CA GLU A 100 -4.32 9.74 5.61
C GLU A 100 -5.18 10.28 4.47
N VAL A 101 -6.48 10.10 4.61
CA VAL A 101 -7.47 10.53 3.64
C VAL A 101 -8.08 11.87 4.10
N GLU A 102 -7.79 12.93 3.35
CA GLU A 102 -8.29 14.28 3.62
C GLU A 102 -9.17 14.71 2.43
N ASN A 103 -10.37 15.23 2.74
CA ASN A 103 -11.33 15.72 1.71
C ASN A 103 -11.78 14.57 0.76
N GLY A 104 -11.85 13.35 1.31
CA GLY A 104 -12.32 12.16 0.58
C GLY A 104 -11.24 11.45 -0.24
N ARG A 105 -10.04 12.03 -0.31
CA ARG A 105 -8.91 11.52 -1.14
C ARG A 105 -7.63 11.48 -0.30
N ILE A 106 -6.77 10.50 -0.58
CA ILE A 106 -5.53 10.26 0.19
C ILE A 106 -4.53 11.41 -0.03
N ALA A 107 -4.47 12.33 0.94
CA ALA A 107 -3.59 13.52 0.87
C ALA A 107 -2.16 13.17 1.31
N LYS A 108 -2.02 12.12 2.12
CA LYS A 108 -0.71 11.64 2.61
C LYS A 108 -0.78 10.12 2.75
N ALA A 109 0.36 9.45 2.57
CA ALA A 109 0.47 7.99 2.72
C ALA A 109 1.91 7.63 3.10
N TRP A 110 2.04 6.74 4.08
CA TRP A 110 3.33 6.27 4.60
C TRP A 110 3.23 4.74 4.69
N PHE A 111 4.22 3.98 4.17
CA PHE A 111 4.22 2.52 4.31
C PHE A 111 5.46 2.07 5.06
N LYS A 112 5.28 1.10 5.97
CA LYS A 112 6.37 0.56 6.80
C LYS A 112 6.40 -0.97 6.67
N ILE A 113 7.54 -1.50 6.19
CA ILE A 113 7.71 -2.93 5.98
C ILE A 113 8.24 -3.55 7.28
N GLY A 114 7.57 -4.63 7.72
CA GLY A 114 7.92 -5.33 8.95
C GLY A 114 9.32 -5.94 8.91
N GLU A 115 9.44 -7.10 8.24
CA GLU A 115 10.72 -7.81 8.06
C GLU A 115 10.61 -8.74 6.84
N PRO A 116 11.75 -9.24 6.27
CA PRO A 116 11.72 -10.30 5.23
C PRO A 116 11.31 -11.67 5.80
N ARG A 117 10.15 -12.18 5.36
CA ARG A 117 9.64 -13.50 5.73
C ARG A 117 9.76 -14.45 4.54
N ILE A 118 9.93 -15.74 4.81
CA ILE A 118 10.07 -16.79 3.78
C ILE A 118 9.25 -18.02 4.21
N VAL A 119 8.29 -18.43 3.35
CA VAL A 119 7.44 -19.63 3.59
C VAL A 119 8.28 -20.92 3.53
N SER A 120 9.22 -20.96 2.55
CA SER A 120 10.10 -22.12 2.30
C SER A 120 10.93 -22.46 3.56
N GLN A 121 11.85 -21.54 3.93
CA GLN A 121 12.66 -21.63 5.14
C GLN A 121 11.90 -21.01 6.32
N LYS A 122 11.20 -21.87 7.08
CA LYS A 122 10.44 -21.46 8.27
C LYS A 122 10.47 -22.62 9.29
N SER A 123 11.00 -22.35 10.49
CA SER A 123 11.15 -23.36 11.55
C SER A 123 11.11 -22.64 12.92
#